data_5NPP
#
_entry.id   5NPP
#
_cell.length_a   92.850
_cell.length_b   92.850
_cell.length_c   409.980
_cell.angle_alpha   90.000
_cell.angle_beta   90.000
_cell.angle_gamma   120.000
#
_symmetry.space_group_name_H-M   'P 61'
#
loop_
_entity.id
_entity.type
_entity.pdbx_description
1 polymer 'DNA gyrase subunit B,DNA gyrase subunit B,DNA gyrase subunit A'
2 polymer "DNA (5'-D(*AP*GP*CP*CP*GP*TP*AP*GP*GP*TP*AP*CP*CP*TP*AP*CP*GP*GP*CP*T)-3')"
3 polymer "DNA (5'-D(*AP*GP*CP*CP*GP*TP*AP*GP*GP*TP*AP*CP*CP*TP*AP*CP*GP*GP*CP*T)-3')"
4 non-polymer 'MANGANESE (II) ION'
5 non-polymer ~{N}-[(1~{R})-2-azanyl-1-phenyl-ethyl]-5-(2-chlorophenyl)-2-methyl-thiophene-3-carboxamide
6 non-polymer GLYCEROL
7 non-polymer 'SODIUM ION'
8 non-polymer 'DIMETHYL SULFOXIDE'
9 non-polymer (1R)-1-[(4-{[(6,7-dihydro[1,4]dioxino[2,3-c]pyridazin-3-yl)methyl]amino}piperidin-1-yl)methyl]-9-fluoro-1,2-dihydro-4H-pyrrolo[3,2,1-ij]quinolin-4-one
10 water water
#
loop_
_entity_poly.entity_id
_entity_poly.type
_entity_poly.pdbx_seq_one_letter_code
_entity_poly.pdbx_strand_id
1 'polypeptide(L)'
;MDVASLPGKLADCSSKSPEECEIFLVEGDSAGGSTKSGRDSRTQAILPLRGKILNVEKARLDRILNNNEIRQMITAFGTG
IGGDFDLAKARYHKIVIMTDADVDGAHIRTLLLTFFYRFMRPLIEAGYVYIAQPPTGYKGLGEMNADQLWETTMNPEHRA
LLQVKLEDAIEADQTFEMLMGDVVENRRQFIEDNAVYANLDFAELPQSRINERNITSEMRESFLDYAMSVIVARALPDVR
DGLKPVHRRILYGLNEQGMTPDKSYKKSARIVGDVMGKYHPHGDSSIYEAMVRMAQDFSYRYPLVDGQGNFGSMDGDGAA
AMRYTEARMTKITLELLRDINKDTIDFIDNYDGNEREPSVLPARFPNLLANGASGIAVGMATNIPPHNLTELINGVLSLS
KNPDISIAELMEDIEGPDFPTAGLILGKSGIRRAYETGRGSIQMRSRAVIEERGGGRQRIVVTEIPFQVNKARMIEKIAE
LVRDKKIDGITDLRDETSLRTGVRVVIDVRKDANASVILNNLYKQTPLQTSFGVNMIALVNGRPKLINLKEALVHYLEHQ
KTVVRRRTQYNLRKAKDRAHILEGLRIALDHIDEIISTIRESDTDKVAMESLQQRFKLSEKQAQAILDMRLRRLTGLERD
KIEAEYNELLNYISELETILADEEVLLQLVRDELTEIRDRFGDDRRTEIQLG
;
B,D
2 'polydeoxyribonucleotide' (DA)(DG)(DC)(DC)(DG)(DT)(DA)(DG) E,F
3 'polydeoxyribonucleotide' (DG)(DT)(DA)(DC)(DC)(DT)(DA)(DC)(DG)(DG)(DC)(DT) A,C
#
loop_
_chem_comp.id
_chem_comp.type
_chem_comp.name
_chem_comp.formula
6EJ non-polymer (1R)-1-[(4-{[(6,7-dihydro[1,4]dioxino[2,3-c]pyridazin-3-yl)methyl]amino}piperidin-1-yl)methyl]-9-fluoro-1,2-dihydro-4H-pyrrolo[3,2,1-ij]quinolin-4-one 'C24 H26 F N5 O3'
94K non-polymer ~{N}-[(1~{R})-2-azanyl-1-phenyl-ethyl]-5-(2-chlorophenyl)-2-methyl-thiophene-3-carboxamide 'C20 H19 Cl N2 O S'
DA DNA linking 2'-DEOXYADENOSINE-5'-MONOPHOSPHATE 'C10 H14 N5 O6 P'
DC DNA linking 2'-DEOXYCYTIDINE-5'-MONOPHOSPHATE 'C9 H14 N3 O7 P'
DG DNA linking 2'-DEOXYGUANOSINE-5'-MONOPHOSPHATE 'C10 H14 N5 O7 P'
DMS non-polymer 'DIMETHYL SULFOXIDE' 'C2 H6 O S'
DT DNA linking THYMIDINE-5'-MONOPHOSPHATE 'C10 H15 N2 O8 P'
GOL non-polymer GLYCEROL 'C3 H8 O3'
MN non-polymer 'MANGANESE (II) ION' 'Mn 2'
NA non-polymer 'SODIUM ION' 'Na 1'
#
# COMPACT_ATOMS: atom_id res chain seq x y z
N LYS A 9 7.86 26.12 -7.27
CA LYS A 9 7.95 24.76 -7.87
C LYS A 9 8.61 24.78 -9.25
N LEU A 10 8.70 25.96 -9.88
CA LEU A 10 9.28 26.08 -11.22
C LEU A 10 10.77 25.72 -11.25
N ALA A 11 11.17 24.85 -12.13
CA ALA A 11 12.59 24.63 -12.36
C ALA A 11 12.95 25.26 -13.70
N ASP A 12 13.49 26.46 -13.65
CA ASP A 12 13.74 27.20 -14.87
C ASP A 12 14.96 26.75 -15.63
N CYS A 13 15.03 27.11 -16.90
CA CYS A 13 16.24 26.84 -17.68
C CYS A 13 17.28 27.98 -17.57
N SER A 14 18.48 27.78 -18.12
CA SER A 14 19.58 28.79 -18.06
C SER A 14 19.37 29.98 -18.99
N SER A 15 19.16 29.67 -20.26
CA SER A 15 19.00 30.69 -21.28
C SER A 15 17.90 31.68 -20.93
N LYS A 16 18.13 32.90 -21.37
N LYS A 16 18.07 32.94 -21.29
CA LYS A 16 17.33 34.05 -21.09
CA LYS A 16 17.06 33.98 -21.03
C LYS A 16 16.62 34.45 -22.35
C LYS A 16 16.54 34.47 -22.36
N SER A 17 16.95 33.72 -23.39
CA SER A 17 16.50 33.99 -24.70
C SER A 17 15.22 33.17 -24.97
N PRO A 18 14.03 33.80 -24.80
CA PRO A 18 12.84 32.94 -24.96
C PRO A 18 12.72 32.26 -26.29
N GLU A 19 13.41 32.73 -27.27
N GLU A 19 13.40 32.70 -27.28
CA GLU A 19 12.98 32.18 -28.50
CA GLU A 19 12.92 32.11 -28.47
C GLU A 19 13.30 30.67 -28.57
C GLU A 19 13.32 30.65 -28.59
N GLU A 20 14.32 30.28 -27.84
CA GLU A 20 14.72 28.96 -27.84
C GLU A 20 14.36 28.20 -26.57
N CYS A 21 13.56 28.79 -25.69
CA CYS A 21 13.26 28.13 -24.40
C CYS A 21 11.88 27.48 -24.37
N GLU A 22 11.78 26.41 -23.61
CA GLU A 22 10.56 25.64 -23.58
C GLU A 22 10.17 25.42 -22.15
N ILE A 23 8.87 25.51 -21.85
CA ILE A 23 8.43 25.14 -20.50
C ILE A 23 7.46 23.94 -20.57
N PHE A 24 7.69 22.94 -19.73
CA PHE A 24 6.89 21.72 -19.78
C PHE A 24 6.03 21.68 -18.55
N LEU A 25 4.74 21.58 -18.75
CA LEU A 25 3.75 21.48 -17.68
C LEU A 25 3.42 20.00 -17.44
N VAL A 26 3.77 19.50 -16.26
CA VAL A 26 3.58 18.06 -15.90
C VAL A 26 2.59 17.90 -14.77
N GLU A 27 2.02 16.70 -14.62
CA GLU A 27 0.92 16.46 -13.66
C GLU A 27 1.23 16.65 -12.16
N GLY A 28 2.34 16.09 -11.71
CA GLY A 28 2.71 16.23 -10.29
C GLY A 28 4.18 16.16 -10.08
N ASP A 29 4.57 16.06 -8.81
CA ASP A 29 5.99 15.98 -8.51
C ASP A 29 6.50 14.65 -8.93
N SER A 30 5.61 13.69 -9.19
CA SER A 30 6.06 12.36 -9.57
C SER A 30 6.78 12.38 -10.92
N ALA A 31 6.18 13.09 -11.86
CA ALA A 31 6.76 13.22 -13.18
C ALA A 31 7.79 14.32 -13.16
N GLY A 32 7.64 15.28 -12.27
CA GLY A 32 8.54 16.40 -12.26
C GLY A 32 9.99 16.09 -12.03
N GLY A 33 10.27 15.17 -11.14
CA GLY A 33 11.64 14.83 -10.80
C GLY A 33 12.28 14.07 -11.96
N SER A 34 11.55 13.24 -12.68
CA SER A 34 12.17 12.51 -13.76
C SER A 34 12.47 13.50 -14.90
N THR A 35 11.55 14.45 -15.06
CA THR A 35 11.62 15.47 -16.04
C THR A 35 12.74 16.47 -15.81
N LYS A 36 12.92 16.88 -14.55
N LYS A 36 12.91 16.88 -14.54
CA LYS A 36 14.05 17.66 -14.13
CA LYS A 36 14.04 17.67 -14.11
C LYS A 36 15.39 17.03 -14.45
C LYS A 36 15.39 17.03 -14.44
N SER A 37 15.52 15.73 -14.19
CA SER A 37 16.72 14.98 -14.48
C SER A 37 16.97 14.73 -15.95
N GLY A 38 15.91 14.46 -16.69
CA GLY A 38 16.11 14.05 -18.05
C GLY A 38 16.29 15.23 -19.01
N ARG A 39 15.79 16.40 -18.64
CA ARG A 39 15.74 17.52 -19.56
C ARG A 39 17.10 18.13 -19.91
N ASP A 40 17.11 18.95 -20.95
CA ASP A 40 18.19 19.86 -21.19
C ASP A 40 17.92 21.13 -20.41
N SER A 41 18.61 21.31 -19.28
CA SER A 41 18.35 22.46 -18.41
C SER A 41 18.73 23.80 -18.96
N ARG A 42 19.45 23.82 -20.07
CA ARG A 42 19.78 25.06 -20.70
C ARG A 42 18.56 25.69 -21.35
N THR A 43 17.68 24.88 -21.90
CA THR A 43 16.54 25.47 -22.64
C THR A 43 15.18 24.92 -22.22
N GLN A 44 15.13 24.03 -21.25
CA GLN A 44 13.89 23.38 -20.90
C GLN A 44 13.60 23.65 -19.44
N ALA A 45 12.50 24.36 -19.19
CA ALA A 45 12.04 24.62 -17.81
C ALA A 45 10.94 23.61 -17.46
N ILE A 46 10.75 23.31 -16.17
CA ILE A 46 9.69 22.38 -15.77
C ILE A 46 8.75 22.96 -14.70
N LEU A 47 7.45 22.95 -14.99
CA LEU A 47 6.50 23.40 -13.99
C LEU A 47 5.54 22.28 -13.56
N PRO A 48 5.83 21.61 -12.43
CA PRO A 48 4.83 20.59 -12.02
C PRO A 48 3.50 21.18 -11.55
N LEU A 49 2.39 20.57 -11.97
CA LEU A 49 1.06 20.99 -11.49
C LEU A 49 0.65 20.20 -10.23
N ARG A 50 -0.57 20.36 -9.75
CA ARG A 50 -1.04 19.64 -8.57
C ARG A 50 -2.34 18.89 -8.87
N GLY A 51 -2.24 17.94 -9.79
CA GLY A 51 -3.40 17.16 -10.21
C GLY A 51 -4.41 17.94 -10.99
N LYS A 52 -5.70 17.73 -10.69
CA LYS A 52 -6.71 18.40 -11.47
C LYS A 52 -6.63 19.86 -11.14
N ILE A 53 -6.78 20.68 -12.17
CA ILE A 53 -6.65 22.15 -12.19
C ILE A 53 -8.04 22.80 -12.22
N LEU A 54 -8.13 24.04 -11.76
CA LEU A 54 -9.37 24.75 -11.83
C LEU A 54 -9.98 24.84 -13.21
N ASN A 55 -11.28 24.59 -13.31
CA ASN A 55 -11.95 24.76 -14.60
C ASN A 55 -12.33 26.23 -14.62
N VAL A 56 -11.65 27.01 -15.44
CA VAL A 56 -11.91 28.47 -15.44
C VAL A 56 -13.23 28.79 -16.14
N GLU A 57 -13.73 27.85 -16.92
CA GLU A 57 -15.01 28.04 -17.61
C GLU A 57 -16.17 28.05 -16.61
N LYS A 58 -16.01 27.39 -15.46
CA LYS A 58 -17.06 27.39 -14.46
C LYS A 58 -16.78 28.32 -13.30
N ALA A 59 -15.61 28.94 -13.25
CA ALA A 59 -15.26 29.74 -12.09
C ALA A 59 -15.30 31.24 -12.38
N ARG A 60 -15.73 31.97 -11.37
CA ARG A 60 -15.65 33.44 -11.36
C ARG A 60 -14.21 33.93 -11.18
N LEU A 61 -13.93 35.14 -11.63
CA LEU A 61 -12.59 35.67 -11.64
C LEU A 61 -11.89 35.69 -10.28
N ASP A 62 -12.58 36.00 -9.19
CA ASP A 62 -11.89 36.09 -7.91
C ASP A 62 -11.26 34.74 -7.55
N ARG A 63 -11.98 33.64 -7.82
CA ARG A 63 -11.47 32.32 -7.52
C ARG A 63 -10.32 31.97 -8.48
N ILE A 64 -10.46 32.35 -9.76
CA ILE A 64 -9.37 32.08 -10.73
C ILE A 64 -8.04 32.70 -10.30
N LEU A 65 -8.11 33.99 -9.99
CA LEU A 65 -6.93 34.80 -9.66
C LEU A 65 -6.28 34.36 -8.37
N ASN A 66 -7.06 33.82 -7.45
CA ASN A 66 -6.51 33.38 -6.19
C ASN A 66 -6.03 31.93 -6.15
N ASN A 67 -6.15 31.23 -7.27
CA ASN A 67 -5.72 29.83 -7.37
C ASN A 67 -4.19 29.76 -7.59
N ASN A 68 -3.51 28.99 -6.77
CA ASN A 68 -2.04 28.92 -6.83
C ASN A 68 -1.48 28.34 -8.10
N GLU A 69 -2.18 27.38 -8.70
CA GLU A 69 -1.73 26.79 -9.96
C GLU A 69 -1.84 27.76 -11.12
N ILE A 70 -2.95 28.48 -11.19
CA ILE A 70 -3.15 29.45 -12.23
C ILE A 70 -2.10 30.55 -12.06
N ARG A 71 -1.90 31.01 -10.83
CA ARG A 71 -0.92 32.04 -10.56
C ARG A 71 0.49 31.65 -10.97
N GLN A 72 0.91 30.42 -10.67
CA GLN A 72 2.25 29.96 -11.01
C GLN A 72 2.46 29.95 -12.51
N MET A 73 1.45 29.51 -13.25
CA MET A 73 1.56 29.50 -14.69
C MET A 73 1.63 30.92 -15.24
N ILE A 74 0.82 31.82 -14.71
CA ILE A 74 0.82 33.22 -15.17
C ILE A 74 2.19 33.82 -14.88
N THR A 75 2.65 33.67 -13.65
CA THR A 75 3.96 34.18 -13.27
C THR A 75 5.05 33.64 -14.15
N ALA A 76 5.04 32.33 -14.40
CA ALA A 76 6.09 31.70 -15.19
C ALA A 76 6.10 32.15 -16.64
N PHE A 77 4.93 32.29 -17.25
CA PHE A 77 4.84 32.69 -18.64
C PHE A 77 5.32 34.14 -18.87
N GLY A 78 5.03 35.04 -17.91
CA GLY A 78 5.46 36.41 -17.99
C GLY A 78 4.62 37.33 -18.86
N THR A 79 3.65 36.75 -19.58
CA THR A 79 2.80 37.51 -20.49
C THR A 79 1.69 38.35 -19.85
N GLY A 80 1.33 38.11 -18.59
CA GLY A 80 0.13 38.68 -18.01
C GLY A 80 -1.08 37.91 -18.57
N ILE A 81 -2.28 38.41 -18.35
CA ILE A 81 -3.47 37.67 -18.80
C ILE A 81 -4.59 38.54 -19.40
N GLY A 82 -5.41 37.95 -20.25
CA GLY A 82 -6.55 38.64 -20.86
C GLY A 82 -6.27 39.92 -21.64
N GLY A 83 -6.85 41.02 -21.18
CA GLY A 83 -6.71 42.34 -21.81
C GLY A 83 -5.29 42.86 -21.72
N ASP A 84 -4.60 42.53 -20.63
CA ASP A 84 -3.23 42.97 -20.41
C ASP A 84 -2.19 41.99 -20.94
N PHE A 85 -2.65 40.97 -21.66
CA PHE A 85 -1.76 39.97 -22.21
C PHE A 85 -0.75 40.56 -23.20
N ASP A 86 0.54 40.26 -23.04
CA ASP A 86 1.57 40.77 -23.94
C ASP A 86 2.42 39.65 -24.51
N LEU A 87 2.18 39.29 -25.77
CA LEU A 87 2.93 38.21 -26.39
C LEU A 87 4.46 38.39 -26.34
N ALA A 88 4.91 39.64 -26.42
CA ALA A 88 6.34 39.94 -26.49
C ALA A 88 7.04 39.58 -25.20
N LYS A 89 6.33 39.68 -24.07
CA LYS A 89 6.89 39.38 -22.76
C LYS A 89 7.02 37.88 -22.47
N ALA A 90 6.43 37.01 -23.28
CA ALA A 90 6.55 35.57 -23.07
C ALA A 90 7.98 35.16 -22.82
N ARG A 91 8.17 34.32 -21.81
CA ARG A 91 9.49 33.87 -21.46
C ARG A 91 9.83 32.56 -22.15
N TYR A 92 8.88 31.93 -22.81
CA TYR A 92 9.20 30.70 -23.49
C TYR A 92 8.40 30.77 -24.75
N HIS A 93 8.90 30.23 -25.84
CA HIS A 93 8.14 30.24 -27.08
C HIS A 93 7.50 28.89 -27.28
N LYS A 94 7.78 27.96 -26.38
CA LYS A 94 7.09 26.69 -26.37
C LYS A 94 6.59 26.39 -24.98
N ILE A 95 5.27 26.32 -24.85
CA ILE A 95 4.65 25.90 -23.63
C ILE A 95 4.12 24.51 -23.89
N VAL A 96 4.62 23.49 -23.22
CA VAL A 96 4.30 22.14 -23.65
C VAL A 96 3.46 21.40 -22.61
N ILE A 97 2.29 20.90 -22.98
CA ILE A 97 1.46 20.21 -22.01
C ILE A 97 1.86 18.75 -22.00
N MET A 98 2.26 18.27 -20.84
CA MET A 98 2.75 16.92 -20.72
C MET A 98 2.09 16.17 -19.55
N THR A 99 0.91 15.65 -19.79
CA THR A 99 0.20 14.88 -18.79
C THR A 99 0.46 13.43 -19.12
N ASP A 100 -0.04 12.54 -18.27
CA ASP A 100 0.07 11.09 -18.50
C ASP A 100 -0.82 10.70 -19.66
N ALA A 101 -0.49 9.61 -20.35
CA ALA A 101 -1.34 9.11 -21.45
C ALA A 101 -2.49 8.25 -20.95
N ASP A 102 -3.36 8.84 -20.14
CA ASP A 102 -4.48 8.13 -19.57
C ASP A 102 -5.64 9.12 -19.56
N VAL A 103 -6.83 8.64 -19.19
CA VAL A 103 -8.03 9.49 -19.24
C VAL A 103 -7.97 10.74 -18.36
N ASP A 104 -7.32 10.65 -17.19
CA ASP A 104 -7.25 11.79 -16.34
C ASP A 104 -6.26 12.80 -16.81
N GLY A 105 -5.28 12.33 -17.56
CA GLY A 105 -4.30 13.18 -18.20
C GLY A 105 -5.02 13.98 -19.30
N ALA A 106 -5.92 13.31 -20.00
CA ALA A 106 -6.67 13.95 -21.01
C ALA A 106 -7.55 15.04 -20.41
N HIS A 107 -8.08 14.80 -19.23
CA HIS A 107 -8.94 15.79 -18.62
C HIS A 107 -8.11 17.03 -18.22
N ILE A 108 -6.91 16.80 -17.67
CA ILE A 108 -6.06 17.87 -17.26
C ILE A 108 -5.69 18.75 -18.44
N ARG A 109 -5.45 18.13 -19.58
CA ARG A 109 -5.20 18.79 -20.80
C ARG A 109 -6.35 19.69 -21.27
N THR A 110 -7.60 19.24 -21.13
CA THR A 110 -8.71 20.10 -21.50
C THR A 110 -8.84 21.30 -20.56
N LEU A 111 -8.57 21.08 -19.28
CA LEU A 111 -8.58 22.12 -18.30
C LEU A 111 -7.50 23.16 -18.55
N LEU A 112 -6.31 22.72 -18.98
CA LEU A 112 -5.23 23.65 -19.26
C LEU A 112 -5.52 24.47 -20.54
N LEU A 113 -5.99 23.79 -21.57
CA LEU A 113 -6.33 24.48 -22.78
C LEU A 113 -7.49 25.45 -22.53
N THR A 114 -8.37 25.10 -21.60
CA THR A 114 -9.50 25.97 -21.30
C THR A 114 -8.96 27.27 -20.69
N PHE A 115 -8.01 27.17 -19.78
CA PHE A 115 -7.39 28.34 -19.19
C PHE A 115 -6.65 29.16 -20.25
N PHE A 116 -5.91 28.49 -21.13
CA PHE A 116 -5.15 29.19 -22.18
C PHE A 116 -6.06 29.90 -23.17
N TYR A 117 -7.12 29.25 -23.61
CA TYR A 117 -8.05 29.86 -24.56
C TYR A 117 -8.78 31.05 -23.96
N ARG A 118 -9.11 31.00 -22.68
CA ARG A 118 -9.84 32.05 -22.02
C ARG A 118 -9.03 33.23 -21.53
N PHE A 119 -7.79 32.99 -21.11
CA PHE A 119 -6.92 34.04 -20.55
C PHE A 119 -5.67 34.36 -21.34
N MET A 120 -5.31 33.54 -22.31
CA MET A 120 -4.07 33.74 -23.04
C MET A 120 -4.23 33.29 -24.47
N ARG A 121 -5.33 33.66 -25.13
CA ARG A 121 -5.58 33.20 -26.50
C ARG A 121 -4.49 33.55 -27.52
N PRO A 122 -3.83 34.77 -27.39
CA PRO A 122 -2.82 35.01 -28.41
C PRO A 122 -1.66 34.01 -28.33
N LEU A 123 -1.41 33.49 -27.15
CA LEU A 123 -0.41 32.48 -26.99
C LEU A 123 -0.73 31.26 -27.86
N ILE A 124 -1.99 30.89 -27.96
CA ILE A 124 -2.35 29.81 -28.86
C ILE A 124 -2.27 30.25 -30.32
N GLU A 125 -2.69 31.50 -30.58
CA GLU A 125 -2.71 32.04 -31.92
C GLU A 125 -1.32 32.14 -32.49
N ALA A 126 -0.37 32.53 -31.64
CA ALA A 126 1.01 32.61 -31.98
C ALA A 126 1.65 31.27 -32.27
N GLY A 127 1.06 30.18 -31.83
CA GLY A 127 1.62 28.86 -32.12
C GLY A 127 2.54 28.38 -31.04
N TYR A 128 2.48 29.00 -29.85
CA TYR A 128 3.42 28.72 -28.79
C TYR A 128 2.99 27.50 -27.92
N VAL A 129 1.75 27.04 -28.09
CA VAL A 129 1.22 26.02 -27.23
C VAL A 129 1.32 24.66 -27.88
N TYR A 130 1.92 23.70 -27.19
CA TYR A 130 2.06 22.34 -27.73
C TYR A 130 1.59 21.25 -26.76
N ILE A 131 1.44 20.05 -27.30
CA ILE A 131 1.12 18.87 -26.52
C ILE A 131 2.16 17.79 -26.77
N ALA A 132 2.76 17.31 -25.69
CA ALA A 132 3.79 16.26 -25.74
C ALA A 132 3.10 14.96 -25.95
N GLN A 133 3.83 13.96 -26.39
CA GLN A 133 3.16 12.70 -26.62
C GLN A 133 3.95 11.55 -26.02
N PRO A 134 3.88 11.36 -24.72
CA PRO A 134 4.70 10.32 -24.09
C PRO A 134 4.22 8.96 -24.54
N PRO A 135 5.08 7.90 -24.42
CA PRO A 135 4.53 6.62 -24.90
C PRO A 135 3.58 5.96 -23.90
N THR A 136 2.67 5.17 -24.45
CA THR A 136 1.72 4.42 -23.65
C THR A 136 2.41 3.18 -23.07
N GLY A 137 1.71 2.52 -22.14
CA GLY A 137 2.18 1.32 -21.47
C GLY A 137 2.76 1.62 -20.10
N TYR A 138 2.55 2.82 -19.59
N TYR A 138 2.59 2.86 -19.71
CA TYR A 138 3.35 3.17 -18.44
CA TYR A 138 3.09 3.31 -18.45
C TYR A 138 2.60 3.33 -17.11
C TYR A 138 1.97 3.71 -17.54
N LYS A 139 1.34 3.76 -17.21
N LYS A 139 2.09 3.28 -16.28
CA LYS A 139 0.53 4.01 -16.01
CA LYS A 139 1.16 3.63 -15.23
C LYS A 139 1.18 5.12 -15.15
C LYS A 139 1.45 5.03 -14.70
N GLY A 140 1.74 6.14 -15.79
N GLY A 140 1.91 5.93 -15.56
CA GLY A 140 2.23 7.28 -15.06
CA GLY A 140 2.11 7.30 -15.20
C GLY A 140 3.58 7.72 -15.50
C GLY A 140 3.51 7.73 -15.56
N LEU A 141 3.76 9.01 -15.48
CA LEU A 141 5.02 9.50 -15.88
C LEU A 141 6.10 9.32 -14.86
N GLY A 142 5.68 9.28 -13.57
CA GLY A 142 6.47 8.83 -12.46
C GLY A 142 7.04 7.43 -12.71
N GLU A 143 6.44 6.70 -13.67
CA GLU A 143 6.80 5.34 -13.96
C GLU A 143 8.02 5.27 -14.88
N MET A 144 8.26 6.34 -15.65
CA MET A 144 9.35 6.32 -16.58
C MET A 144 10.68 6.77 -15.97
N ASN A 145 11.76 6.14 -16.39
CA ASN A 145 13.13 6.60 -16.02
C ASN A 145 13.37 7.85 -16.80
N ALA A 146 14.26 8.68 -16.30
CA ALA A 146 14.55 9.95 -16.88
C ALA A 146 15.08 9.88 -18.31
N ASP A 147 15.90 8.88 -18.65
CA ASP A 147 16.45 8.81 -19.99
C ASP A 147 15.34 8.49 -21.02
N GLN A 148 14.36 7.68 -20.60
CA GLN A 148 13.24 7.34 -21.46
C GLN A 148 12.37 8.56 -21.74
N LEU A 149 12.16 9.40 -20.72
CA LEU A 149 11.41 10.65 -20.83
C LEU A 149 12.08 11.59 -21.83
N TRP A 150 13.41 11.67 -21.75
CA TRP A 150 14.14 12.53 -22.64
C TRP A 150 14.11 12.11 -24.11
N GLU A 151 14.30 10.81 -24.36
CA GLU A 151 14.38 10.33 -25.73
C GLU A 151 13.05 10.31 -26.43
N THR A 152 12.02 9.93 -25.71
CA THR A 152 10.73 9.78 -26.31
C THR A 152 9.93 11.05 -26.38
N THR A 153 10.13 11.97 -25.46
CA THR A 153 9.23 13.09 -25.32
C THR A 153 9.87 14.46 -25.24
N MET A 154 11.12 14.55 -24.79
CA MET A 154 11.71 15.87 -24.57
C MET A 154 12.84 16.17 -25.52
N ASN A 155 13.47 15.15 -26.08
CA ASN A 155 14.56 15.36 -26.99
C ASN A 155 14.00 15.88 -28.30
N PRO A 156 14.55 16.97 -28.84
CA PRO A 156 14.00 17.59 -30.03
C PRO A 156 14.35 16.78 -31.27
N GLU A 157 15.31 15.91 -31.05
N GLU A 157 15.43 16.02 -31.27
CA GLU A 157 15.74 15.04 -32.09
CA GLU A 157 15.64 15.06 -32.33
C GLU A 157 14.78 13.89 -32.40
C GLU A 157 14.69 13.86 -32.45
N HIS A 158 14.13 13.36 -31.37
CA HIS A 158 13.22 12.26 -31.57
C HIS A 158 11.81 12.53 -31.18
N ARG A 159 11.55 13.65 -30.53
CA ARG A 159 10.19 13.85 -29.95
C ARG A 159 9.16 14.16 -31.00
N ALA A 160 7.91 13.80 -30.76
CA ALA A 160 6.85 14.29 -31.62
C ALA A 160 5.91 15.18 -30.83
N LEU A 161 5.93 16.45 -31.14
CA LEU A 161 5.07 17.40 -30.46
C LEU A 161 3.91 17.79 -31.34
N LEU A 162 2.73 17.99 -30.75
CA LEU A 162 1.61 18.53 -31.49
C LEU A 162 1.49 20.02 -31.21
N GLN A 163 1.47 20.82 -32.25
CA GLN A 163 1.37 22.22 -32.05
C GLN A 163 -0.11 22.49 -32.08
N VAL A 164 -0.61 23.19 -31.07
CA VAL A 164 -2.06 23.45 -31.02
C VAL A 164 -2.40 24.58 -31.96
N LYS A 165 -3.42 24.39 -32.79
CA LYS A 165 -3.80 25.40 -33.80
C LYS A 165 -5.24 25.86 -33.64
N LEU A 166 -5.44 27.17 -33.68
CA LEU A 166 -6.78 27.74 -33.56
C LEU A 166 -7.31 28.09 -34.95
N GLU A 167 -8.24 27.32 -35.50
CA GLU A 167 -8.77 27.60 -36.82
C GLU A 167 -10.00 28.47 -36.85
N ASP A 168 -11.05 28.02 -36.18
CA ASP A 168 -12.30 28.74 -36.19
C ASP A 168 -12.59 29.19 -34.79
N ALA A 169 -12.52 30.50 -34.58
CA ALA A 169 -12.73 31.04 -33.26
C ALA A 169 -14.18 30.94 -32.83
N ILE A 170 -15.12 30.95 -33.76
CA ILE A 170 -16.51 30.86 -33.37
C ILE A 170 -16.78 29.46 -32.87
N GLU A 171 -16.26 28.45 -33.58
CA GLU A 171 -16.47 27.05 -33.29
C GLU A 171 -15.77 26.70 -31.97
N ALA A 172 -14.61 27.28 -31.71
CA ALA A 172 -13.86 27.00 -30.50
C ALA A 172 -14.55 27.61 -29.29
N ASP A 173 -15.16 28.78 -29.44
CA ASP A 173 -15.87 29.43 -28.36
C ASP A 173 -16.97 28.50 -27.89
N GLN A 174 -17.66 27.94 -28.88
CA GLN A 174 -18.80 27.09 -28.69
C GLN A 174 -18.42 25.77 -28.04
N THR A 175 -17.30 25.19 -28.47
CA THR A 175 -16.74 23.98 -27.95
C THR A 175 -16.30 24.08 -26.49
N PHE A 176 -15.65 25.18 -26.12
CA PHE A 176 -15.22 25.41 -24.76
C PHE A 176 -16.47 25.61 -23.88
N GLU A 177 -17.46 26.30 -24.41
N GLU A 177 -17.47 26.30 -24.38
CA GLU A 177 -18.69 26.46 -23.70
CA GLU A 177 -18.75 26.46 -23.67
C GLU A 177 -19.52 25.20 -23.44
C GLU A 177 -19.53 25.17 -23.41
N MET A 178 -19.71 24.41 -24.46
CA MET A 178 -20.37 23.15 -24.36
C MET A 178 -19.63 22.12 -23.51
N LEU A 179 -18.35 21.87 -23.79
CA LEU A 179 -17.61 20.90 -23.02
C LEU A 179 -17.34 21.28 -21.58
N MET A 180 -16.99 22.53 -21.33
CA MET A 180 -16.54 22.89 -20.03
C MET A 180 -17.41 23.83 -19.26
N GLY A 181 -18.48 24.30 -19.88
CA GLY A 181 -19.38 25.23 -19.22
C GLY A 181 -20.29 24.64 -18.15
N ASP A 182 -21.16 25.47 -17.60
CA ASP A 182 -22.00 25.04 -16.53
C ASP A 182 -23.28 24.34 -16.96
N VAL A 183 -23.61 24.29 -18.26
CA VAL A 183 -24.86 23.60 -18.64
C VAL A 183 -24.59 22.10 -18.85
N VAL A 184 -25.09 21.29 -17.94
CA VAL A 184 -24.85 19.88 -18.02
C VAL A 184 -25.50 19.19 -19.23
N GLU A 185 -26.70 19.61 -19.61
CA GLU A 185 -27.41 18.90 -20.65
C GLU A 185 -26.73 18.91 -21.99
N ASN A 186 -26.15 20.03 -22.39
CA ASN A 186 -25.50 20.11 -23.70
C ASN A 186 -24.25 19.21 -23.78
N ARG A 187 -23.51 19.20 -22.66
CA ARG A 187 -22.38 18.35 -22.49
C ARG A 187 -22.83 16.90 -22.47
N ARG A 188 -23.92 16.60 -21.80
CA ARG A 188 -24.41 15.23 -21.83
C ARG A 188 -24.83 14.82 -23.26
N GLN A 189 -25.48 15.71 -23.99
CA GLN A 189 -25.87 15.42 -25.35
C GLN A 189 -24.63 15.16 -26.26
N PHE A 190 -23.59 15.94 -26.07
CA PHE A 190 -22.36 15.75 -26.81
C PHE A 190 -21.75 14.37 -26.56
N ILE A 191 -21.75 13.95 -25.29
CA ILE A 191 -21.15 12.67 -24.95
C ILE A 191 -21.96 11.50 -25.55
N GLU A 192 -23.29 11.61 -25.48
CA GLU A 192 -24.16 10.59 -25.99
C GLU A 192 -23.99 10.44 -27.49
N ASP A 193 -23.90 11.58 -28.18
CA ASP A 193 -23.79 11.59 -29.63
C ASP A 193 -22.47 11.05 -30.14
N ASN A 194 -21.40 11.22 -29.37
CA ASN A 194 -20.11 10.82 -29.85
C ASN A 194 -19.54 9.57 -29.21
N ALA A 195 -20.13 9.12 -28.11
N ALA A 195 -20.21 8.96 -28.25
CA ALA A 195 -19.60 7.95 -27.43
CA ALA A 195 -19.57 7.98 -27.39
C ALA A 195 -19.76 6.67 -28.28
C ALA A 195 -19.35 6.65 -28.12
N VAL A 196 -18.69 5.88 -28.29
N VAL A 196 -19.98 6.52 -29.29
CA VAL A 196 -18.62 4.60 -29.01
CA VAL A 196 -19.75 5.34 -30.11
C VAL A 196 -17.67 3.63 -28.34
C VAL A 196 -18.34 5.50 -30.71
N TYR A 197 -17.90 2.34 -28.54
N TYR A 197 -17.35 5.64 -29.81
CA TYR A 197 -17.04 1.29 -27.99
CA TYR A 197 -15.95 5.88 -30.14
C TYR A 197 -16.06 0.77 -29.03
C TYR A 197 -15.30 6.73 -29.05
N ILE A 210 0.55 15.76 -39.08
CA ILE A 210 1.36 14.79 -38.34
C ILE A 210 2.07 15.51 -37.16
N ASN A 211 1.93 16.82 -37.06
CA ASN A 211 2.49 17.50 -35.92
C ASN A 211 1.65 18.70 -35.51
N GLU A 212 0.46 18.81 -36.07
CA GLU A 212 -0.42 19.93 -35.75
C GLU A 212 -1.73 19.43 -35.24
N ARG A 213 -2.34 20.14 -34.31
CA ARG A 213 -3.57 19.66 -33.73
C ARG A 213 -4.57 20.79 -33.62
N ASN A 214 -5.72 20.64 -34.26
CA ASN A 214 -6.76 21.65 -34.14
C ASN A 214 -7.27 21.61 -32.70
N ILE A 215 -7.39 22.78 -32.09
CA ILE A 215 -7.79 22.87 -30.69
C ILE A 215 -9.23 22.34 -30.46
N THR A 216 -10.16 22.65 -31.34
CA THR A 216 -11.52 22.18 -31.20
C THR A 216 -11.53 20.62 -31.23
N SER A 217 -10.78 20.04 -32.16
CA SER A 217 -10.69 18.57 -32.26
C SER A 217 -10.05 17.95 -31.02
N GLU A 218 -9.02 18.61 -30.50
CA GLU A 218 -8.28 18.13 -29.35
C GLU A 218 -9.20 18.13 -28.15
N MET A 219 -9.98 19.19 -28.00
CA MET A 219 -10.90 19.32 -26.88
C MET A 219 -11.99 18.27 -26.97
N ARG A 220 -12.62 18.13 -28.12
CA ARG A 220 -13.72 17.19 -28.27
C ARG A 220 -13.19 15.77 -27.98
N GLU A 221 -12.06 15.37 -28.53
CA GLU A 221 -11.55 14.02 -28.33
C GLU A 221 -11.02 13.73 -26.95
N SER A 222 -10.31 14.68 -26.36
CA SER A 222 -9.75 14.48 -25.04
C SER A 222 -10.87 14.49 -23.99
N PHE A 223 -11.81 15.41 -24.12
CA PHE A 223 -12.90 15.44 -23.18
C PHE A 223 -13.82 14.20 -23.27
N LEU A 224 -14.10 13.75 -24.48
CA LEU A 224 -14.96 12.61 -24.67
C LEU A 224 -14.32 11.36 -24.08
N ASP A 225 -13.01 11.24 -24.21
N ASP A 225 -13.01 11.27 -24.21
CA ASP A 225 -12.31 10.12 -23.64
CA ASP A 225 -12.23 10.17 -23.69
C ASP A 225 -12.46 10.08 -22.14
C ASP A 225 -12.38 10.08 -22.17
N TYR A 226 -12.30 11.23 -21.49
CA TYR A 226 -12.41 11.32 -20.07
C TYR A 226 -13.83 11.09 -19.61
N ALA A 227 -14.78 11.76 -20.24
CA ALA A 227 -16.19 11.65 -19.84
C ALA A 227 -16.70 10.22 -19.97
N MET A 228 -16.34 9.57 -21.03
CA MET A 228 -16.83 8.19 -21.24
C MET A 228 -16.24 7.25 -20.22
N SER A 229 -14.95 7.44 -19.91
CA SER A 229 -14.27 6.56 -18.94
C SER A 229 -14.91 6.71 -17.58
N VAL A 230 -15.28 7.92 -17.18
CA VAL A 230 -15.92 8.15 -15.92
C VAL A 230 -17.32 7.54 -15.86
N ILE A 231 -18.08 7.64 -16.93
CA ILE A 231 -19.42 7.05 -17.01
C ILE A 231 -19.36 5.52 -16.99
N VAL A 232 -18.55 4.91 -17.84
CA VAL A 232 -18.51 3.45 -17.94
C VAL A 232 -17.47 2.79 -17.10
N ALA A 233 -16.50 3.51 -16.56
CA ALA A 233 -15.44 2.83 -15.80
C ALA A 233 -15.02 3.58 -14.53
N ARG A 234 -15.97 4.08 -13.78
CA ARG A 234 -15.65 4.75 -12.54
C ARG A 234 -16.82 5.11 -11.61
N ALA A 235 -17.72 5.97 -12.06
CA ALA A 235 -18.67 6.61 -11.14
C ALA A 235 -20.07 5.95 -11.11
N LEU A 236 -20.38 5.10 -12.06
CA LEU A 236 -21.73 4.50 -12.14
C LEU A 236 -21.67 2.96 -11.96
N PRO A 237 -22.60 2.41 -11.20
CA PRO A 237 -22.66 0.98 -10.93
C PRO A 237 -23.23 0.17 -12.12
N ASP A 238 -22.76 -1.07 -12.26
CA ASP A 238 -23.39 -2.00 -13.18
C ASP A 238 -24.76 -2.42 -12.65
N VAL A 239 -25.77 -2.49 -13.52
CA VAL A 239 -27.11 -2.87 -13.08
C VAL A 239 -27.11 -4.32 -12.56
N ARG A 240 -26.22 -5.12 -13.10
CA ARG A 240 -26.17 -6.56 -12.74
C ARG A 240 -25.64 -6.88 -11.34
N ASP A 241 -24.50 -6.31 -10.93
CA ASP A 241 -24.02 -6.64 -9.56
C ASP A 241 -24.00 -5.42 -8.64
N GLY A 242 -24.46 -4.28 -9.14
CA GLY A 242 -24.55 -3.07 -8.37
C GLY A 242 -23.23 -2.45 -7.99
N LEU A 243 -22.17 -2.78 -8.73
CA LEU A 243 -20.86 -2.30 -8.34
C LEU A 243 -20.19 -1.41 -9.37
N LYS A 244 -19.27 -0.58 -8.85
CA LYS A 244 -18.36 0.23 -9.66
C LYS A 244 -17.07 -0.52 -9.72
N PRO A 245 -16.21 -0.18 -10.71
CA PRO A 245 -14.96 -0.93 -10.87
C PRO A 245 -14.15 -1.02 -9.59
N VAL A 246 -13.98 0.07 -8.88
CA VAL A 246 -13.10 -0.03 -7.69
C VAL A 246 -13.67 -1.01 -6.66
N HIS A 247 -14.99 -1.00 -6.44
CA HIS A 247 -15.58 -1.94 -5.48
C HIS A 247 -15.47 -3.39 -5.97
N ARG A 248 -15.62 -3.60 -7.26
CA ARG A 248 -15.54 -4.92 -7.82
C ARG A 248 -14.16 -5.48 -7.68
N ARG A 249 -13.16 -4.65 -7.96
CA ARG A 249 -11.78 -5.03 -7.85
C ARG A 249 -11.37 -5.32 -6.40
N ILE A 250 -11.87 -4.53 -5.45
CA ILE A 250 -11.63 -4.80 -4.04
C ILE A 250 -12.19 -6.17 -3.63
N LEU A 251 -13.44 -6.45 -4.00
CA LEU A 251 -14.02 -7.70 -3.64
C LEU A 251 -13.36 -8.89 -4.30
N TYR A 252 -12.99 -8.74 -5.59
CA TYR A 252 -12.35 -9.78 -6.32
C TYR A 252 -10.97 -9.98 -5.71
N GLY A 253 -10.36 -8.87 -5.31
CA GLY A 253 -9.06 -8.92 -4.61
C GLY A 253 -9.12 -9.71 -3.32
N LEU A 254 -10.19 -9.55 -2.56
CA LEU A 254 -10.37 -10.30 -1.35
C LEU A 254 -10.61 -11.80 -1.62
N ASN A 255 -11.35 -12.10 -2.69
CA ASN A 255 -11.65 -13.49 -3.00
C ASN A 255 -10.38 -14.20 -3.45
N GLU A 256 -9.60 -13.51 -4.28
CA GLU A 256 -8.37 -14.02 -4.83
C GLU A 256 -7.35 -14.24 -3.70
N GLN A 257 -7.26 -13.32 -2.79
N GLN A 257 -7.25 -13.37 -2.75
CA GLN A 257 -6.30 -13.53 -1.74
CA GLN A 257 -6.24 -13.66 -1.76
C GLN A 257 -6.77 -14.56 -0.71
C GLN A 257 -6.77 -14.59 -0.68
N GLY A 258 -7.94 -15.16 -0.95
CA GLY A 258 -8.58 -16.09 -0.03
C GLY A 258 -9.03 -15.49 1.30
N MET A 259 -9.34 -14.20 1.29
N MET A 259 -9.31 -14.20 1.34
CA MET A 259 -9.77 -13.48 2.50
CA MET A 259 -9.72 -13.56 2.59
C MET A 259 -11.25 -13.72 2.82
C MET A 259 -11.22 -13.75 2.87
N THR A 260 -11.61 -14.99 3.03
CA THR A 260 -13.00 -15.35 3.32
C THR A 260 -13.33 -15.16 4.79
N PRO A 261 -14.61 -15.21 5.14
CA PRO A 261 -15.06 -15.00 6.55
C PRO A 261 -14.49 -16.00 7.57
N ASP A 262 -14.19 -17.23 7.13
CA ASP A 262 -13.55 -18.25 7.99
C ASP A 262 -12.07 -17.95 8.29
N LYS A 263 -11.37 -17.31 7.33
CA LYS A 263 -9.95 -16.94 7.46
C LYS A 263 -9.81 -15.72 8.33
N SER A 264 -8.61 -15.47 8.84
CA SER A 264 -8.44 -14.31 9.73
C SER A 264 -8.36 -13.00 8.92
N TYR A 265 -8.48 -11.90 9.62
CA TYR A 265 -8.42 -10.59 9.01
C TYR A 265 -7.06 -10.34 8.38
N LYS A 266 -7.06 -9.70 7.21
CA LYS A 266 -5.85 -9.33 6.51
C LYS A 266 -5.65 -7.83 6.70
N LYS A 267 -4.40 -7.40 6.85
CA LYS A 267 -4.15 -5.98 7.03
C LYS A 267 -4.57 -5.19 5.80
N SER A 268 -5.18 -4.04 6.04
CA SER A 268 -5.69 -3.20 4.94
C SER A 268 -4.63 -2.71 3.95
N ALA A 269 -3.45 -2.35 4.45
CA ALA A 269 -2.38 -1.87 3.60
C ALA A 269 -1.99 -2.91 2.58
N ARG A 270 -1.96 -4.17 3.01
CA ARG A 270 -1.59 -5.24 2.13
C ARG A 270 -2.69 -5.53 1.10
N ILE A 271 -3.94 -5.44 1.51
CA ILE A 271 -5.09 -5.66 0.61
C ILE A 271 -5.08 -4.57 -0.46
N VAL A 272 -4.85 -3.33 -0.02
CA VAL A 272 -4.88 -2.22 -0.92
C VAL A 272 -3.71 -2.23 -1.91
N GLY A 273 -2.51 -2.62 -1.48
CA GLY A 273 -1.39 -2.64 -2.39
C GLY A 273 -1.58 -3.71 -3.44
N ASP A 274 -2.15 -4.83 -3.01
CA ASP A 274 -2.51 -5.89 -3.93
C ASP A 274 -3.53 -5.50 -4.97
N VAL A 275 -4.59 -4.79 -4.57
CA VAL A 275 -5.59 -4.34 -5.53
C VAL A 275 -4.97 -3.31 -6.46
N MET A 276 -4.12 -2.44 -5.93
N MET A 276 -4.07 -2.54 -5.86
CA MET A 276 -3.44 -1.43 -6.74
CA MET A 276 -3.38 -1.45 -6.53
C MET A 276 -2.53 -2.03 -7.82
C MET A 276 -2.47 -1.94 -7.69
N GLY A 277 -1.67 -2.98 -7.42
CA GLY A 277 -0.79 -3.61 -8.39
C GLY A 277 -1.48 -4.43 -9.46
N LYS A 278 -2.45 -5.23 -9.04
CA LYS A 278 -3.16 -6.13 -9.94
C LYS A 278 -4.34 -5.60 -10.75
N TYR A 279 -5.18 -4.71 -10.20
CA TYR A 279 -6.39 -4.33 -10.95
C TYR A 279 -6.80 -2.87 -11.05
N HIS A 280 -6.32 -2.04 -10.14
CA HIS A 280 -6.87 -0.71 -10.08
C HIS A 280 -5.74 0.26 -10.09
N PRO A 281 -5.39 0.84 -11.29
CA PRO A 281 -4.21 1.69 -11.22
C PRO A 281 -4.56 3.13 -10.88
N HIS A 282 -4.95 3.36 -9.63
CA HIS A 282 -5.32 4.67 -9.17
C HIS A 282 -4.81 4.82 -7.76
N GLY A 283 -5.14 5.93 -7.11
CA GLY A 283 -4.58 6.22 -5.77
C GLY A 283 -5.00 5.26 -4.67
N ASP A 284 -4.11 5.09 -3.66
CA ASP A 284 -4.38 4.23 -2.54
C ASP A 284 -5.58 4.72 -1.72
N SER A 285 -5.74 6.02 -1.55
CA SER A 285 -6.85 6.49 -0.77
C SER A 285 -8.22 6.26 -1.43
N SER A 286 -8.28 6.27 -2.76
CA SER A 286 -9.54 5.95 -3.46
C SER A 286 -9.96 4.53 -3.18
N ILE A 287 -9.00 3.59 -3.21
CA ILE A 287 -9.26 2.21 -2.92
C ILE A 287 -9.60 1.98 -1.45
N TYR A 288 -8.78 2.53 -0.55
CA TYR A 288 -8.99 2.31 0.86
C TYR A 288 -10.31 2.92 1.35
N GLU A 289 -10.64 4.13 0.92
CA GLU A 289 -11.90 4.71 1.37
C GLU A 289 -13.12 3.96 0.79
N ALA A 290 -13.03 3.47 -0.43
CA ALA A 290 -14.13 2.65 -0.98
C ALA A 290 -14.34 1.39 -0.13
N MET A 291 -13.26 0.77 0.32
CA MET A 291 -13.34 -0.41 1.13
C MET A 291 -13.89 -0.15 2.51
N VAL A 292 -13.49 0.97 3.07
CA VAL A 292 -13.97 1.40 4.35
C VAL A 292 -15.50 1.61 4.40
N ARG A 293 -16.06 2.22 3.37
CA ARG A 293 -17.50 2.40 3.28
C ARG A 293 -18.24 1.07 3.22
N MET A 294 -17.70 0.10 2.47
CA MET A 294 -18.32 -1.22 2.38
C MET A 294 -18.37 -1.89 3.75
N ALA A 295 -17.44 -1.53 4.62
CA ALA A 295 -17.45 -2.01 5.99
C ALA A 295 -18.38 -1.29 6.99
N GLN A 296 -18.95 -0.15 6.64
CA GLN A 296 -19.64 0.65 7.64
C GLN A 296 -21.08 0.27 7.61
N ASP A 297 -21.63 -0.12 8.77
CA ASP A 297 -22.99 -0.54 8.79
C ASP A 297 -23.99 0.62 8.79
N PHE A 298 -23.49 1.83 8.94
CA PHE A 298 -24.36 3.02 8.83
C PHE A 298 -24.35 3.54 7.40
N SER A 299 -23.57 2.92 6.52
CA SER A 299 -23.51 3.29 5.10
C SER A 299 -24.13 2.19 4.18
N TYR A 300 -23.69 0.95 4.40
CA TYR A 300 -24.16 -0.21 3.63
C TYR A 300 -25.28 -0.97 4.38
N ARG A 301 -26.42 -1.13 3.70
CA ARG A 301 -27.52 -1.87 4.25
C ARG A 301 -27.15 -3.34 4.49
N TYR A 302 -26.36 -3.91 3.61
CA TYR A 302 -25.77 -5.22 3.81
C TYR A 302 -24.29 -5.06 3.53
N PRO A 303 -23.52 -4.86 4.55
CA PRO A 303 -22.07 -4.56 4.41
C PRO A 303 -21.34 -5.63 3.68
N LEU A 304 -20.45 -5.22 2.78
CA LEU A 304 -19.72 -6.17 1.95
C LEU A 304 -18.35 -6.47 2.54
N VAL A 305 -17.90 -5.66 3.49
CA VAL A 305 -16.58 -5.84 4.06
C VAL A 305 -16.70 -5.99 5.56
N ASP A 306 -15.92 -6.90 6.12
CA ASP A 306 -15.87 -7.10 7.56
C ASP A 306 -14.57 -6.47 8.03
N GLY A 307 -14.72 -5.40 8.80
CA GLY A 307 -13.58 -4.59 9.20
C GLY A 307 -13.22 -4.77 10.63
N GLN A 308 -11.92 -4.76 10.93
CA GLN A 308 -11.52 -4.86 12.31
C GLN A 308 -10.77 -3.58 12.59
N GLY A 309 -11.15 -2.84 13.63
CA GLY A 309 -10.48 -1.59 13.93
C GLY A 309 -11.35 -0.38 13.68
N ASN A 310 -10.75 0.79 13.70
CA ASN A 310 -11.50 2.02 13.49
C ASN A 310 -11.89 2.23 12.01
N PHE A 311 -13.17 2.12 11.72
CA PHE A 311 -13.60 2.24 10.34
C PHE A 311 -14.46 3.46 10.19
N GLY A 312 -14.27 4.43 11.05
CA GLY A 312 -15.01 5.68 10.94
C GLY A 312 -16.37 5.66 11.64
N SER A 313 -17.04 6.80 11.61
CA SER A 313 -18.26 6.98 12.43
C SER A 313 -19.33 7.79 11.69
N MET A 314 -20.49 7.95 12.30
CA MET A 314 -21.57 8.74 11.73
C MET A 314 -21.28 10.23 11.89
N ASP A 315 -20.24 10.58 12.65
CA ASP A 315 -19.90 11.96 12.82
C ASP A 315 -18.89 12.40 11.82
N GLY A 316 -18.49 11.49 10.92
CA GLY A 316 -17.59 11.84 9.85
C GLY A 316 -16.13 11.72 10.24
N ASP A 317 -15.84 11.11 11.39
CA ASP A 317 -14.49 10.66 11.70
C ASP A 317 -14.12 9.68 10.59
N GLY A 318 -12.92 9.81 10.04
CA GLY A 318 -12.49 8.86 9.05
C GLY A 318 -11.98 7.61 9.73
N ALA A 319 -11.69 6.63 8.89
CA ALA A 319 -11.21 5.37 9.39
C ALA A 319 -9.76 5.60 9.85
N ALA A 320 -9.24 4.71 10.67
CA ALA A 320 -7.86 4.69 11.05
C ALA A 320 -7.04 4.52 9.77
N ALA A 321 -5.78 4.92 9.83
CA ALA A 321 -4.88 4.76 8.71
C ALA A 321 -4.89 3.26 8.36
N MET A 322 -4.64 2.96 7.09
CA MET A 322 -4.64 1.58 6.64
C MET A 322 -3.57 0.67 7.26
N ARG A 323 -2.58 1.29 7.91
CA ARG A 323 -1.53 0.52 8.59
C ARG A 323 -2.09 -0.18 9.81
N TYR A 324 -3.21 0.31 10.33
CA TYR A 324 -3.79 -0.25 11.54
C TYR A 324 -4.99 -1.18 11.34
N THR A 325 -5.79 -0.93 10.31
CA THR A 325 -7.00 -1.72 10.11
C THR A 325 -6.78 -3.02 9.34
N GLU A 326 -7.71 -3.94 9.56
CA GLU A 326 -7.70 -5.24 8.89
C GLU A 326 -9.07 -5.47 8.32
N ALA A 327 -9.19 -6.42 7.38
CA ALA A 327 -10.48 -6.62 6.74
C ALA A 327 -10.61 -8.01 6.14
N ARG A 328 -11.86 -8.42 5.88
CA ARG A 328 -12.16 -9.61 5.12
C ARG A 328 -13.59 -9.49 4.57
N MET A 329 -13.99 -10.48 3.81
CA MET A 329 -15.32 -10.51 3.24
C MET A 329 -16.32 -10.73 4.34
N THR A 330 -17.51 -10.21 4.18
CA THR A 330 -18.60 -10.65 4.98
C THR A 330 -19.13 -11.91 4.34
N LYS A 331 -19.99 -12.58 5.05
CA LYS A 331 -20.67 -13.76 4.57
C LYS A 331 -21.54 -13.51 3.38
N ILE A 332 -22.25 -12.37 3.36
CA ILE A 332 -23.08 -12.10 2.23
C ILE A 332 -22.28 -11.81 0.97
N THR A 333 -21.06 -11.31 1.12
CA THR A 333 -20.23 -11.05 -0.04
C THR A 333 -19.83 -12.34 -0.76
N LEU A 334 -19.84 -13.46 -0.03
CA LEU A 334 -19.59 -14.78 -0.67
C LEU A 334 -20.65 -15.08 -1.70
N GLU A 335 -21.87 -14.61 -1.44
CA GLU A 335 -22.95 -14.69 -2.44
C GLU A 335 -22.74 -13.83 -3.67
N LEU A 336 -21.94 -12.74 -3.57
CA LEU A 336 -21.63 -11.94 -4.75
C LEU A 336 -20.67 -12.70 -5.64
N LEU A 337 -19.76 -13.42 -5.00
CA LEU A 337 -18.68 -14.09 -5.73
C LEU A 337 -18.99 -15.55 -6.03
N ARG A 338 -20.06 -16.06 -5.51
CA ARG A 338 -20.43 -17.48 -5.72
C ARG A 338 -20.54 -17.83 -7.19
N ASP A 339 -19.79 -18.85 -7.61
CA ASP A 339 -19.85 -19.43 -8.99
C ASP A 339 -18.99 -18.70 -9.96
N ILE A 340 -18.15 -17.81 -9.46
CA ILE A 340 -17.29 -17.00 -10.29
C ILE A 340 -16.30 -17.88 -11.01
N ASN A 341 -15.94 -19.02 -10.46
CA ASN A 341 -14.99 -19.87 -11.21
C ASN A 341 -15.66 -21.01 -11.98
N LYS A 342 -16.92 -20.81 -12.36
CA LYS A 342 -17.65 -21.81 -13.16
C LYS A 342 -18.11 -21.21 -14.44
N ASP A 343 -17.28 -20.32 -14.96
CA ASP A 343 -17.54 -19.71 -16.23
C ASP A 343 -18.96 -19.09 -16.33
N THR A 344 -19.35 -18.44 -15.25
CA THR A 344 -20.65 -17.76 -15.19
C THR A 344 -20.58 -16.30 -15.69
N ILE A 345 -19.39 -15.70 -15.62
CA ILE A 345 -19.20 -14.29 -16.02
C ILE A 345 -17.96 -14.19 -16.87
N ASP A 346 -17.93 -13.19 -17.73
CA ASP A 346 -16.76 -13.00 -18.59
C ASP A 346 -15.61 -12.32 -17.87
N PHE A 347 -14.42 -12.91 -17.97
CA PHE A 347 -13.22 -12.23 -17.49
C PHE A 347 -12.61 -11.38 -18.58
N ILE A 348 -11.88 -10.34 -18.18
CA ILE A 348 -11.15 -9.53 -19.13
C ILE A 348 -9.72 -9.35 -18.68
N ASP A 349 -8.88 -8.88 -19.59
CA ASP A 349 -7.50 -8.59 -19.23
C ASP A 349 -7.50 -7.40 -18.29
N ASN A 350 -6.52 -7.34 -17.40
CA ASN A 350 -6.42 -6.20 -16.52
C ASN A 350 -5.84 -4.99 -17.27
N TYR A 351 -5.52 -3.92 -16.56
CA TYR A 351 -5.03 -2.69 -17.21
C TYR A 351 -3.66 -2.88 -17.90
N ASP A 352 -2.79 -3.76 -17.39
CA ASP A 352 -1.48 -3.88 -18.03
C ASP A 352 -1.27 -5.21 -18.75
N GLY A 353 -2.32 -6.03 -18.85
CA GLY A 353 -2.18 -7.31 -19.53
C GLY A 353 -1.56 -8.45 -18.70
N ASN A 354 -1.13 -8.18 -17.48
CA ASN A 354 -0.53 -9.22 -16.66
C ASN A 354 -1.50 -9.99 -15.80
N GLU A 355 -2.77 -9.61 -15.80
CA GLU A 355 -3.78 -10.26 -14.97
C GLU A 355 -5.12 -10.32 -15.69
N ARG A 356 -6.02 -11.05 -15.08
CA ARG A 356 -7.40 -11.17 -15.55
C ARG A 356 -8.28 -10.72 -14.43
N GLU A 357 -9.35 -10.03 -14.76
CA GLU A 357 -10.29 -9.61 -13.73
C GLU A 357 -11.71 -9.86 -14.22
N PRO A 358 -12.68 -9.91 -13.30
CA PRO A 358 -14.07 -10.12 -13.72
C PRO A 358 -14.70 -8.85 -14.29
N SER A 359 -15.47 -9.00 -15.36
CA SER A 359 -16.20 -7.89 -15.91
C SER A 359 -17.39 -7.58 -15.00
N VAL A 360 -17.90 -8.59 -14.32
CA VAL A 360 -19.08 -8.40 -13.44
C VAL A 360 -19.07 -9.56 -12.50
N LEU A 361 -19.71 -9.42 -11.34
CA LEU A 361 -19.79 -10.54 -10.43
C LEU A 361 -21.08 -11.34 -10.62
N PRO A 362 -21.05 -12.62 -10.27
CA PRO A 362 -22.29 -13.41 -10.39
C PRO A 362 -23.46 -12.81 -9.58
N ALA A 363 -23.17 -12.20 -8.42
CA ALA A 363 -24.14 -11.42 -7.67
C ALA A 363 -25.45 -12.19 -7.37
N ARG A 364 -25.37 -13.21 -6.53
CA ARG A 364 -26.51 -14.07 -6.24
C ARG A 364 -27.63 -13.41 -5.45
N PHE A 365 -27.43 -12.17 -5.00
CA PHE A 365 -28.51 -11.35 -4.41
C PHE A 365 -28.55 -10.01 -5.17
N PRO A 366 -29.72 -9.33 -5.22
CA PRO A 366 -29.85 -8.09 -6.01
C PRO A 366 -29.15 -6.90 -5.35
N ASN A 367 -27.83 -6.84 -5.51
CA ASN A 367 -27.05 -5.91 -4.75
C ASN A 367 -27.23 -4.40 -5.12
N LEU A 368 -27.46 -4.12 -6.38
CA LEU A 368 -27.75 -2.76 -6.82
C LEU A 368 -28.77 -2.09 -5.94
N LEU A 369 -29.96 -2.70 -5.90
CA LEU A 369 -31.03 -2.18 -5.04
C LEU A 369 -30.82 -2.39 -3.58
N ALA A 370 -30.22 -3.52 -3.20
CA ALA A 370 -30.08 -3.84 -1.77
C ALA A 370 -29.25 -2.76 -1.07
N ASN A 371 -28.10 -2.44 -1.64
CA ASN A 371 -27.15 -1.52 -1.03
C ASN A 371 -27.22 -0.14 -1.64
N GLY A 372 -27.94 0.01 -2.77
CA GLY A 372 -28.05 1.34 -3.38
C GLY A 372 -26.72 1.79 -3.99
N ALA A 373 -26.68 3.06 -4.37
CA ALA A 373 -25.49 3.64 -5.01
C ALA A 373 -25.54 5.16 -5.11
N SER A 374 -24.40 5.83 -4.97
CA SER A 374 -24.36 7.27 -5.31
C SER A 374 -23.09 7.55 -6.09
N GLY A 375 -23.20 8.31 -7.19
CA GLY A 375 -21.97 8.59 -7.99
C GLY A 375 -22.17 9.86 -8.77
N ILE A 376 -21.17 10.72 -8.75
CA ILE A 376 -21.15 11.86 -9.63
C ILE A 376 -20.30 11.55 -10.84
N ALA A 377 -20.91 11.51 -12.01
CA ALA A 377 -20.12 11.21 -13.21
C ALA A 377 -19.80 12.45 -14.03
N VAL A 378 -19.96 12.39 -15.37
CA VAL A 378 -19.83 13.58 -16.18
C VAL A 378 -21.10 13.56 -17.01
N GLY A 379 -21.81 14.69 -17.10
CA GLY A 379 -23.06 14.71 -17.87
C GLY A 379 -24.21 14.14 -17.11
N MET A 380 -23.94 13.49 -15.98
CA MET A 380 -25.03 12.85 -15.25
C MET A 380 -24.54 12.40 -13.87
N ALA A 381 -25.48 12.02 -12.99
CA ALA A 381 -25.13 11.45 -11.70
C ALA A 381 -26.09 10.37 -11.34
N THR A 382 -25.81 9.58 -10.31
CA THR A 382 -26.78 8.54 -9.95
C THR A 382 -27.02 8.61 -8.46
N ASN A 383 -28.21 8.24 -8.05
CA ASN A 383 -28.53 8.21 -6.61
C ASN A 383 -29.62 7.15 -6.40
N ILE A 384 -29.21 5.98 -5.95
CA ILE A 384 -30.16 4.87 -5.78
C ILE A 384 -30.15 4.50 -4.30
N PRO A 385 -31.30 4.55 -3.65
CA PRO A 385 -31.32 4.23 -2.20
C PRO A 385 -31.31 2.70 -1.96
N PRO A 386 -30.84 2.29 -0.79
CA PRO A 386 -30.82 0.86 -0.42
C PRO A 386 -32.23 0.34 -0.12
N HIS A 387 -32.35 -0.97 -0.11
CA HIS A 387 -33.63 -1.62 0.08
C HIS A 387 -33.53 -2.86 0.98
N ASN A 388 -34.68 -3.32 1.44
CA ASN A 388 -34.74 -4.50 2.28
C ASN A 388 -34.56 -5.75 1.43
N LEU A 389 -33.64 -6.62 1.84
CA LEU A 389 -33.33 -7.73 1.00
C LEU A 389 -34.49 -8.75 0.89
N THR A 390 -35.20 -8.98 1.99
CA THR A 390 -36.31 -9.87 1.98
C THR A 390 -37.32 -9.37 1.00
N GLU A 391 -37.60 -8.07 1.06
CA GLU A 391 -38.56 -7.45 0.12
C GLU A 391 -38.08 -7.57 -1.31
N LEU A 392 -36.82 -7.28 -1.58
CA LEU A 392 -36.33 -7.30 -2.98
C LEU A 392 -36.47 -8.71 -3.55
N ILE A 393 -36.07 -9.73 -2.78
CA ILE A 393 -36.09 -11.08 -3.34
C ILE A 393 -37.55 -11.53 -3.60
N ASN A 394 -38.43 -11.20 -2.68
CA ASN A 394 -39.84 -11.43 -2.90
C ASN A 394 -40.32 -10.77 -4.18
N GLY A 395 -39.87 -9.53 -4.42
CA GLY A 395 -40.18 -8.84 -5.67
C GLY A 395 -39.69 -9.61 -6.89
N VAL A 396 -38.45 -10.08 -6.81
CA VAL A 396 -37.89 -10.77 -7.96
C VAL A 396 -38.67 -12.07 -8.22
N LEU A 397 -39.03 -12.76 -7.15
CA LEU A 397 -39.86 -13.97 -7.24
C LEU A 397 -41.20 -13.69 -7.90
N SER A 398 -41.87 -12.64 -7.45
CA SER A 398 -43.16 -12.25 -8.04
C SER A 398 -42.99 -11.94 -9.48
N LEU A 399 -41.92 -11.23 -9.81
CA LEU A 399 -41.65 -10.90 -11.23
C LEU A 399 -41.35 -12.16 -12.03
N SER A 400 -40.67 -13.14 -11.41
CA SER A 400 -40.26 -14.33 -12.17
C SER A 400 -41.48 -15.16 -12.53
N LYS A 401 -42.56 -14.98 -11.79
CA LYS A 401 -43.80 -15.68 -12.04
C LYS A 401 -44.74 -14.86 -12.93
N ASN A 402 -44.38 -13.61 -13.24
CA ASN A 402 -45.26 -12.77 -14.05
C ASN A 402 -44.56 -11.60 -14.68
N PRO A 403 -44.03 -11.82 -15.88
CA PRO A 403 -43.30 -10.79 -16.63
C PRO A 403 -44.12 -9.52 -16.76
N ASP A 404 -45.45 -9.62 -16.73
CA ASP A 404 -46.27 -8.41 -16.90
C ASP A 404 -46.64 -7.77 -15.59
N ILE A 405 -46.00 -8.15 -14.51
CA ILE A 405 -46.33 -7.53 -13.25
C ILE A 405 -46.12 -5.99 -13.34
N SER A 406 -47.01 -5.23 -12.70
CA SER A 406 -46.87 -3.76 -12.67
C SER A 406 -46.02 -3.28 -11.46
N ILE A 407 -45.60 -2.03 -11.51
CA ILE A 407 -44.90 -1.37 -10.42
C ILE A 407 -45.72 -1.40 -9.15
N ALA A 408 -47.01 -1.10 -9.24
CA ALA A 408 -47.86 -1.08 -8.07
C ALA A 408 -47.91 -2.45 -7.39
N GLU A 409 -47.98 -3.49 -8.20
CA GLU A 409 -47.94 -4.85 -7.68
C GLU A 409 -46.59 -5.17 -7.05
N LEU A 410 -45.52 -4.73 -7.70
CA LEU A 410 -44.19 -4.96 -7.16
C LEU A 410 -44.06 -4.27 -5.83
N MET A 411 -44.75 -3.16 -5.66
CA MET A 411 -44.63 -2.40 -4.43
C MET A 411 -45.33 -3.10 -3.32
N GLU A 412 -46.11 -4.13 -3.66
CA GLU A 412 -46.71 -4.98 -2.61
C GLU A 412 -45.64 -5.85 -1.96
N ASP A 413 -44.54 -6.10 -2.66
CA ASP A 413 -43.37 -6.71 -2.04
C ASP A 413 -42.40 -5.65 -1.52
N ILE A 414 -42.08 -4.67 -2.37
CA ILE A 414 -41.06 -3.70 -2.07
C ILE A 414 -41.75 -2.42 -1.69
N GLU A 415 -41.82 -2.16 -0.41
CA GLU A 415 -42.60 -1.04 0.10
C GLU A 415 -41.93 0.28 -0.21
N GLY A 416 -40.61 0.30 -0.21
CA GLY A 416 -39.86 1.50 -0.38
C GLY A 416 -38.43 1.23 -0.02
N PRO A 417 -37.62 2.28 0.06
CA PRO A 417 -36.22 2.15 0.45
C PRO A 417 -36.16 1.72 1.88
N ASP A 418 -35.08 1.02 2.29
CA ASP A 418 -34.90 0.66 3.66
C ASP A 418 -33.46 1.03 4.05
N PHE A 419 -33.29 2.14 4.75
CA PHE A 419 -31.97 2.67 5.00
C PHE A 419 -31.22 1.96 6.13
N PRO A 420 -29.86 1.83 6.01
CA PRO A 420 -29.27 1.11 7.19
C PRO A 420 -29.50 1.88 8.45
N THR A 421 -29.69 3.18 8.30
CA THR A 421 -29.86 4.08 9.43
C THR A 421 -31.30 4.17 9.94
N ALA A 422 -32.20 3.33 9.40
CA ALA A 422 -33.59 3.28 9.85
C ALA A 422 -34.35 4.58 9.61
N GLY A 423 -35.02 5.10 10.62
CA GLY A 423 -35.74 6.41 10.47
C GLY A 423 -37.11 6.23 9.84
N LEU A 424 -37.64 7.32 9.31
CA LEU A 424 -38.98 7.34 8.72
C LEU A 424 -38.93 7.91 7.31
N ILE A 425 -39.79 7.41 6.43
CA ILE A 425 -40.06 8.06 5.19
C ILE A 425 -41.48 8.57 5.29
N LEU A 426 -41.73 9.78 4.86
CA LEU A 426 -43.09 10.35 4.90
C LEU A 426 -43.85 10.14 3.62
N GLY A 427 -44.84 9.28 3.62
CA GLY A 427 -45.71 9.14 2.47
C GLY A 427 -45.14 8.19 1.43
N LYS A 428 -46.02 7.76 0.57
CA LYS A 428 -45.64 6.77 -0.39
C LYS A 428 -45.55 7.39 -1.79
N SER A 429 -45.77 8.70 -1.88
CA SER A 429 -45.98 9.29 -3.20
C SER A 429 -44.65 9.58 -3.94
N GLY A 430 -43.61 10.01 -3.21
CA GLY A 430 -42.31 10.12 -3.80
C GLY A 430 -41.70 8.77 -4.12
N ILE A 431 -41.93 7.77 -3.27
CA ILE A 431 -41.47 6.41 -3.53
C ILE A 431 -42.11 5.90 -4.82
N ARG A 432 -43.40 6.15 -4.98
CA ARG A 432 -44.08 5.65 -6.16
C ARG A 432 -43.57 6.27 -7.47
N ARG A 433 -43.32 7.57 -7.46
N ARG A 433 -43.33 7.58 -7.47
CA ARG A 433 -42.83 8.28 -8.63
CA ARG A 433 -42.81 8.34 -8.60
C ARG A 433 -41.41 7.81 -9.00
C ARG A 433 -41.41 7.82 -9.00
N ALA A 434 -40.58 7.63 -7.98
CA ALA A 434 -39.23 7.13 -8.21
C ALA A 434 -39.23 5.71 -8.80
N TYR A 435 -40.08 4.83 -8.30
CA TYR A 435 -40.20 3.46 -8.84
C TYR A 435 -40.80 3.36 -10.23
N GLU A 436 -41.72 4.26 -10.53
CA GLU A 436 -42.36 4.30 -11.85
C GLU A 436 -41.45 4.95 -12.86
N THR A 437 -40.63 5.94 -12.46
CA THR A 437 -39.87 6.66 -13.46
C THR A 437 -38.36 6.67 -13.26
N GLY A 438 -37.87 6.26 -12.09
CA GLY A 438 -36.48 6.33 -11.76
C GLY A 438 -36.06 7.64 -11.13
N ARG A 439 -36.97 8.61 -11.05
CA ARG A 439 -36.68 9.90 -10.41
C ARG A 439 -37.76 10.24 -9.41
N GLY A 440 -37.40 10.71 -8.22
CA GLY A 440 -38.45 11.07 -7.25
C GLY A 440 -37.78 11.67 -6.04
N SER A 441 -38.48 12.48 -5.29
CA SER A 441 -37.88 12.97 -4.09
C SER A 441 -38.53 12.29 -2.91
N ILE A 442 -37.73 11.77 -2.01
CA ILE A 442 -38.28 11.01 -0.88
C ILE A 442 -37.91 11.68 0.42
N GLN A 443 -38.90 12.09 1.20
CA GLN A 443 -38.67 12.78 2.48
C GLN A 443 -38.31 11.80 3.60
N MET A 444 -37.12 11.94 4.16
CA MET A 444 -36.66 11.08 5.27
C MET A 444 -36.71 11.92 6.57
N ARG A 445 -37.27 11.36 7.62
CA ARG A 445 -37.33 12.08 8.87
C ARG A 445 -36.64 11.30 9.96
N SER A 446 -36.02 11.99 10.89
CA SER A 446 -35.45 11.33 12.07
C SER A 446 -36.50 10.68 12.93
N ARG A 447 -36.11 9.70 13.73
CA ARG A 447 -37.06 9.20 14.72
C ARG A 447 -36.88 10.02 15.96
N ALA A 448 -37.95 10.74 16.34
CA ALA A 448 -37.86 11.66 17.45
C ALA A 448 -39.10 11.50 18.29
N VAL A 449 -38.96 11.57 19.61
CA VAL A 449 -40.13 11.53 20.49
C VAL A 449 -40.01 12.66 21.48
N ILE A 450 -41.12 13.00 22.10
CA ILE A 450 -41.08 14.04 23.10
C ILE A 450 -41.34 13.36 24.45
N GLU A 451 -40.55 13.72 25.43
CA GLU A 451 -40.70 13.08 26.75
C GLU A 451 -40.41 14.09 27.87
N GLU A 452 -40.93 13.78 29.04
CA GLU A 452 -40.69 14.57 30.22
C GLU A 452 -39.28 14.38 30.79
N ARG A 453 -38.72 15.45 31.33
CA ARG A 453 -37.39 15.36 31.94
C ARG A 453 -37.40 15.76 33.43
N GLY A 454 -38.57 16.00 33.96
CA GLY A 454 -38.71 16.41 35.35
C GLY A 454 -38.94 17.89 35.56
N GLY A 455 -39.73 18.21 36.57
CA GLY A 455 -39.96 19.58 36.94
C GLY A 455 -41.00 20.16 36.07
N GLY A 456 -41.76 19.30 35.38
CA GLY A 456 -42.78 19.78 34.45
C GLY A 456 -42.12 20.19 33.13
N ARG A 457 -40.83 19.84 32.97
CA ARG A 457 -40.13 20.16 31.75
C ARG A 457 -40.04 18.97 30.80
N GLN A 458 -39.77 19.25 29.52
CA GLN A 458 -39.72 18.20 28.50
C GLN A 458 -38.45 18.23 27.67
N ARG A 459 -38.17 17.14 26.96
CA ARG A 459 -37.11 17.13 25.95
C ARG A 459 -37.54 16.41 24.69
N ILE A 460 -36.88 16.71 23.57
CA ILE A 460 -37.11 15.96 22.37
C ILE A 460 -35.94 14.99 22.31
N VAL A 461 -36.19 13.72 22.05
CA VAL A 461 -35.09 12.76 21.98
C VAL A 461 -35.08 12.10 20.61
N VAL A 462 -33.93 12.16 19.95
CA VAL A 462 -33.78 11.64 18.60
C VAL A 462 -32.91 10.37 18.59
N THR A 463 -33.41 9.28 18.04
CA THR A 463 -32.67 8.02 18.16
C THR A 463 -32.33 7.46 16.83
N GLU A 464 -32.86 8.07 15.78
CA GLU A 464 -32.51 7.69 14.42
C GLU A 464 -32.46 8.95 13.62
N ILE A 465 -31.49 9.03 12.70
CA ILE A 465 -31.35 10.20 11.83
C ILE A 465 -31.41 9.77 10.38
N PRO A 466 -31.62 10.75 9.44
CA PRO A 466 -31.69 10.29 8.04
C PRO A 466 -30.40 9.72 7.48
N PHE A 467 -30.54 8.91 6.46
CA PHE A 467 -29.44 8.27 5.74
C PHE A 467 -28.44 9.29 5.16
N GLN A 468 -27.16 9.01 5.34
CA GLN A 468 -26.07 9.89 4.93
C GLN A 468 -26.10 11.29 5.54
N VAL A 469 -26.60 11.42 6.75
CA VAL A 469 -26.57 12.69 7.47
C VAL A 469 -25.51 12.62 8.59
N ASN A 470 -24.56 13.53 8.56
CA ASN A 470 -23.51 13.56 9.56
C ASN A 470 -24.15 14.06 10.85
N LYS A 471 -24.18 13.21 11.86
CA LYS A 471 -24.83 13.56 13.11
C LYS A 471 -24.21 14.80 13.79
N ALA A 472 -22.89 14.84 13.90
CA ALA A 472 -22.22 15.95 14.56
C ALA A 472 -22.53 17.27 13.82
N ARG A 473 -22.53 17.19 12.51
CA ARG A 473 -22.77 18.36 11.72
C ARG A 473 -24.22 18.81 11.79
N MET A 474 -25.15 17.87 11.90
CA MET A 474 -26.55 18.22 12.09
C MET A 474 -26.71 18.88 13.45
N ILE A 475 -26.01 18.41 14.47
CA ILE A 475 -26.09 19.00 15.77
C ILE A 475 -25.57 20.44 15.77
N GLU A 476 -24.49 20.66 15.03
N GLU A 476 -24.53 20.72 14.98
CA GLU A 476 -23.91 21.98 14.84
CA GLU A 476 -23.95 22.06 14.93
C GLU A 476 -24.90 22.95 14.20
C GLU A 476 -24.87 23.02 14.17
N LYS A 477 -25.63 22.49 13.21
CA LYS A 477 -26.66 23.27 12.59
C LYS A 477 -27.72 23.73 13.58
N ILE A 478 -28.08 22.83 14.48
CA ILE A 478 -29.10 23.14 15.47
C ILE A 478 -28.55 24.17 16.44
N ALA A 479 -27.30 24.00 16.84
CA ALA A 479 -26.69 24.86 17.81
C ALA A 479 -26.61 26.24 17.20
N GLU A 480 -26.30 26.29 15.90
CA GLU A 480 -26.17 27.53 15.16
C GLU A 480 -27.47 28.27 15.14
N LEU A 481 -28.55 27.55 14.84
CA LEU A 481 -29.85 28.15 14.77
C LEU A 481 -30.25 28.75 16.10
N VAL A 482 -29.90 28.07 17.18
CA VAL A 482 -30.24 28.54 18.51
C VAL A 482 -29.45 29.80 18.85
N ARG A 483 -28.18 29.83 18.50
CA ARG A 483 -27.34 30.97 18.87
C ARG A 483 -27.66 32.23 18.05
N ASP A 484 -28.13 32.03 16.82
CA ASP A 484 -28.50 33.09 15.90
C ASP A 484 -29.93 33.50 16.12
N LYS A 485 -30.57 32.93 17.11
CA LYS A 485 -31.96 33.22 17.44
C LYS A 485 -32.94 32.94 16.31
N LYS A 486 -32.66 31.94 15.50
CA LYS A 486 -33.57 31.61 14.39
C LYS A 486 -34.62 30.57 14.79
N ILE A 487 -34.52 30.09 16.02
CA ILE A 487 -35.51 29.15 16.54
C ILE A 487 -35.73 29.46 17.99
N ASP A 488 -36.97 29.34 18.43
CA ASP A 488 -37.33 29.63 19.80
C ASP A 488 -37.53 28.34 20.61
N GLY A 489 -37.14 28.40 21.88
CA GLY A 489 -37.48 27.40 22.87
C GLY A 489 -36.49 26.33 23.29
N ILE A 490 -35.24 26.38 22.84
CA ILE A 490 -34.32 25.29 23.12
C ILE A 490 -33.34 25.71 24.19
N THR A 491 -33.24 24.92 25.26
CA THR A 491 -32.40 25.28 26.38
C THR A 491 -31.10 24.47 26.49
N ASP A 492 -31.03 23.31 25.90
CA ASP A 492 -29.78 22.55 25.91
C ASP A 492 -29.77 21.62 24.72
N LEU A 493 -28.60 21.19 24.29
CA LEU A 493 -28.50 20.25 23.21
C LEU A 493 -27.35 19.34 23.55
N ARG A 494 -27.56 18.01 23.55
CA ARG A 494 -26.43 17.09 23.88
C ARG A 494 -26.45 15.86 23.01
N ASP A 495 -25.28 15.34 22.68
CA ASP A 495 -25.21 14.08 22.02
C ASP A 495 -24.89 13.03 23.08
N GLU A 496 -25.90 12.24 23.44
CA GLU A 496 -25.73 11.20 24.44
C GLU A 496 -25.50 9.82 23.82
N THR A 497 -25.26 9.80 22.51
CA THR A 497 -24.99 8.56 21.79
C THR A 497 -23.89 7.76 22.45
N SER A 498 -24.09 6.45 22.53
CA SER A 498 -23.08 5.54 23.09
C SER A 498 -23.28 4.19 22.49
N LEU A 499 -22.31 3.30 22.72
CA LEU A 499 -22.43 1.96 22.21
C LEU A 499 -23.58 1.24 22.86
N ARG A 500 -23.81 1.48 24.15
CA ARG A 500 -24.89 0.87 24.88
C ARG A 500 -26.27 1.33 24.48
N THR A 501 -26.45 2.61 24.30
CA THR A 501 -27.74 3.18 23.98
C THR A 501 -28.07 3.43 22.52
N GLY A 502 -27.11 3.38 21.62
CA GLY A 502 -27.41 3.75 20.24
C GLY A 502 -27.39 5.26 20.10
N VAL A 503 -27.81 5.77 18.96
CA VAL A 503 -27.88 7.20 18.75
C VAL A 503 -28.86 7.77 19.74
N ARG A 504 -28.46 8.83 20.42
CA ARG A 504 -29.40 9.53 21.27
C ARG A 504 -29.07 11.00 21.27
N VAL A 505 -29.87 11.81 20.64
CA VAL A 505 -29.55 13.22 20.62
C VAL A 505 -30.67 13.89 21.35
N VAL A 506 -30.34 14.76 22.27
CA VAL A 506 -31.35 15.25 23.21
C VAL A 506 -31.45 16.75 23.08
N ILE A 507 -32.66 17.26 22.90
CA ILE A 507 -32.84 18.70 22.84
C ILE A 507 -33.76 19.10 23.96
N ASP A 508 -33.26 19.81 24.96
CA ASP A 508 -34.14 20.29 26.06
C ASP A 508 -34.99 21.43 25.65
N VAL A 509 -36.19 21.50 26.16
CA VAL A 509 -37.13 22.48 25.70
C VAL A 509 -37.45 23.31 26.91
N ARG A 510 -37.59 24.63 26.70
CA ARG A 510 -37.96 25.56 27.76
C ARG A 510 -39.31 25.20 28.33
N LYS A 511 -39.43 25.30 29.65
CA LYS A 511 -40.66 25.01 30.35
C LYS A 511 -41.83 25.79 29.80
N ASP A 512 -42.91 25.07 29.51
CA ASP A 512 -44.15 25.66 28.99
C ASP A 512 -44.12 26.00 27.52
N ALA A 513 -42.98 25.79 26.84
CA ALA A 513 -42.93 25.89 25.40
C ALA A 513 -43.56 24.65 24.77
N ASN A 514 -44.09 24.78 23.57
CA ASN A 514 -44.72 23.66 22.90
C ASN A 514 -43.65 22.83 22.21
N ALA A 515 -43.37 21.65 22.72
CA ALA A 515 -42.30 20.83 22.15
C ALA A 515 -42.56 20.28 20.74
N SER A 516 -43.80 19.96 20.41
CA SER A 516 -44.12 19.51 19.09
C SER A 516 -43.87 20.62 18.06
N VAL A 517 -44.15 21.87 18.44
CA VAL A 517 -43.92 23.02 17.58
C VAL A 517 -42.42 23.16 17.34
N ILE A 518 -41.64 23.02 18.41
CA ILE A 518 -40.21 23.15 18.28
C ILE A 518 -39.65 22.07 17.34
N LEU A 519 -40.16 20.86 17.44
CA LEU A 519 -39.73 19.73 16.62
C LEU A 519 -40.09 19.92 15.17
N ASN A 520 -41.30 20.40 14.89
CA ASN A 520 -41.63 20.67 13.52
C ASN A 520 -40.74 21.73 12.89
N ASN A 521 -40.34 22.73 13.66
CA ASN A 521 -39.42 23.72 13.19
C ASN A 521 -38.04 23.17 12.93
N LEU A 522 -37.61 22.26 13.78
CA LEU A 522 -36.33 21.58 13.56
C LEU A 522 -36.31 20.75 12.28
N TYR A 523 -37.41 20.10 11.94
CA TYR A 523 -37.53 19.40 10.66
C TYR A 523 -37.42 20.32 9.47
N LYS A 524 -38.08 21.48 9.53
CA LYS A 524 -38.04 22.45 8.45
C LYS A 524 -36.68 23.11 8.31
N GLN A 525 -35.97 23.34 9.41
CA GLN A 525 -34.78 24.16 9.33
C GLN A 525 -33.45 23.48 9.55
N THR A 526 -33.48 22.17 9.74
CA THR A 526 -32.22 21.41 9.92
C THR A 526 -32.24 20.08 9.15
N PRO A 527 -31.08 19.38 9.08
CA PRO A 527 -31.12 18.06 8.43
C PRO A 527 -31.91 16.96 9.17
N LEU A 528 -32.54 17.31 10.26
CA LEU A 528 -33.32 16.37 11.01
C LEU A 528 -34.43 15.78 10.10
N GLN A 529 -34.81 16.50 9.05
CA GLN A 529 -35.63 15.99 7.98
C GLN A 529 -34.79 16.31 6.76
N THR A 530 -34.64 15.36 5.85
CA THR A 530 -33.78 15.60 4.72
C THR A 530 -34.42 14.89 3.56
N SER A 531 -34.07 15.27 2.37
CA SER A 531 -34.60 14.63 1.20
C SER A 531 -33.57 13.75 0.46
N PHE A 532 -34.03 12.59 -0.01
CA PHE A 532 -33.21 11.73 -0.84
C PHE A 532 -33.70 11.84 -2.25
N GLY A 533 -32.89 12.41 -3.14
CA GLY A 533 -33.35 12.59 -4.52
C GLY A 533 -32.99 11.37 -5.32
N VAL A 534 -33.98 10.56 -5.65
CA VAL A 534 -33.74 9.35 -6.37
C VAL A 534 -33.51 9.67 -7.82
N ASN A 535 -32.47 9.08 -8.41
CA ASN A 535 -32.14 9.28 -9.80
C ASN A 535 -31.44 7.98 -10.19
N MET A 536 -32.21 6.98 -10.60
CA MET A 536 -31.62 5.65 -10.77
C MET A 536 -30.96 5.41 -12.09
N ILE A 537 -29.68 5.73 -12.17
CA ILE A 537 -28.92 5.53 -13.39
C ILE A 537 -27.91 4.41 -13.15
N ALA A 538 -27.90 3.40 -13.99
CA ALA A 538 -26.92 2.33 -13.83
C ALA A 538 -26.53 2.00 -15.22
N LEU A 539 -25.47 1.22 -15.38
CA LEU A 539 -25.04 0.84 -16.70
C LEU A 539 -25.77 -0.44 -17.10
N VAL A 540 -26.35 -0.40 -18.28
CA VAL A 540 -27.13 -1.50 -18.85
C VAL A 540 -26.50 -1.79 -20.16
N ASN A 541 -25.93 -2.99 -20.31
CA ASN A 541 -25.14 -3.36 -21.49
C ASN A 541 -24.05 -2.32 -21.79
N GLY A 542 -23.39 -1.83 -20.76
CA GLY A 542 -22.29 -0.89 -21.01
C GLY A 542 -22.67 0.57 -21.25
N ARG A 543 -23.94 0.93 -21.11
CA ARG A 543 -24.34 2.30 -21.40
C ARG A 543 -25.14 2.85 -20.21
N PRO A 544 -24.92 4.15 -19.87
CA PRO A 544 -25.74 4.60 -18.74
C PRO A 544 -27.19 4.63 -19.15
N LYS A 545 -28.08 4.38 -18.19
CA LYS A 545 -29.51 4.40 -18.48
C LYS A 545 -30.30 4.70 -17.20
N LEU A 546 -31.31 5.56 -17.34
CA LEU A 546 -32.20 5.85 -16.25
C LEU A 546 -33.24 4.75 -16.22
N ILE A 547 -33.38 4.04 -15.10
CA ILE A 547 -34.24 2.87 -15.07
C ILE A 547 -35.22 2.98 -13.94
N ASN A 548 -36.40 2.36 -14.08
CA ASN A 548 -37.40 2.39 -13.03
C ASN A 548 -37.21 1.09 -12.25
N LEU A 549 -38.05 0.85 -11.23
CA LEU A 549 -37.88 -0.30 -10.38
C LEU A 549 -38.01 -1.65 -11.10
N LYS A 550 -38.99 -1.82 -11.98
CA LYS A 550 -39.18 -3.07 -12.64
C LYS A 550 -38.05 -3.35 -13.63
N GLU A 551 -37.57 -2.35 -14.33
CA GLU A 551 -36.49 -2.55 -15.26
C GLU A 551 -35.20 -2.98 -14.55
N ALA A 552 -34.94 -2.44 -13.35
CA ALA A 552 -33.83 -2.87 -12.54
C ALA A 552 -33.99 -4.33 -12.06
N LEU A 553 -35.19 -4.74 -11.67
CA LEU A 553 -35.41 -6.13 -11.35
C LEU A 553 -35.27 -7.08 -12.52
N VAL A 554 -35.79 -6.64 -13.67
CA VAL A 554 -35.74 -7.45 -14.91
C VAL A 554 -34.29 -7.72 -15.31
N HIS A 555 -33.46 -6.67 -15.34
CA HIS A 555 -32.06 -6.88 -15.70
C HIS A 555 -31.35 -7.78 -14.70
N TYR A 556 -31.72 -7.67 -13.44
CA TYR A 556 -31.15 -8.52 -12.42
C TYR A 556 -31.55 -9.98 -12.59
N LEU A 557 -32.82 -10.25 -12.85
CA LEU A 557 -33.28 -11.60 -13.03
C LEU A 557 -32.65 -12.21 -14.25
N GLU A 558 -32.47 -11.42 -15.31
CA GLU A 558 -31.83 -11.93 -16.52
C GLU A 558 -30.42 -12.36 -16.26
N HIS A 559 -29.70 -11.52 -15.51
CA HIS A 559 -28.32 -11.83 -15.14
C HIS A 559 -28.27 -13.16 -14.39
N GLN A 560 -29.21 -13.35 -13.47
CA GLN A 560 -29.26 -14.56 -12.68
C GLN A 560 -29.56 -15.80 -13.53
N LYS A 561 -30.44 -15.66 -14.52
CA LYS A 561 -30.80 -16.78 -15.41
C LYS A 561 -29.56 -17.16 -16.20
N THR A 562 -28.87 -16.13 -16.66
CA THR A 562 -27.63 -16.31 -17.38
C THR A 562 -26.53 -16.93 -16.51
N VAL A 563 -26.39 -16.49 -15.26
CA VAL A 563 -25.35 -17.06 -14.43
C VAL A 563 -25.62 -18.55 -14.17
N VAL A 564 -26.86 -18.88 -13.84
CA VAL A 564 -27.24 -20.27 -13.56
C VAL A 564 -27.14 -21.14 -14.81
N ARG A 565 -27.54 -20.61 -15.95
CA ARG A 565 -27.43 -21.35 -17.21
C ARG A 565 -25.96 -21.69 -17.53
N ARG A 566 -25.10 -20.70 -17.36
CA ARG A 566 -23.70 -20.85 -17.65
C ARG A 566 -23.07 -21.74 -16.62
N ARG A 567 -23.51 -21.65 -15.36
CA ARG A 567 -22.96 -22.49 -14.33
C ARG A 567 -23.31 -23.94 -14.64
N THR A 568 -24.56 -24.19 -15.04
CA THR A 568 -25.00 -25.52 -15.35
C THR A 568 -24.22 -26.11 -16.55
N GLN A 569 -24.00 -25.28 -17.58
CA GLN A 569 -23.26 -25.69 -18.74
C GLN A 569 -21.82 -26.02 -18.40
N TYR A 570 -21.22 -25.24 -17.49
CA TYR A 570 -19.85 -25.48 -17.09
C TYR A 570 -19.76 -26.81 -16.34
N ASN A 571 -20.66 -26.99 -15.39
CA ASN A 571 -20.69 -28.19 -14.62
C ASN A 571 -20.91 -29.45 -15.48
N LEU A 572 -21.75 -29.33 -16.50
CA LEU A 572 -22.04 -30.42 -17.43
C LEU A 572 -20.80 -30.74 -18.24
N ARG A 573 -20.14 -29.71 -18.76
CA ARG A 573 -18.89 -29.89 -19.49
C ARG A 573 -17.87 -30.58 -18.64
N LYS A 574 -17.80 -30.15 -17.39
CA LYS A 574 -16.83 -30.68 -16.45
C LYS A 574 -17.13 -32.12 -16.06
N ALA A 575 -18.39 -32.41 -15.87
CA ALA A 575 -18.81 -33.72 -15.46
C ALA A 575 -18.59 -34.75 -16.59
N LYS A 576 -18.87 -34.40 -17.82
CA LYS A 576 -18.54 -35.26 -18.93
C LYS A 576 -17.07 -35.45 -19.11
N ASP A 577 -16.28 -34.41 -18.87
CA ASP A 577 -14.84 -34.53 -19.00
C ASP A 577 -14.38 -35.59 -18.01
N ARG A 578 -14.94 -35.54 -16.80
CA ARG A 578 -14.56 -36.41 -15.74
C ARG A 578 -15.04 -37.85 -16.00
N ALA A 579 -16.25 -38.01 -16.49
CA ALA A 579 -16.75 -39.32 -16.78
C ALA A 579 -15.85 -40.00 -17.80
N HIS A 580 -15.38 -39.23 -18.77
CA HIS A 580 -14.52 -39.71 -19.78
C HIS A 580 -13.21 -40.23 -19.23
N ILE A 581 -12.61 -39.51 -18.28
CA ILE A 581 -11.39 -39.96 -17.67
C ILE A 581 -11.60 -41.28 -16.94
N LEU A 582 -12.71 -41.38 -16.21
CA LEU A 582 -13.00 -42.54 -15.41
C LEU A 582 -13.26 -43.77 -16.28
N GLU A 583 -13.76 -43.56 -17.47
CA GLU A 583 -13.95 -44.67 -18.38
C GLU A 583 -12.57 -45.16 -18.81
N GLY A 584 -11.60 -44.25 -18.90
CA GLY A 584 -10.27 -44.67 -19.24
C GLY A 584 -9.60 -45.35 -18.07
N LEU A 585 -9.92 -44.92 -16.86
CA LEU A 585 -9.32 -45.49 -15.65
C LEU A 585 -9.92 -46.87 -15.39
N ARG A 586 -11.21 -47.03 -15.72
N ARG A 586 -11.18 -47.05 -15.77
CA ARG A 586 -11.89 -48.27 -15.54
CA ARG A 586 -11.89 -48.30 -15.60
C ARG A 586 -11.22 -49.31 -16.46
C ARG A 586 -11.20 -49.31 -16.47
N ILE A 587 -10.95 -48.91 -17.71
CA ILE A 587 -10.33 -49.76 -18.67
C ILE A 587 -8.91 -50.09 -18.26
N ALA A 588 -8.19 -49.14 -17.72
CA ALA A 588 -6.85 -49.38 -17.28
C ALA A 588 -6.78 -50.38 -16.16
N LEU A 589 -7.65 -50.25 -15.14
CA LEU A 589 -7.63 -51.18 -14.02
C LEU A 589 -8.07 -52.58 -14.45
N ASP A 590 -9.02 -52.68 -15.36
CA ASP A 590 -9.48 -53.96 -15.88
C ASP A 590 -8.42 -54.69 -16.63
N HIS A 591 -7.44 -54.00 -17.17
CA HIS A 591 -6.42 -54.59 -17.95
C HIS A 591 -5.08 -54.25 -17.43
N ILE A 592 -4.95 -54.12 -16.12
CA ILE A 592 -3.79 -53.46 -15.56
C ILE A 592 -2.43 -54.10 -15.82
N ASP A 593 -2.36 -55.42 -15.93
CA ASP A 593 -1.08 -56.02 -16.18
C ASP A 593 -0.55 -55.64 -17.55
N GLU A 594 -1.45 -55.60 -18.51
CA GLU A 594 -1.12 -55.26 -19.87
C GLU A 594 -0.83 -53.77 -20.00
N ILE A 595 -1.53 -52.94 -19.25
CA ILE A 595 -1.25 -51.51 -19.21
C ILE A 595 0.16 -51.26 -18.72
N ILE A 596 0.55 -51.87 -17.61
CA ILE A 596 1.86 -51.65 -17.05
C ILE A 596 2.94 -52.16 -17.96
N SER A 597 2.70 -53.30 -18.60
CA SER A 597 3.73 -53.86 -19.45
C SER A 597 3.86 -53.00 -20.70
N THR A 598 2.75 -52.42 -21.15
CA THR A 598 2.78 -51.52 -22.27
C THR A 598 3.70 -50.34 -21.93
N ILE A 599 3.51 -49.76 -20.73
CA ILE A 599 4.31 -48.65 -20.30
C ILE A 599 5.77 -49.05 -20.08
N ARG A 600 6.01 -50.17 -19.42
CA ARG A 600 7.39 -50.59 -19.14
C ARG A 600 8.19 -50.76 -20.41
N GLU A 601 7.51 -51.22 -21.45
CA GLU A 601 8.10 -51.52 -22.74
C GLU A 601 8.32 -50.26 -23.61
N SER A 602 7.81 -49.12 -23.18
CA SER A 602 7.93 -47.89 -23.95
C SER A 602 9.11 -47.06 -23.47
N ASP A 603 9.93 -46.63 -24.42
CA ASP A 603 11.13 -45.86 -24.13
C ASP A 603 10.81 -44.49 -23.59
N THR A 604 9.80 -43.87 -24.17
CA THR A 604 9.41 -42.51 -23.80
C THR A 604 7.92 -42.38 -23.55
N ASP A 605 7.59 -41.23 -22.98
CA ASP A 605 6.25 -40.86 -22.63
C ASP A 605 5.34 -40.89 -23.85
N LYS A 606 5.83 -40.33 -24.95
CA LYS A 606 5.07 -40.25 -26.19
C LYS A 606 4.73 -41.64 -26.74
N VAL A 607 5.71 -42.54 -26.71
CA VAL A 607 5.50 -43.87 -27.25
C VAL A 607 4.45 -44.61 -26.44
N ALA A 608 4.50 -44.44 -25.11
CA ALA A 608 3.53 -45.07 -24.23
C ALA A 608 2.12 -44.58 -24.53
N MET A 609 1.98 -43.29 -24.74
CA MET A 609 0.67 -42.70 -25.06
C MET A 609 0.07 -43.28 -26.34
N GLU A 610 0.87 -43.37 -27.39
CA GLU A 610 0.41 -43.91 -28.65
C GLU A 610 0.04 -45.39 -28.49
N SER A 611 0.87 -46.14 -27.77
CA SER A 611 0.61 -47.56 -27.58
C SER A 611 -0.67 -47.83 -26.77
N LEU A 612 -0.86 -47.08 -25.69
CA LEU A 612 -2.04 -47.23 -24.89
C LEU A 612 -3.29 -46.91 -25.71
N GLN A 613 -3.25 -45.80 -26.45
CA GLN A 613 -4.38 -45.38 -27.27
C GLN A 613 -4.80 -46.36 -28.38
N GLN A 614 -3.83 -46.92 -29.11
CA GLN A 614 -4.11 -47.86 -30.15
C GLN A 614 -4.64 -49.18 -29.62
N ARG A 615 -3.94 -49.67 -28.61
CA ARG A 615 -4.21 -50.97 -27.99
C ARG A 615 -5.54 -51.01 -27.24
N PHE A 616 -5.84 -49.94 -26.50
CA PHE A 616 -7.06 -49.92 -25.67
C PHE A 616 -8.14 -48.94 -26.10
N LYS A 617 -8.05 -48.39 -27.31
CA LYS A 617 -9.09 -47.49 -27.80
C LYS A 617 -9.24 -46.32 -26.81
N LEU A 618 -8.13 -45.72 -26.44
CA LEU A 618 -8.15 -44.63 -25.46
C LEU A 618 -7.88 -43.29 -26.11
N SER A 619 -8.58 -42.26 -25.65
CA SER A 619 -8.28 -40.90 -26.13
C SER A 619 -6.96 -40.41 -25.53
N GLU A 620 -6.47 -39.31 -26.07
CA GLU A 620 -5.25 -38.71 -25.63
C GLU A 620 -5.38 -38.30 -24.18
N LYS A 621 -6.52 -37.76 -23.80
CA LYS A 621 -6.75 -37.41 -22.43
C LYS A 621 -6.85 -38.59 -21.45
N GLN A 622 -7.37 -39.73 -21.91
CA GLN A 622 -7.47 -40.92 -21.06
C GLN A 622 -6.12 -41.51 -20.79
N ALA A 623 -5.31 -41.54 -21.82
CA ALA A 623 -3.99 -42.14 -21.74
C ALA A 623 -3.09 -41.31 -20.81
N GLN A 624 -3.22 -39.98 -20.83
CA GLN A 624 -2.45 -39.10 -20.00
C GLN A 624 -2.83 -39.31 -18.58
N ALA A 625 -4.14 -39.47 -18.35
CA ALA A 625 -4.64 -39.72 -17.02
C ALA A 625 -4.14 -41.06 -16.48
N ILE A 626 -4.05 -42.07 -17.32
CA ILE A 626 -3.53 -43.32 -16.91
C ILE A 626 -2.06 -43.21 -16.57
N LEU A 627 -1.28 -42.55 -17.41
CA LEU A 627 0.13 -42.34 -17.11
C LEU A 627 0.36 -41.48 -15.88
N ASP A 628 -0.61 -40.67 -15.53
CA ASP A 628 -0.50 -39.83 -14.32
C ASP A 628 -0.97 -40.51 -13.05
N MET A 629 -1.57 -41.69 -13.19
CA MET A 629 -2.08 -42.43 -12.07
C MET A 629 -0.98 -42.85 -11.12
N ARG A 630 -1.23 -42.66 -9.81
CA ARG A 630 -0.23 -43.11 -8.84
C ARG A 630 -0.47 -44.57 -8.53
N LEU A 631 0.56 -45.31 -8.12
CA LEU A 631 0.45 -46.69 -7.72
C LEU A 631 -0.57 -46.94 -6.62
N ARG A 632 -0.77 -45.99 -5.73
CA ARG A 632 -1.64 -46.23 -4.61
C ARG A 632 -3.07 -46.30 -5.09
N ARG A 633 -3.31 -46.05 -6.35
CA ARG A 633 -4.63 -46.20 -6.82
C ARG A 633 -5.00 -47.59 -7.27
N LEU A 634 -4.06 -48.50 -7.15
CA LEU A 634 -4.26 -49.88 -7.49
C LEU A 634 -4.77 -50.66 -6.28
N THR A 635 -4.97 -49.98 -5.16
CA THR A 635 -5.45 -50.65 -3.96
C THR A 635 -6.92 -51.06 -4.11
N GLY A 636 -7.34 -51.98 -3.25
N GLY A 636 -7.44 -51.73 -3.08
CA GLY A 636 -8.63 -52.68 -3.34
CA GLY A 636 -8.88 -52.02 -2.97
C GLY A 636 -9.94 -51.91 -3.51
C GLY A 636 -9.80 -50.80 -2.78
N LEU A 637 -10.12 -50.85 -2.71
N LEU A 637 -9.46 -49.92 -1.83
CA LEU A 637 -11.36 -50.08 -2.71
CA LEU A 637 -10.37 -48.80 -1.51
C LEU A 637 -11.55 -49.18 -3.94
C LEU A 637 -10.39 -47.69 -2.58
N GLU A 638 -10.77 -49.43 -4.99
N GLU A 638 -9.23 -47.42 -3.16
CA GLU A 638 -10.72 -48.48 -6.12
CA GLU A 638 -9.14 -46.47 -4.24
C GLU A 638 -11.56 -48.85 -7.34
C GLU A 638 -9.78 -46.99 -5.54
N ARG A 639 -11.47 -50.10 -7.79
N ARG A 639 -9.71 -48.30 -5.72
CA ARG A 639 -12.28 -50.56 -8.91
CA ARG A 639 -10.29 -49.00 -6.84
C ARG A 639 -13.72 -50.15 -8.60
C ARG A 639 -11.81 -48.89 -6.81
N ASP A 640 -14.23 -50.50 -7.43
N ASP A 640 -12.39 -49.18 -5.65
CA ASP A 640 -15.54 -50.00 -7.01
CA ASP A 640 -13.83 -49.15 -5.51
C ASP A 640 -15.58 -48.49 -6.65
C ASP A 640 -14.33 -47.75 -5.73
N LYS A 641 -14.54 -47.95 -6.00
N LYS A 641 -13.55 -46.76 -5.29
CA LYS A 641 -14.57 -46.51 -5.64
CA LYS A 641 -13.92 -45.37 -5.50
C LYS A 641 -14.59 -45.55 -6.85
C LYS A 641 -14.34 -45.13 -6.94
N ILE A 642 -13.88 -45.91 -7.89
CA ILE A 642 -13.93 -45.28 -9.18
C ILE A 642 -15.31 -45.47 -9.76
N GLU A 643 -15.83 -46.68 -9.62
CA GLU A 643 -17.15 -46.99 -10.13
C GLU A 643 -18.20 -46.21 -9.32
N ALA A 644 -17.91 -45.94 -8.06
CA ALA A 644 -18.81 -45.15 -7.23
C ALA A 644 -18.91 -43.70 -7.72
N GLU A 645 -17.77 -43.12 -8.09
CA GLU A 645 -17.74 -41.78 -8.57
C GLU A 645 -18.45 -41.73 -9.90
N TYR A 646 -18.15 -42.71 -10.73
CA TYR A 646 -18.72 -42.77 -12.06
C TYR A 646 -20.21 -42.88 -12.04
N ASN A 647 -20.74 -43.56 -11.03
CA ASN A 647 -22.16 -43.70 -10.95
C ASN A 647 -22.89 -42.46 -10.55
N GLU A 648 -22.36 -41.73 -9.58
CA GLU A 648 -22.91 -40.47 -9.19
C GLU A 648 -22.85 -39.44 -10.34
N LEU A 649 -21.78 -39.45 -11.12
CA LEU A 649 -21.63 -38.49 -12.19
C LEU A 649 -22.69 -38.62 -13.23
N LEU A 650 -23.07 -39.87 -13.50
CA LEU A 650 -24.07 -40.15 -14.53
C LEU A 650 -25.40 -39.66 -14.05
N ASN A 651 -25.59 -39.82 -12.80
N ASN A 651 -25.65 -39.84 -12.79
CA ASN A 651 -26.74 -39.26 -12.30
CA ASN A 651 -26.84 -39.21 -12.30
C ASN A 651 -26.74 -37.74 -12.37
C ASN A 651 -26.75 -37.68 -12.40
N TYR A 652 -25.62 -37.13 -11.99
CA TYR A 652 -25.45 -35.71 -12.00
C TYR A 652 -25.58 -35.16 -13.39
N ILE A 653 -24.99 -35.86 -14.34
CA ILE A 653 -25.03 -35.41 -15.72
C ILE A 653 -26.49 -35.30 -16.18
N SER A 654 -27.29 -36.28 -15.79
CA SER A 654 -28.68 -36.31 -16.14
C SER A 654 -29.43 -35.14 -15.51
N GLU A 655 -29.11 -34.84 -14.26
N GLU A 655 -29.16 -34.83 -14.25
CA GLU A 655 -29.72 -33.72 -13.55
CA GLU A 655 -29.80 -33.68 -13.59
C GLU A 655 -29.43 -32.37 -14.23
C GLU A 655 -29.45 -32.34 -14.30
N LEU A 656 -28.18 -32.19 -14.65
CA LEU A 656 -27.77 -30.96 -15.35
C LEU A 656 -28.45 -30.82 -16.70
N GLU A 657 -28.62 -31.96 -17.38
CA GLU A 657 -29.28 -31.94 -18.70
C GLU A 657 -30.75 -31.56 -18.64
N THR A 658 -31.43 -31.96 -17.57
CA THR A 658 -32.80 -31.65 -17.36
C THR A 658 -32.96 -30.17 -17.22
N ILE A 659 -32.07 -29.52 -16.49
CA ILE A 659 -32.14 -28.10 -16.29
C ILE A 659 -31.97 -27.38 -17.62
N LEU A 660 -31.01 -27.80 -18.43
CA LEU A 660 -30.75 -27.11 -19.70
C LEU A 660 -31.86 -27.35 -20.71
N ALA A 661 -32.57 -28.46 -20.59
CA ALA A 661 -33.63 -28.82 -21.50
C ALA A 661 -34.93 -28.04 -21.29
N ASP A 662 -35.27 -27.67 -20.06
CA ASP A 662 -36.48 -26.94 -19.77
C ASP A 662 -36.21 -25.59 -19.10
N GLU A 663 -36.61 -24.49 -19.74
CA GLU A 663 -36.46 -23.13 -19.20
C GLU A 663 -37.14 -22.99 -17.85
N GLU A 664 -38.30 -23.63 -17.71
CA GLU A 664 -39.03 -23.56 -16.46
C GLU A 664 -38.28 -24.19 -15.30
N VAL A 665 -37.60 -25.28 -15.58
CA VAL A 665 -36.80 -25.96 -14.56
C VAL A 665 -35.62 -25.06 -14.18
N LEU A 666 -34.98 -24.45 -15.17
CA LEU A 666 -33.88 -23.52 -14.93
C LEU A 666 -34.35 -22.30 -14.11
N LEU A 667 -35.54 -21.81 -14.45
CA LEU A 667 -36.12 -20.70 -13.77
C LEU A 667 -36.44 -21.03 -12.33
N GLN A 668 -36.96 -22.23 -12.12
CA GLN A 668 -37.28 -22.68 -10.74
C GLN A 668 -36.02 -22.80 -9.88
N LEU A 669 -34.92 -23.20 -10.51
CA LEU A 669 -33.66 -23.34 -9.81
C LEU A 669 -33.19 -21.95 -9.32
N VAL A 670 -33.36 -20.95 -10.18
CA VAL A 670 -33.03 -19.57 -9.83
C VAL A 670 -33.92 -19.16 -8.67
N ARG A 671 -35.22 -19.47 -8.76
CA ARG A 671 -36.13 -19.14 -7.68
C ARG A 671 -35.70 -19.77 -6.38
N ASP A 672 -35.36 -21.06 -6.44
CA ASP A 672 -34.98 -21.79 -5.23
C ASP A 672 -33.71 -21.22 -4.58
N GLU A 673 -32.70 -20.93 -5.37
CA GLU A 673 -31.45 -20.43 -4.80
C GLU A 673 -31.64 -19.02 -4.20
N LEU A 674 -32.48 -18.19 -4.82
CA LEU A 674 -32.81 -16.86 -4.30
C LEU A 674 -33.55 -16.99 -2.97
N THR A 675 -34.44 -17.98 -2.89
CA THR A 675 -35.23 -18.20 -1.68
C THR A 675 -34.32 -18.67 -0.55
N GLU A 676 -33.33 -19.47 -0.86
N GLU A 676 -33.33 -19.50 -0.83
CA GLU A 676 -32.45 -19.86 0.20
CA GLU A 676 -32.44 -19.86 0.25
C GLU A 676 -31.65 -18.66 0.72
C GLU A 676 -31.65 -18.65 0.73
N ILE A 677 -31.24 -17.80 -0.19
CA ILE A 677 -30.49 -16.60 0.15
C ILE A 677 -31.35 -15.64 0.99
N ARG A 678 -32.65 -15.55 0.68
CA ARG A 678 -33.57 -14.72 1.41
C ARG A 678 -33.73 -15.24 2.83
N ASP A 679 -33.86 -16.56 3.00
CA ASP A 679 -33.99 -17.16 4.32
C ASP A 679 -32.66 -17.07 5.10
N ARG A 680 -31.53 -17.04 4.42
N ARG A 680 -31.50 -17.14 4.44
CA ARG A 680 -30.33 -16.97 5.18
CA ARG A 680 -30.22 -17.01 5.18
C ARG A 680 -29.87 -15.55 5.58
C ARG A 680 -29.89 -15.58 5.65
N PHE A 681 -30.17 -14.56 4.80
CA PHE A 681 -29.61 -13.19 4.92
C PHE A 681 -30.72 -12.12 5.03
N GLY A 682 -31.96 -12.51 4.72
CA GLY A 682 -33.11 -11.63 4.80
C GLY A 682 -33.34 -11.17 6.22
N ASP A 683 -33.59 -9.89 6.37
CA ASP A 683 -33.76 -9.35 7.70
C ASP A 683 -34.94 -8.39 7.76
N ASP A 684 -35.26 -7.92 8.96
CA ASP A 684 -36.39 -7.02 9.16
C ASP A 684 -36.17 -5.62 8.62
N ARG A 685 -37.27 -5.01 8.21
CA ARG A 685 -37.28 -3.67 7.74
C ARG A 685 -36.91 -2.73 8.88
N ARG A 686 -36.10 -1.74 8.59
CA ARG A 686 -35.67 -0.75 9.59
C ARG A 686 -36.36 0.60 9.43
N THR A 687 -36.50 1.08 8.20
CA THR A 687 -37.07 2.39 7.98
C THR A 687 -38.58 2.28 7.95
N GLU A 688 -39.28 3.11 8.72
CA GLU A 688 -40.74 3.03 8.75
C GLU A 688 -41.32 3.99 7.72
N ILE A 689 -42.24 3.52 6.90
CA ILE A 689 -42.90 4.37 5.96
C ILE A 689 -44.23 4.80 6.57
N GLN A 690 -44.36 6.07 6.89
CA GLN A 690 -45.63 6.55 7.47
C GLN A 690 -46.52 7.19 6.43
N LEU A 691 -47.79 6.85 6.44
CA LEU A 691 -48.80 7.50 5.60
C LEU A 691 -49.48 8.51 6.48
N GLY A 692 -49.46 9.78 6.10
CA GLY A 692 -48.81 10.27 4.91
C GLY A 692 -48.93 11.78 4.86
N GLY B 8 -9.54 22.47 19.33
CA GLY B 8 -10.51 22.13 18.26
C GLY B 8 -10.46 20.66 17.89
N LYS B 9 -9.36 19.99 18.25
CA LYS B 9 -9.25 18.54 18.10
C LYS B 9 -9.88 17.78 19.28
N LEU B 10 -10.13 18.51 20.36
CA LEU B 10 -10.68 17.99 21.60
C LEU B 10 -12.16 17.61 21.47
N ALA B 11 -12.48 16.40 21.93
CA ALA B 11 -13.84 15.96 21.99
C ALA B 11 -14.20 15.90 23.43
N ASP B 12 -14.85 16.93 23.96
CA ASP B 12 -15.14 17.02 25.38
C ASP B 12 -16.28 16.13 25.84
N CYS B 13 -16.38 15.96 27.15
CA CYS B 13 -17.50 15.29 27.80
C CYS B 13 -18.52 16.36 28.21
N SER B 14 -19.80 15.99 28.25
CA SER B 14 -20.88 16.95 28.62
C SER B 14 -20.87 17.45 30.08
N SER B 15 -20.54 16.59 31.03
CA SER B 15 -20.48 17.02 32.41
C SER B 15 -19.53 18.20 32.58
N LYS B 16 -19.88 19.12 33.45
CA LYS B 16 -19.03 20.27 33.73
C LYS B 16 -18.46 20.21 35.14
N SER B 17 -18.58 19.05 35.75
CA SER B 17 -18.07 18.81 37.10
C SER B 17 -16.71 18.08 37.07
N PRO B 18 -15.58 18.81 37.23
CA PRO B 18 -14.31 18.06 37.10
C PRO B 18 -14.12 16.98 38.06
N GLU B 19 -14.82 17.02 39.11
N GLU B 19 -14.78 17.01 39.15
CA GLU B 19 -14.43 15.95 39.91
CA GLU B 19 -14.31 15.86 39.83
C GLU B 19 -14.69 14.50 39.30
C GLU B 19 -14.62 14.47 39.20
N GLU B 20 -15.68 14.34 38.42
CA GLU B 20 -16.05 13.03 37.83
C GLU B 20 -15.61 12.88 36.34
N CYS B 21 -14.93 13.90 35.83
CA CYS B 21 -14.49 13.96 34.45
C CYS B 21 -13.09 13.41 34.20
N GLU B 22 -12.93 12.72 33.08
CA GLU B 22 -11.65 12.14 32.68
C GLU B 22 -11.30 12.53 31.27
N ILE B 23 -10.05 12.92 31.03
CA ILE B 23 -9.60 13.26 29.69
C ILE B 23 -8.56 12.22 29.24
N PHE B 24 -8.76 11.65 28.07
CA PHE B 24 -7.80 10.69 27.55
C PHE B 24 -6.92 11.29 26.48
N LEU B 25 -5.61 11.10 26.65
CA LEU B 25 -4.62 11.52 25.68
C LEU B 25 -4.20 10.31 24.82
N VAL B 26 -4.43 10.41 23.52
CA VAL B 26 -4.11 9.30 22.59
C VAL B 26 -3.19 9.79 21.49
N GLU B 27 -2.56 8.86 20.77
CA GLU B 27 -1.52 9.21 19.79
C GLU B 27 -1.91 9.99 18.52
N GLY B 28 -3.11 9.73 18.00
CA GLY B 28 -3.50 10.32 16.71
C GLY B 28 -4.94 10.04 16.51
N ASP B 29 -5.43 10.36 15.32
CA ASP B 29 -6.85 10.21 14.97
C ASP B 29 -7.23 8.75 14.78
N SER B 30 -6.23 7.92 14.45
CA SER B 30 -6.52 6.50 14.27
C SER B 30 -7.06 5.95 15.57
N ALA B 31 -6.32 6.21 16.64
CA ALA B 31 -6.73 5.81 17.97
C ALA B 31 -7.90 6.63 18.43
N GLY B 32 -7.92 7.91 18.07
CA GLY B 32 -8.92 8.83 18.60
C GLY B 32 -10.36 8.47 18.26
N GLY B 33 -10.54 7.95 17.07
CA GLY B 33 -11.86 7.59 16.59
C GLY B 33 -12.42 6.36 17.30
N SER B 34 -11.57 5.38 17.61
CA SER B 34 -12.07 4.20 18.33
C SER B 34 -12.43 4.71 19.74
N THR B 35 -11.62 5.64 20.19
N THR B 35 -11.60 5.53 20.30
CA THR B 35 -11.71 6.12 21.51
CA THR B 35 -11.88 5.98 21.61
C THR B 35 -13.02 6.91 21.72
C THR B 35 -13.05 6.96 21.75
N LYS B 36 -13.26 7.83 20.78
CA LYS B 36 -14.50 8.62 20.80
C LYS B 36 -15.77 7.78 20.69
N SER B 37 -15.74 6.68 19.95
CA SER B 37 -16.95 5.89 19.79
C SER B 37 -17.25 5.04 21.02
N GLY B 38 -16.18 4.55 21.64
CA GLY B 38 -16.33 3.63 22.75
C GLY B 38 -16.52 4.25 24.10
N ARG B 39 -16.19 5.53 24.24
CA ARG B 39 -16.23 6.19 25.54
C ARG B 39 -17.62 6.46 26.10
N ASP B 40 -17.67 6.99 27.31
CA ASP B 40 -18.87 7.48 27.91
C ASP B 40 -18.73 8.99 27.71
N SER B 41 -19.47 9.55 26.76
CA SER B 41 -19.32 10.96 26.43
C SER B 41 -19.70 11.92 27.57
N ARG B 42 -20.44 11.40 28.54
CA ARG B 42 -20.88 12.16 29.68
C ARG B 42 -19.69 12.61 30.53
N THR B 43 -18.79 11.69 30.80
CA THR B 43 -17.67 12.04 31.67
C THR B 43 -16.31 11.95 31.05
N GLN B 44 -16.19 11.42 29.83
CA GLN B 44 -14.88 11.18 29.29
C GLN B 44 -14.59 11.99 28.06
N ALA B 45 -13.50 12.74 28.08
CA ALA B 45 -13.06 13.51 26.94
C ALA B 45 -11.86 12.86 26.23
N ILE B 46 -11.65 13.17 24.95
CA ILE B 46 -10.52 12.63 24.21
C ILE B 46 -9.78 13.74 23.55
N LEU B 47 -8.48 13.78 23.73
CA LEU B 47 -7.71 14.73 23.00
C LEU B 47 -6.65 13.92 22.26
N PRO B 48 -6.76 13.85 20.95
CA PRO B 48 -5.73 13.17 20.15
C PRO B 48 -4.56 14.07 19.92
N LEU B 49 -3.37 13.53 20.06
CA LEU B 49 -2.16 14.32 19.82
C LEU B 49 -1.64 14.07 18.40
N ARG B 50 -0.39 14.35 18.11
CA ARG B 50 0.10 14.15 16.76
C ARG B 50 1.41 13.44 16.72
N GLY B 51 1.45 12.20 17.18
CA GLY B 51 2.70 11.43 17.20
C GLY B 51 3.63 11.96 18.23
N LYS B 52 4.91 11.97 17.92
CA LYS B 52 5.91 12.31 18.93
C LYS B 52 5.72 13.78 19.28
N ILE B 53 5.73 14.14 20.56
CA ILE B 53 5.54 15.53 20.95
C ILE B 53 6.87 16.09 21.45
N LEU B 54 6.91 17.39 21.54
CA LEU B 54 8.10 18.09 21.91
C LEU B 54 8.72 17.60 23.21
N ASN B 55 10.02 17.38 23.23
CA ASN B 55 10.69 17.05 24.49
C ASN B 55 11.02 18.39 25.16
N VAL B 56 10.32 18.72 26.24
CA VAL B 56 10.49 20.05 26.83
C VAL B 56 11.75 20.12 27.66
N GLU B 57 12.31 18.98 27.98
CA GLU B 57 13.58 18.99 28.66
C GLU B 57 14.72 19.49 27.76
N LYS B 58 14.57 19.40 26.45
CA LYS B 58 15.61 19.84 25.54
C LYS B 58 15.26 21.13 24.81
N ALA B 59 14.06 21.65 25.01
CA ALA B 59 13.66 22.78 24.19
C ALA B 59 13.79 24.11 24.93
N ARG B 60 13.91 25.20 24.17
CA ARG B 60 13.88 26.57 24.72
C ARG B 60 12.43 26.85 25.08
N LEU B 61 12.21 27.71 26.07
CA LEU B 61 10.92 27.94 26.66
C LEU B 61 9.92 28.58 25.72
N ASP B 62 10.40 29.45 24.86
CA ASP B 62 9.53 30.12 23.92
C ASP B 62 9.02 29.14 22.90
N ARG B 63 9.86 28.17 22.56
CA ARG B 63 9.47 27.11 21.64
C ARG B 63 8.38 26.26 22.26
N ILE B 64 8.55 25.94 23.54
CA ILE B 64 7.60 25.15 24.26
C ILE B 64 6.26 25.84 24.32
N LEU B 65 6.28 27.14 24.56
CA LEU B 65 5.04 27.89 24.69
C LEU B 65 4.33 28.08 23.36
N ASN B 66 5.08 28.03 22.27
CA ASN B 66 4.55 28.25 20.95
C ASN B 66 4.15 26.95 20.21
N ASN B 67 4.37 25.80 20.83
CA ASN B 67 4.09 24.53 20.22
C ASN B 67 2.62 24.21 20.34
N ASN B 68 2.02 23.87 19.21
CA ASN B 68 0.57 23.68 19.17
C ASN B 68 0.04 22.54 20.00
N GLU B 69 0.75 21.42 20.03
CA GLU B 69 0.30 20.31 20.80
C GLU B 69 0.34 20.61 22.28
N ILE B 70 1.37 21.30 22.73
CA ILE B 70 1.49 21.69 24.10
C ILE B 70 0.39 22.65 24.53
N ARG B 71 0.04 23.60 23.68
CA ARG B 71 -0.96 24.58 24.00
C ARG B 71 -2.31 23.95 24.18
N GLN B 72 -2.59 22.96 23.35
CA GLN B 72 -3.88 22.35 23.32
C GLN B 72 -4.14 21.60 24.61
N MET B 73 -3.09 21.01 25.16
CA MET B 73 -3.19 20.34 26.42
C MET B 73 -3.44 21.35 27.53
N ILE B 74 -2.73 22.46 27.49
CA ILE B 74 -2.82 23.44 28.54
C ILE B 74 -4.22 24.03 28.56
N THR B 75 -4.73 24.32 27.38
CA THR B 75 -6.04 24.83 27.24
C THR B 75 -7.07 23.83 27.68
N ALA B 76 -6.87 22.56 27.38
CA ALA B 76 -7.80 21.53 27.76
C ALA B 76 -7.82 21.28 29.27
N PHE B 77 -6.64 21.29 29.88
CA PHE B 77 -6.56 21.01 31.30
C PHE B 77 -7.15 22.19 32.06
N GLY B 78 -6.83 23.39 31.59
CA GLY B 78 -7.43 24.59 32.11
C GLY B 78 -6.72 25.18 33.30
N THR B 79 -5.60 24.61 33.69
CA THR B 79 -4.91 25.06 34.88
C THR B 79 -3.83 26.09 34.65
N GLY B 80 -3.44 26.34 33.40
CA GLY B 80 -2.28 27.17 33.12
C GLY B 80 -0.99 26.43 33.51
N ILE B 81 0.14 27.08 33.29
CA ILE B 81 1.45 26.42 33.47
C ILE B 81 2.43 27.19 34.33
N GLY B 82 3.37 26.45 34.92
CA GLY B 82 4.40 27.00 35.79
C GLY B 82 3.83 27.74 37.00
N GLY B 83 4.27 28.99 37.16
CA GLY B 83 3.89 29.85 38.27
C GLY B 83 2.40 30.06 38.39
N ASP B 84 1.73 30.21 37.26
CA ASP B 84 0.28 30.48 37.23
C ASP B 84 -0.56 29.22 37.33
N PHE B 85 0.08 28.06 37.43
CA PHE B 85 -0.65 26.84 37.49
C PHE B 85 -1.63 26.95 38.62
N ASP B 86 -2.89 26.60 38.41
CA ASP B 86 -3.87 26.61 39.47
C ASP B 86 -4.57 25.29 39.49
N LEU B 87 -4.34 24.47 40.51
CA LEU B 87 -4.93 23.15 40.51
C LEU B 87 -6.44 23.16 40.57
N ALA B 88 -6.98 24.17 41.22
CA ALA B 88 -8.38 24.19 41.47
C ALA B 88 -9.11 24.44 40.17
N LYS B 89 -8.40 25.01 39.20
CA LYS B 89 -8.99 25.31 37.92
C LYS B 89 -8.98 24.14 36.91
N ALA B 90 -8.46 22.98 37.32
CA ALA B 90 -8.42 21.82 36.45
C ALA B 90 -9.80 21.43 35.98
N ARG B 91 -9.92 21.06 34.71
CA ARG B 91 -11.21 20.71 34.14
C ARG B 91 -11.49 19.21 34.20
N TYR B 92 -10.49 18.43 34.62
CA TYR B 92 -10.61 16.97 34.73
C TYR B 92 -9.76 16.56 35.89
N HIS B 93 -10.29 15.69 36.73
CA HIS B 93 -9.54 15.20 37.89
C HIS B 93 -8.77 13.96 37.50
N LYS B 94 -9.01 13.49 36.30
CA LYS B 94 -8.28 12.34 35.75
C LYS B 94 -7.72 12.72 34.38
N ILE B 95 -6.42 12.68 34.21
CA ILE B 95 -5.77 12.94 32.92
C ILE B 95 -5.14 11.59 32.62
N VAL B 96 -5.59 10.94 31.57
CA VAL B 96 -5.13 9.56 31.30
C VAL B 96 -4.28 9.47 30.02
N ILE B 97 -3.07 8.95 30.15
CA ILE B 97 -2.20 8.75 29.02
C ILE B 97 -2.50 7.40 28.40
N MET B 98 -2.99 7.41 27.18
CA MET B 98 -3.35 6.19 26.48
C MET B 98 -2.64 6.11 25.13
N THR B 99 -1.36 5.83 25.17
CA THR B 99 -0.57 5.69 23.93
C THR B 99 -0.68 4.23 23.48
N ASP B 100 -0.11 3.91 22.32
CA ASP B 100 -0.09 2.51 21.84
C ASP B 100 0.79 1.68 22.75
N ALA B 101 0.39 0.43 22.93
CA ALA B 101 1.14 -0.50 23.75
C ALA B 101 2.36 -1.02 22.98
N ASP B 102 3.25 -0.12 22.61
CA ASP B 102 4.44 -0.50 21.93
C ASP B 102 5.57 0.46 22.30
N VAL B 103 6.77 0.24 21.77
CA VAL B 103 7.94 1.03 22.19
C VAL B 103 7.83 2.53 21.88
N ASP B 104 7.14 2.91 20.81
CA ASP B 104 6.96 4.33 20.56
C ASP B 104 5.88 4.91 21.43
N GLY B 105 4.88 4.08 21.76
CA GLY B 105 3.88 4.41 22.75
C GLY B 105 4.59 4.75 24.07
N ALA B 106 5.55 3.95 24.48
CA ALA B 106 6.31 4.23 25.64
C ALA B 106 7.09 5.55 25.58
N HIS B 107 7.72 5.85 24.46
CA HIS B 107 8.46 7.07 24.31
C HIS B 107 7.58 8.27 24.46
N ILE B 108 6.39 8.20 23.88
CA ILE B 108 5.48 9.33 23.86
C ILE B 108 4.99 9.59 25.26
N ARG B 109 4.84 8.53 26.03
CA ARG B 109 4.54 8.65 27.42
C ARG B 109 5.68 9.31 28.21
N THR B 110 6.94 9.01 27.92
CA THR B 110 8.00 9.66 28.66
C THR B 110 8.04 11.13 28.31
N LEU B 111 7.71 11.46 27.07
CA LEU B 111 7.63 12.82 26.65
C LEU B 111 6.49 13.54 27.32
N LEU B 112 5.36 12.88 27.54
CA LEU B 112 4.23 13.53 28.16
C LEU B 112 4.48 13.74 29.66
N LEU B 113 5.04 12.72 30.30
CA LEU B 113 5.31 12.86 31.70
C LEU B 113 6.30 13.98 31.96
N THR B 114 7.25 14.14 31.05
CA THR B 114 8.29 15.12 31.20
C THR B 114 7.68 16.49 31.12
N PHE B 115 6.70 16.65 30.26
CA PHE B 115 6.01 17.90 30.21
C PHE B 115 5.20 18.13 31.48
N PHE B 116 4.48 17.12 31.95
CA PHE B 116 3.69 17.29 33.17
C PHE B 116 4.56 17.63 34.38
N TYR B 117 5.72 17.00 34.45
CA TYR B 117 6.61 17.18 35.55
C TYR B 117 7.30 18.52 35.60
N ARG B 118 7.77 19.00 34.47
CA ARG B 118 8.45 20.27 34.44
C ARG B 118 7.51 21.45 34.47
N PHE B 119 6.29 21.28 34.01
CA PHE B 119 5.43 22.43 33.79
C PHE B 119 4.12 22.37 34.51
N MET B 120 3.73 21.20 34.94
CA MET B 120 2.42 21.07 35.50
C MET B 120 2.48 20.15 36.68
N ARG B 121 3.53 20.31 37.48
CA ARG B 121 3.85 19.35 38.51
C ARG B 121 2.80 19.07 39.58
N PRO B 122 2.06 20.07 40.01
CA PRO B 122 1.08 19.86 41.05
C PRO B 122 0.07 18.85 40.61
N LEU B 123 -0.17 18.82 39.30
CA LEU B 123 -1.09 17.90 38.65
C LEU B 123 -0.73 16.47 39.01
N ILE B 124 0.55 16.15 38.97
CA ILE B 124 0.99 14.83 39.37
C ILE B 124 0.90 14.66 40.87
N GLU B 125 1.21 15.72 41.60
CA GLU B 125 1.24 15.63 43.05
C GLU B 125 -0.17 15.38 43.56
N ALA B 126 -1.15 16.03 42.92
CA ALA B 126 -2.56 15.86 43.24
C ALA B 126 -3.08 14.47 42.94
N GLY B 127 -2.38 13.72 42.12
CA GLY B 127 -2.75 12.35 41.82
C GLY B 127 -3.72 12.30 40.66
N TYR B 128 -3.69 13.36 39.85
CA TYR B 128 -4.55 13.52 38.70
C TYR B 128 -4.05 12.80 37.43
N VAL B 129 -2.78 12.39 37.39
CA VAL B 129 -2.23 11.77 36.20
C VAL B 129 -2.17 10.26 36.29
N TYR B 130 -2.74 9.62 35.27
CA TYR B 130 -2.80 8.15 35.21
C TYR B 130 -2.27 7.62 33.89
N ILE B 131 -2.00 6.32 33.85
CA ILE B 131 -1.62 5.65 32.67
C ILE B 131 -2.58 4.50 32.36
N ALA B 132 -3.14 4.47 31.16
CA ALA B 132 -4.07 3.43 30.75
C ALA B 132 -3.35 2.17 30.46
N GLN B 133 -4.08 1.07 30.40
CA GLN B 133 -3.42 -0.18 30.10
C GLN B 133 -4.12 -1.04 29.07
N PRO B 134 -3.96 -0.68 27.81
CA PRO B 134 -4.60 -1.33 26.68
C PRO B 134 -4.12 -2.78 26.50
N PRO B 135 -4.97 -3.64 25.84
CA PRO B 135 -4.53 -5.05 25.79
C PRO B 135 -3.27 -5.25 24.99
N THR B 136 -2.62 -6.33 25.37
CA THR B 136 -1.46 -6.90 24.67
C THR B 136 -1.55 -7.13 23.14
N GLY B 137 -2.65 -7.69 22.64
CA GLY B 137 -2.68 -8.19 21.25
C GLY B 137 -2.57 -7.20 20.09
N TYR B 138 -3.15 -6.02 20.25
CA TYR B 138 -3.36 -5.11 19.11
C TYR B 138 -2.16 -4.29 18.60
N LYS B 139 -2.22 -3.99 17.29
CA LYS B 139 -1.20 -3.20 16.57
C LYS B 139 -1.02 -1.80 17.14
N GLY B 140 -2.14 -1.12 17.35
CA GLY B 140 -2.21 0.24 17.88
C GLY B 140 -3.66 0.33 18.28
N LEU B 141 -4.07 1.42 18.89
CA LEU B 141 -5.47 1.46 19.33
C LEU B 141 -6.42 1.57 18.15
N GLY B 142 -5.87 2.01 17.01
CA GLY B 142 -6.60 2.14 15.74
C GLY B 142 -7.02 0.75 15.25
N GLU B 143 -6.33 -0.28 15.75
CA GLU B 143 -6.69 -1.61 15.37
C GLU B 143 -7.82 -2.24 16.21
N MET B 144 -8.18 -1.61 17.31
CA MET B 144 -9.27 -2.10 18.15
C MET B 144 -10.64 -1.55 17.76
N ASN B 145 -11.63 -2.42 17.92
CA ASN B 145 -13.03 -2.07 17.79
C ASN B 145 -13.33 -1.24 19.00
N ALA B 146 -14.25 -0.31 18.86
CA ALA B 146 -14.59 0.58 19.94
C ALA B 146 -15.06 -0.13 21.20
N ASP B 147 -15.85 -1.19 21.01
CA ASP B 147 -16.37 -1.93 22.14
C ASP B 147 -15.26 -2.64 22.91
N GLN B 148 -14.27 -3.18 22.22
CA GLN B 148 -13.18 -3.85 22.95
C GLN B 148 -12.28 -2.86 23.68
N LEU B 149 -12.10 -1.69 23.11
CA LEU B 149 -11.34 -0.68 23.75
C LEU B 149 -12.05 -0.20 24.99
N TRP B 150 -13.37 -0.09 24.93
CA TRP B 150 -14.17 0.32 26.09
C TRP B 150 -14.08 -0.63 27.30
N GLU B 151 -14.36 -1.90 27.06
CA GLU B 151 -14.32 -2.92 28.11
C GLU B 151 -12.97 -3.11 28.77
N THR B 152 -11.92 -3.23 27.95
CA THR B 152 -10.56 -3.49 28.41
C THR B 152 -9.90 -2.29 29.01
N THR B 153 -10.14 -1.09 28.50
CA THR B 153 -9.30 0.04 28.87
C THR B 153 -9.98 1.24 29.44
N MET B 154 -11.21 1.52 29.04
CA MET B 154 -11.83 2.78 29.47
C MET B 154 -13.00 2.62 30.43
N ASN B 155 -13.49 1.40 30.60
CA ASN B 155 -14.62 1.12 31.46
C ASN B 155 -14.20 1.17 32.93
N PRO B 156 -14.83 2.12 33.70
CA PRO B 156 -14.34 2.19 35.06
C PRO B 156 -14.56 0.88 35.82
N GLU B 157 -15.55 0.12 35.40
CA GLU B 157 -15.78 -1.18 35.99
C GLU B 157 -14.69 -2.19 35.79
N HIS B 158 -14.07 -2.24 34.62
CA HIS B 158 -13.11 -3.31 34.37
C HIS B 158 -11.73 -2.90 34.05
N ARG B 159 -11.55 -1.61 33.83
CA ARG B 159 -10.24 -1.13 33.45
C ARG B 159 -9.25 -1.20 34.59
N ALA B 160 -7.99 -1.28 34.24
CA ALA B 160 -6.92 -1.13 35.23
C ALA B 160 -6.12 0.15 34.95
N LEU B 161 -6.23 1.18 35.77
CA LEU B 161 -5.39 2.34 35.58
C LEU B 161 -4.25 2.32 36.55
N LEU B 162 -3.12 2.90 36.17
CA LEU B 162 -2.05 3.17 37.10
C LEU B 162 -2.08 4.61 37.48
N GLN B 163 -2.08 4.93 38.76
CA GLN B 163 -1.98 6.33 39.17
C GLN B 163 -0.51 6.68 39.29
N VAL B 164 -0.15 7.85 38.82
CA VAL B 164 1.24 8.22 38.86
C VAL B 164 1.51 8.89 40.19
N LYS B 165 2.48 8.37 40.92
CA LYS B 165 2.80 8.86 42.24
C LYS B 165 4.20 9.43 42.22
N LEU B 166 4.36 10.65 42.75
CA LEU B 166 5.65 11.28 42.88
C LEU B 166 6.18 11.04 44.28
N GLU B 167 7.23 10.27 44.42
CA GLU B 167 7.76 9.93 45.75
C GLU B 167 8.95 10.78 46.21
N ASP B 168 10.04 10.71 45.49
CA ASP B 168 11.24 11.43 45.84
C ASP B 168 11.47 12.47 44.76
N ALA B 169 11.30 13.74 45.09
CA ALA B 169 11.47 14.79 44.07
C ALA B 169 12.92 15.10 43.71
N ILE B 170 13.87 14.89 44.59
CA ILE B 170 15.27 15.01 44.19
C ILE B 170 15.58 13.98 43.15
N GLU B 171 15.12 12.77 43.41
CA GLU B 171 15.34 11.65 42.56
C GLU B 171 14.64 11.81 41.22
N ALA B 172 13.45 12.36 41.22
CA ALA B 172 12.76 12.59 40.00
C ALA B 172 13.41 13.70 39.16
N ASP B 173 13.93 14.76 39.76
CA ASP B 173 14.64 15.73 38.93
C ASP B 173 15.86 15.11 38.28
N GLN B 174 16.57 14.27 39.01
CA GLN B 174 17.77 13.70 38.50
C GLN B 174 17.42 12.74 37.38
N THR B 175 16.26 12.08 37.49
CA THR B 175 15.78 11.16 36.50
C THR B 175 15.37 11.80 35.18
N PHE B 176 14.64 12.92 35.21
CA PHE B 176 14.23 13.55 33.97
C PHE B 176 15.43 14.15 33.27
N GLU B 177 16.37 14.65 34.05
CA GLU B 177 17.53 15.24 33.49
C GLU B 177 18.36 14.16 32.81
N MET B 178 18.52 13.03 33.49
CA MET B 178 19.34 12.01 32.92
C MET B 178 18.77 11.42 31.60
N LEU B 179 17.51 11.03 31.62
CA LEU B 179 16.85 10.40 30.48
C LEU B 179 16.49 11.36 29.35
N MET B 180 16.00 12.54 29.68
CA MET B 180 15.40 13.40 28.69
C MET B 180 16.28 14.60 28.39
N GLY B 181 17.39 14.71 29.10
CA GLY B 181 18.19 15.92 29.04
C GLY B 181 19.10 15.92 27.85
N ASP B 182 19.85 16.98 27.69
CA ASP B 182 20.69 17.07 26.51
C ASP B 182 22.08 16.46 26.67
N VAL B 183 22.46 15.90 27.81
CA VAL B 183 23.74 15.19 27.87
C VAL B 183 23.62 13.73 27.43
N VAL B 184 24.16 13.40 26.27
CA VAL B 184 23.99 12.07 25.73
C VAL B 184 24.64 10.99 26.58
N GLU B 185 25.84 11.25 27.11
CA GLU B 185 26.63 10.21 27.79
C GLU B 185 25.92 9.63 29.00
N ASN B 186 25.29 10.47 29.81
CA ASN B 186 24.61 9.94 31.01
C ASN B 186 23.45 9.00 30.65
N ARG B 187 22.77 9.35 29.56
CA ARG B 187 21.66 8.57 29.07
C ARG B 187 22.20 7.29 28.52
N ARG B 188 23.33 7.33 27.83
CA ARG B 188 23.90 6.12 27.29
C ARG B 188 24.28 5.18 28.40
N GLN B 189 24.96 5.72 29.41
CA GLN B 189 25.35 4.91 30.57
C GLN B 189 24.16 4.24 31.24
N PHE B 190 23.13 5.01 31.50
CA PHE B 190 21.91 4.45 32.08
C PHE B 190 21.40 3.23 31.27
N ILE B 191 21.49 3.31 29.93
CA ILE B 191 20.94 2.23 29.07
C ILE B 191 21.79 0.99 29.09
N GLU B 192 23.10 1.17 28.97
CA GLU B 192 24.04 0.06 29.03
C GLU B 192 23.90 -0.69 30.34
N ASP B 193 23.76 0.06 31.44
CA ASP B 193 23.64 -0.54 32.77
C ASP B 193 22.38 -1.36 32.94
N ASN B 194 21.26 -0.89 32.40
CA ASN B 194 20.00 -1.59 32.53
C ASN B 194 19.53 -2.44 31.37
N ALA B 195 20.23 -2.40 30.25
CA ALA B 195 19.80 -3.15 29.08
C ALA B 195 19.87 -4.68 29.33
N VAL B 196 18.83 -5.38 28.89
CA VAL B 196 18.71 -6.83 29.07
C VAL B 196 17.80 -7.42 27.98
N TYR B 197 17.86 -8.74 27.81
CA TYR B 197 16.98 -9.44 26.87
C TYR B 197 15.81 -10.15 27.53
N ASN B 211 -1.96 -0.67 40.98
CA ASN B 211 -2.53 0.49 40.25
C ASN B 211 -1.89 1.82 40.62
N GLU B 212 -0.87 1.79 41.47
CA GLU B 212 -0.08 2.98 41.77
C GLU B 212 1.33 2.83 41.24
N ARG B 213 1.82 3.84 40.54
CA ARG B 213 3.07 3.74 39.80
C ARG B 213 3.97 4.92 40.11
N ASN B 214 5.17 4.66 40.61
CA ASN B 214 6.09 5.75 40.93
C ASN B 214 6.60 6.37 39.61
N ILE B 215 6.56 7.69 39.50
CA ILE B 215 6.89 8.34 38.27
C ILE B 215 8.32 8.11 37.78
N THR B 216 9.26 7.95 38.71
CA THR B 216 10.62 7.63 38.40
C THR B 216 10.73 6.24 37.79
N SER B 217 10.03 5.28 38.35
CA SER B 217 10.07 3.91 37.83
C SER B 217 9.49 3.74 36.44
N GLU B 218 8.40 4.47 36.19
CA GLU B 218 7.72 4.55 34.92
C GLU B 218 8.61 5.17 33.86
N MET B 219 9.33 6.24 34.19
CA MET B 219 10.20 6.86 33.21
C MET B 219 11.33 5.95 32.87
N ARG B 220 11.94 5.35 33.88
CA ARG B 220 13.12 4.50 33.66
C ARG B 220 12.79 3.29 32.83
N GLU B 221 11.69 2.63 33.14
CA GLU B 221 11.31 1.47 32.40
C GLU B 221 10.76 1.77 31.04
N SER B 222 9.98 2.84 30.89
CA SER B 222 9.47 3.16 29.61
C SER B 222 10.53 3.65 28.65
N PHE B 223 11.43 4.50 29.13
CA PHE B 223 12.50 4.98 28.31
C PHE B 223 13.49 3.89 27.91
N LEU B 224 13.82 2.97 28.81
CA LEU B 224 14.74 1.92 28.50
C LEU B 224 14.10 1.00 27.44
N ASP B 225 12.80 0.84 27.52
CA ASP B 225 12.11 0.03 26.59
C ASP B 225 12.21 0.59 25.19
N TYR B 226 11.98 1.89 25.04
CA TYR B 226 12.14 2.58 23.79
C TYR B 226 13.56 2.60 23.30
N ALA B 227 14.50 2.96 24.18
CA ALA B 227 15.88 3.15 23.83
C ALA B 227 16.49 1.85 23.34
N MET B 228 16.19 0.77 24.02
CA MET B 228 16.71 -0.54 23.68
C MET B 228 16.23 -0.93 22.30
N SER B 229 14.94 -0.70 22.06
CA SER B 229 14.32 -1.13 20.82
C SER B 229 14.96 -0.42 19.63
N VAL B 230 15.26 0.87 19.80
CA VAL B 230 15.85 1.66 18.75
C VAL B 230 17.26 1.19 18.45
N ILE B 231 18.04 0.88 19.45
CA ILE B 231 19.39 0.34 19.25
C ILE B 231 19.40 -1.03 18.60
N VAL B 232 18.62 -1.98 19.09
CA VAL B 232 18.72 -3.34 18.54
C VAL B 232 17.73 -3.68 17.44
N ALA B 233 16.74 -2.83 17.21
CA ALA B 233 15.72 -3.19 16.21
C ALA B 233 15.23 -1.95 15.45
N ARG B 234 16.14 -1.08 15.05
CA ARG B 234 15.76 0.05 14.24
C ARG B 234 16.91 0.79 13.58
N ALA B 235 17.76 1.48 14.38
CA ALA B 235 18.69 2.49 13.84
C ALA B 235 20.07 1.98 13.53
N LEU B 236 20.44 0.82 14.04
CA LEU B 236 21.79 0.29 13.83
C LEU B 236 21.83 -0.94 12.95
N PRO B 237 22.87 -1.05 12.08
CA PRO B 237 22.93 -2.26 11.26
C PRO B 237 23.56 -3.44 12.01
N ASP B 238 23.28 -4.63 11.54
CA ASP B 238 23.94 -5.81 12.07
C ASP B 238 25.31 -5.90 11.41
N VAL B 239 26.32 -6.28 12.16
CA VAL B 239 27.67 -6.38 11.62
C VAL B 239 27.77 -7.46 10.54
N ARG B 240 26.98 -8.51 10.66
CA ARG B 240 27.06 -9.63 9.71
C ARG B 240 26.53 -9.33 8.30
N ASP B 241 25.36 -8.66 8.19
CA ASP B 241 24.84 -8.39 6.84
C ASP B 241 24.72 -6.91 6.49
N GLY B 242 25.13 -6.07 7.41
CA GLY B 242 25.12 -4.62 7.26
C GLY B 242 23.73 -4.01 7.18
N LEU B 243 22.69 -4.75 7.62
CA LEU B 243 21.33 -4.24 7.45
C LEU B 243 20.64 -3.84 8.74
N LYS B 244 19.73 -2.88 8.66
CA LYS B 244 18.82 -2.57 9.76
C LYS B 244 17.58 -3.42 9.47
N PRO B 245 16.67 -3.60 10.49
CA PRO B 245 15.48 -4.40 10.19
C PRO B 245 14.63 -3.98 9.01
N VAL B 246 14.41 -2.68 8.79
CA VAL B 246 13.50 -2.30 7.72
C VAL B 246 14.12 -2.72 6.37
N HIS B 247 15.45 -2.58 6.24
CA HIS B 247 16.11 -3.04 4.99
C HIS B 247 16.07 -4.54 4.81
N ARG B 248 16.30 -5.27 5.89
CA ARG B 248 16.34 -6.72 5.80
C ARG B 248 14.91 -7.22 5.43
N ARG B 249 13.89 -6.60 6.00
CA ARG B 249 12.50 -6.94 5.71
C ARG B 249 12.12 -6.63 4.27
N ILE B 250 12.56 -5.48 3.77
CA ILE B 250 12.36 -5.13 2.37
C ILE B 250 12.98 -6.17 1.46
N LEU B 251 14.24 -6.49 1.72
CA LEU B 251 14.91 -7.39 0.83
C LEU B 251 14.32 -8.80 0.89
N TYR B 252 13.92 -9.22 2.10
CA TYR B 252 13.32 -10.53 2.26
C TYR B 252 11.96 -10.59 1.58
N GLY B 253 11.26 -9.45 1.59
CA GLY B 253 9.99 -9.31 0.94
C GLY B 253 10.10 -9.45 -0.53
N LEU B 254 11.12 -8.85 -1.10
CA LEU B 254 11.39 -9.03 -2.53
C LEU B 254 11.80 -10.46 -2.84
N ASN B 255 12.53 -11.15 -1.98
CA ASN B 255 12.86 -12.53 -2.23
C ASN B 255 11.64 -13.46 -2.26
N GLU B 256 10.79 -13.31 -1.24
CA GLU B 256 9.57 -14.10 -1.05
C GLU B 256 8.43 -13.87 -2.06
N GLN B 257 8.52 -12.76 -2.79
N GLN B 257 8.45 -12.78 -2.83
CA GLN B 257 7.60 -12.51 -3.90
CA GLN B 257 7.51 -12.66 -3.94
C GLN B 257 8.16 -12.99 -5.24
C GLN B 257 8.14 -13.01 -5.28
N GLY B 258 9.37 -13.55 -5.23
CA GLY B 258 10.13 -13.94 -6.43
C GLY B 258 10.46 -12.73 -7.31
N MET B 259 10.83 -11.59 -6.70
N MET B 259 10.77 -11.54 -6.75
CA MET B 259 11.11 -10.32 -7.41
CA MET B 259 11.04 -10.31 -7.57
C MET B 259 12.59 -10.20 -7.76
C MET B 259 12.52 -10.16 -7.85
N THR B 260 13.01 -11.15 -8.57
CA THR B 260 14.40 -11.34 -8.90
C THR B 260 14.76 -10.46 -10.11
N PRO B 261 16.09 -10.29 -10.41
CA PRO B 261 16.40 -9.40 -11.55
C PRO B 261 15.82 -9.88 -12.87
N ASP B 262 15.83 -11.19 -13.09
CA ASP B 262 15.30 -11.81 -14.33
C ASP B 262 13.79 -11.58 -14.41
N LYS B 263 13.11 -11.63 -13.27
CA LYS B 263 11.68 -11.44 -13.22
C LYS B 263 11.36 -9.96 -13.37
N SER B 264 10.14 -9.66 -13.80
CA SER B 264 9.81 -8.25 -14.07
C SER B 264 9.63 -7.46 -12.78
N TYR B 265 9.66 -6.15 -12.90
CA TYR B 265 9.45 -5.29 -11.78
C TYR B 265 8.07 -5.49 -11.18
N LYS B 266 7.95 -5.32 -9.88
CA LYS B 266 6.67 -5.40 -9.18
C LYS B 266 6.42 -4.01 -8.65
N LYS B 267 5.16 -3.59 -8.60
N LYS B 267 5.16 -3.61 -8.58
CA LYS B 267 4.85 -2.25 -8.23
CA LYS B 267 4.83 -2.26 -8.23
C LYS B 267 5.15 -2.15 -6.77
C LYS B 267 5.09 -2.14 -6.76
N SER B 268 5.58 -1.01 -6.45
CA SER B 268 6.10 -0.70 -5.18
C SER B 268 5.07 -0.67 -4.08
N ALA B 269 3.84 -0.32 -4.42
CA ALA B 269 2.84 -0.26 -3.43
C ALA B 269 2.47 -1.65 -2.92
N ARG B 270 2.58 -2.65 -3.79
CA ARG B 270 2.32 -4.03 -3.42
C ARG B 270 3.50 -4.55 -2.56
N ILE B 271 4.75 -4.20 -2.91
CA ILE B 271 5.89 -4.60 -2.14
C ILE B 271 5.80 -4.00 -0.74
N VAL B 272 5.41 -2.74 -0.65
CA VAL B 272 5.37 -2.05 0.62
C VAL B 272 4.20 -2.60 1.47
N GLY B 273 3.02 -2.76 0.86
CA GLY B 273 1.86 -3.32 1.57
C GLY B 273 2.19 -4.71 2.10
N ASP B 274 2.88 -5.48 1.27
CA ASP B 274 3.36 -6.81 1.67
C ASP B 274 4.34 -6.81 2.86
N VAL B 275 5.32 -5.91 2.81
CA VAL B 275 6.31 -5.83 3.90
C VAL B 275 5.62 -5.40 5.19
N MET B 276 4.71 -4.43 5.08
CA MET B 276 3.96 -3.90 6.21
C MET B 276 3.13 -4.98 6.92
N GLY B 277 2.36 -5.74 6.13
CA GLY B 277 1.50 -6.78 6.69
C GLY B 277 2.28 -7.93 7.27
N LYS B 278 3.32 -8.37 6.59
CA LYS B 278 4.05 -9.56 7.05
C LYS B 278 5.16 -9.34 8.07
N TYR B 279 5.95 -8.28 7.95
CA TYR B 279 7.11 -8.13 8.80
C TYR B 279 7.37 -6.81 9.52
N HIS B 280 6.88 -5.70 8.97
CA HIS B 280 7.35 -4.43 9.48
C HIS B 280 6.19 -3.59 9.93
N PRO B 281 5.88 -3.69 11.26
CA PRO B 281 4.63 -2.99 11.63
C PRO B 281 4.83 -1.48 11.82
N HIS B 282 5.24 -0.80 10.76
CA HIS B 282 5.40 0.63 10.87
C HIS B 282 4.80 1.33 9.68
N GLY B 283 4.91 2.65 9.63
CA GLY B 283 4.28 3.45 8.58
C GLY B 283 4.84 3.16 7.20
N ASP B 284 3.99 3.28 6.19
CA ASP B 284 4.35 2.98 4.81
C ASP B 284 5.51 3.83 4.29
N SER B 285 5.54 5.10 4.65
CA SER B 285 6.60 5.97 4.18
C SER B 285 7.99 5.57 4.69
N SER B 286 8.08 5.03 5.89
CA SER B 286 9.40 4.57 6.40
C SER B 286 9.93 3.46 5.54
N ILE B 287 9.02 2.56 5.13
CA ILE B 287 9.41 1.42 4.33
C ILE B 287 9.77 1.88 2.92
N TYR B 288 8.88 2.66 2.32
CA TYR B 288 9.08 3.05 0.92
C TYR B 288 10.33 3.92 0.79
N GLU B 289 10.50 4.85 1.70
CA GLU B 289 11.69 5.67 1.65
C GLU B 289 12.98 4.90 1.87
N ALA B 290 12.96 3.88 2.71
CA ALA B 290 14.17 3.01 2.89
C ALA B 290 14.44 2.28 1.57
N MET B 291 13.37 1.79 0.91
CA MET B 291 13.55 1.04 -0.32
C MET B 291 14.11 1.92 -1.43
N VAL B 292 13.60 3.16 -1.48
CA VAL B 292 14.02 4.10 -2.47
C VAL B 292 15.51 4.39 -2.36
N ARG B 293 16.01 4.62 -1.17
CA ARG B 293 17.43 4.98 -1.03
C ARG B 293 18.31 3.82 -1.52
N MET B 294 17.84 2.58 -1.29
CA MET B 294 18.56 1.36 -1.70
C MET B 294 18.65 1.28 -3.22
N ALA B 295 17.83 2.08 -3.92
CA ALA B 295 17.84 2.07 -5.37
C ALA B 295 18.64 3.22 -5.97
N GLN B 296 19.11 4.16 -5.15
CA GLN B 296 19.83 5.33 -5.65
C GLN B 296 21.31 5.09 -5.83
N ASP B 297 21.80 5.24 -7.05
CA ASP B 297 23.23 5.00 -7.28
C ASP B 297 24.11 6.13 -6.74
N PHE B 298 23.50 7.20 -6.26
CA PHE B 298 24.27 8.24 -5.58
C PHE B 298 24.24 8.02 -4.08
N SER B 299 23.47 7.04 -3.60
CA SER B 299 23.42 6.73 -2.17
C SER B 299 24.10 5.41 -1.83
N TYR B 300 23.88 4.41 -2.66
CA TYR B 300 24.42 3.10 -2.37
C TYR B 300 25.57 2.84 -3.34
N ARG B 301 26.76 2.62 -2.77
CA ARG B 301 27.91 2.24 -3.53
C ARG B 301 27.62 0.97 -4.37
N TYR B 302 26.85 0.04 -3.82
CA TYR B 302 26.37 -1.16 -4.59
C TYR B 302 24.86 -1.27 -4.36
N PRO B 303 24.05 -0.63 -5.20
CA PRO B 303 22.60 -0.57 -5.00
C PRO B 303 21.96 -1.97 -4.84
N LEU B 304 21.01 -2.03 -3.92
CA LEU B 304 20.40 -3.27 -3.51
C LEU B 304 19.04 -3.42 -4.18
N VAL B 305 18.49 -2.29 -4.62
CA VAL B 305 17.21 -2.31 -5.29
C VAL B 305 17.38 -1.74 -6.68
N ASP B 306 16.71 -2.37 -7.63
CA ASP B 306 16.67 -1.91 -9.00
C ASP B 306 15.31 -1.25 -9.21
N GLY B 307 15.31 0.06 -9.33
CA GLY B 307 14.02 0.75 -9.44
C GLY B 307 13.64 1.17 -10.83
N GLN B 308 12.37 1.08 -11.16
CA GLN B 308 11.86 1.58 -12.43
C GLN B 308 11.03 2.82 -12.15
N GLY B 309 11.40 3.94 -12.73
CA GLY B 309 10.71 5.18 -12.46
C GLY B 309 11.53 6.21 -11.75
N ASN B 310 10.86 7.18 -11.17
CA ASN B 310 11.52 8.31 -10.52
C ASN B 310 11.88 7.96 -9.10
N PHE B 311 13.17 7.73 -8.87
CA PHE B 311 13.60 7.36 -7.54
C PHE B 311 14.41 8.44 -6.83
N GLY B 312 14.19 9.70 -7.16
CA GLY B 312 14.91 10.80 -6.48
C GLY B 312 16.15 11.21 -7.20
N SER B 313 16.78 12.29 -6.77
CA SER B 313 17.95 12.79 -7.44
C SER B 313 18.89 13.36 -6.43
N MET B 314 20.09 13.65 -6.87
N MET B 314 20.02 13.78 -6.91
CA MET B 314 21.08 14.29 -6.02
CA MET B 314 21.06 14.27 -6.05
C MET B 314 20.66 15.68 -5.58
C MET B 314 20.65 15.65 -5.58
N ASP B 315 19.63 16.20 -6.21
CA ASP B 315 19.18 17.48 -5.83
C ASP B 315 18.17 17.40 -4.69
N GLY B 316 17.87 16.18 -4.23
CA GLY B 316 16.93 16.06 -3.11
C GLY B 316 15.48 16.13 -3.55
N ASP B 317 15.22 16.10 -4.85
CA ASP B 317 13.87 15.81 -5.37
C ASP B 317 13.49 14.45 -4.81
N GLY B 318 12.26 14.31 -4.39
CA GLY B 318 11.88 13.01 -3.84
C GLY B 318 11.53 12.05 -4.97
N ALA B 319 11.36 10.81 -4.57
CA ALA B 319 10.99 9.83 -5.51
C ALA B 319 9.52 10.05 -5.88
N ALA B 320 9.10 9.42 -6.96
CA ALA B 320 7.67 9.47 -7.31
C ALA B 320 6.86 8.68 -6.29
N ALA B 321 5.59 9.02 -6.15
CA ALA B 321 4.68 8.32 -5.23
C ALA B 321 4.80 6.80 -5.48
N MET B 322 4.66 6.00 -4.42
CA MET B 322 4.80 4.54 -4.56
C MET B 322 3.81 3.90 -5.55
N ARG B 323 2.66 4.52 -5.83
CA ARG B 323 1.73 3.99 -6.87
C ARG B 323 2.38 3.98 -8.24
N TYR B 324 3.37 4.87 -8.48
CA TYR B 324 3.97 4.93 -9.81
C TYR B 324 5.21 4.08 -10.01
N THR B 325 6.01 3.90 -8.97
CA THR B 325 7.27 3.21 -9.18
C THR B 325 7.17 1.71 -9.09
N GLU B 326 8.18 1.02 -9.61
CA GLU B 326 8.29 -0.41 -9.55
C GLU B 326 9.71 -0.77 -9.13
N ALA B 327 9.94 -1.98 -8.67
CA ALA B 327 11.25 -2.32 -8.18
C ALA B 327 11.44 -3.82 -8.19
N ARG B 328 12.70 -4.21 -8.10
CA ARG B 328 13.07 -5.59 -7.96
C ARG B 328 14.48 -5.62 -7.38
N MET B 329 15.01 -6.79 -7.10
CA MET B 329 16.36 -6.93 -6.61
C MET B 329 17.35 -6.65 -7.72
N THR B 330 18.44 -6.00 -7.32
CA THR B 330 19.61 -5.96 -8.21
C THR B 330 20.26 -7.36 -8.21
N LYS B 331 21.11 -7.61 -9.18
CA LYS B 331 21.86 -8.84 -9.21
C LYS B 331 22.70 -9.08 -7.95
N ILE B 332 23.37 -8.06 -7.41
CA ILE B 332 24.23 -8.24 -6.22
C ILE B 332 23.40 -8.57 -5.01
N THR B 333 22.13 -8.12 -4.97
CA THR B 333 21.24 -8.46 -3.86
C THR B 333 20.96 -9.96 -3.78
N LEU B 334 21.01 -10.63 -4.92
CA LEU B 334 20.85 -12.12 -4.95
C LEU B 334 21.98 -12.76 -4.11
N GLU B 335 23.16 -12.13 -4.12
CA GLU B 335 24.27 -12.57 -3.28
C GLU B 335 23.98 -12.41 -1.76
N LEU B 336 23.18 -11.41 -1.40
CA LEU B 336 22.77 -11.27 0.00
C LEU B 336 21.79 -12.33 0.45
N LEU B 337 20.92 -12.75 -0.46
CA LEU B 337 19.90 -13.71 -0.14
C LEU B 337 20.29 -15.16 -0.49
N ARG B 338 21.41 -15.36 -1.12
CA ARG B 338 21.81 -16.68 -1.57
C ARG B 338 21.84 -17.71 -0.44
N ASP B 339 21.11 -18.82 -0.62
CA ASP B 339 21.16 -19.93 0.32
C ASP B 339 20.44 -19.68 1.62
N ILE B 340 19.57 -18.69 1.60
CA ILE B 340 18.77 -18.38 2.76
C ILE B 340 17.80 -19.54 3.08
N ASN B 341 17.42 -20.31 2.07
CA ASN B 341 16.53 -21.42 2.30
C ASN B 341 17.25 -22.73 2.47
N LYS B 342 18.56 -22.67 2.66
CA LYS B 342 19.33 -23.88 2.92
C LYS B 342 19.81 -23.91 4.35
N ASP B 343 18.94 -23.46 5.27
CA ASP B 343 19.25 -23.44 6.70
C ASP B 343 20.58 -22.75 7.08
N THR B 344 20.88 -21.70 6.36
CA THR B 344 22.09 -20.97 6.61
C THR B 344 21.96 -20.03 7.77
N ILE B 345 20.77 -19.46 7.97
CA ILE B 345 20.60 -18.49 9.02
C ILE B 345 19.38 -18.84 9.82
N ASP B 346 19.26 -18.27 11.01
CA ASP B 346 18.14 -18.55 11.89
C ASP B 346 16.93 -17.69 11.64
N PHE B 347 15.81 -18.34 11.29
CA PHE B 347 14.54 -17.64 11.23
C PHE B 347 13.96 -17.41 12.62
N ILE B 348 13.09 -16.42 12.73
CA ILE B 348 12.41 -16.12 13.97
C ILE B 348 10.96 -15.78 13.65
N ASP B 349 10.13 -15.74 14.68
CA ASP B 349 8.76 -15.33 14.49
C ASP B 349 8.65 -13.86 14.18
N ASN B 350 7.73 -13.53 13.30
CA ASN B 350 7.44 -12.15 12.95
C ASN B 350 6.71 -11.45 14.12
N TYR B 351 6.43 -10.15 13.97
CA TYR B 351 5.82 -9.34 15.03
C TYR B 351 4.52 -9.88 15.64
N ASP B 352 3.62 -10.46 14.83
CA ASP B 352 2.35 -10.97 15.36
C ASP B 352 2.32 -12.50 15.45
N GLY B 353 3.42 -13.14 15.09
CA GLY B 353 3.45 -14.62 15.20
C GLY B 353 2.84 -15.38 14.02
N ASN B 354 2.33 -14.68 13.03
CA ASN B 354 1.75 -15.33 11.84
C ASN B 354 2.73 -15.59 10.73
N GLU B 355 3.96 -15.11 10.90
CA GLU B 355 4.97 -15.31 9.85
C GLU B 355 6.32 -15.62 10.48
N ARG B 356 7.26 -15.97 9.61
CA ARG B 356 8.64 -16.19 9.98
C ARG B 356 9.48 -15.25 9.15
N GLU B 357 10.46 -14.63 9.79
CA GLU B 357 11.37 -13.72 9.07
C GLU B 357 12.80 -14.05 9.48
N PRO B 358 13.77 -13.76 8.59
CA PRO B 358 15.17 -14.01 8.88
C PRO B 358 15.74 -13.05 9.93
N SER B 359 16.56 -13.59 10.83
CA SER B 359 17.25 -12.78 11.85
C SER B 359 18.38 -12.02 11.17
N VAL B 360 18.96 -12.61 10.14
CA VAL B 360 20.06 -12.00 9.41
C VAL B 360 20.09 -12.66 8.02
N LEU B 361 20.65 -11.98 7.03
CA LEU B 361 20.77 -12.53 5.69
C LEU B 361 22.11 -13.28 5.51
N PRO B 362 22.17 -14.25 4.57
CA PRO B 362 23.48 -14.89 4.39
C PRO B 362 24.61 -13.96 4.00
N ALA B 363 24.31 -12.91 3.25
CA ALA B 363 25.30 -11.85 2.97
C ALA B 363 26.63 -12.31 2.40
N ARG B 364 26.58 -12.88 1.23
CA ARG B 364 27.75 -13.49 0.58
C ARG B 364 28.80 -12.45 0.17
N PHE B 365 28.44 -11.16 0.25
CA PHE B 365 29.46 -10.10 0.12
C PHE B 365 29.44 -9.24 1.39
N PRO B 366 30.59 -8.57 1.71
CA PRO B 366 30.64 -7.82 2.98
C PRO B 366 29.90 -6.48 2.88
N ASN B 367 28.57 -6.57 2.97
CA ASN B 367 27.69 -5.45 2.77
C ASN B 367 27.81 -4.23 3.73
N LEU B 368 28.04 -4.48 5.00
CA LEU B 368 28.19 -3.40 5.94
C LEU B 368 29.25 -2.37 5.54
N LEU B 369 30.46 -2.88 5.29
CA LEU B 369 31.53 -2.03 4.81
C LEU B 369 31.31 -1.55 3.37
N ALA B 370 30.75 -2.42 2.51
CA ALA B 370 30.58 -2.04 1.13
C ALA B 370 29.61 -0.87 0.92
N ASN B 371 28.45 -0.93 1.58
CA ASN B 371 27.47 0.14 1.43
C ASN B 371 27.46 1.15 2.57
N GLY B 372 28.12 0.81 3.68
CA GLY B 372 28.17 1.72 4.82
C GLY B 372 26.84 1.80 5.55
N ALA B 373 26.74 2.73 6.50
CA ALA B 373 25.51 2.91 7.25
C ALA B 373 25.56 4.26 7.97
N SER B 374 24.38 4.85 8.14
CA SER B 374 24.21 6.01 8.97
C SER B 374 22.88 5.80 9.75
N GLY B 375 22.92 5.85 11.08
CA GLY B 375 21.69 5.79 11.83
C GLY B 375 21.77 6.57 13.12
N ILE B 376 20.69 7.25 13.49
CA ILE B 376 20.61 7.97 14.76
C ILE B 376 19.81 7.11 15.72
N ALA B 377 20.46 6.65 16.77
CA ALA B 377 19.79 5.76 17.72
C ALA B 377 19.40 6.53 18.95
N VAL B 378 19.53 5.91 20.11
CA VAL B 378 19.33 6.63 21.36
C VAL B 378 20.61 6.36 22.16
N GLY B 379 21.27 7.44 22.58
CA GLY B 379 22.46 7.24 23.42
C GLY B 379 23.68 7.10 22.53
N MET B 380 23.43 6.90 21.23
CA MET B 380 24.51 6.64 20.29
C MET B 380 24.00 6.74 18.87
N ALA B 381 24.95 6.79 17.94
CA ALA B 381 24.62 6.92 16.53
C ALA B 381 25.68 6.14 15.76
N THR B 382 25.50 5.96 14.46
CA THR B 382 26.51 5.24 13.68
C THR B 382 26.73 5.98 12.38
N ASN B 383 28.01 6.04 11.99
CA ASN B 383 28.34 6.55 10.66
C ASN B 383 29.44 5.69 10.09
N ILE B 384 29.10 4.88 9.10
CA ILE B 384 30.09 4.02 8.45
C ILE B 384 30.13 4.36 6.97
N PRO B 385 31.29 4.72 6.44
CA PRO B 385 31.39 5.09 5.01
C PRO B 385 31.38 3.80 4.15
N PRO B 386 30.94 3.92 2.90
CA PRO B 386 31.02 2.79 1.97
C PRO B 386 32.47 2.52 1.49
N HIS B 387 32.67 1.35 0.89
CA HIS B 387 33.99 0.88 0.48
C HIS B 387 33.96 0.17 -0.86
N ASN B 388 35.14 0.01 -1.46
CA ASN B 388 35.23 -0.62 -2.76
C ASN B 388 35.17 -2.15 -2.57
N LEU B 389 34.32 -2.82 -3.37
CA LEU B 389 34.04 -4.20 -3.13
C LEU B 389 35.26 -5.13 -3.34
N THR B 390 36.01 -4.88 -4.42
CA THR B 390 37.24 -5.58 -4.72
C THR B 390 38.23 -5.49 -3.57
N GLU B 391 38.42 -4.27 -3.04
CA GLU B 391 39.36 -4.03 -1.93
C GLU B 391 38.90 -4.75 -0.69
N LEU B 392 37.60 -4.71 -0.39
CA LEU B 392 37.07 -5.38 0.82
C LEU B 392 37.20 -6.88 0.77
N ILE B 393 36.93 -7.47 -0.40
CA ILE B 393 37.01 -8.91 -0.53
C ILE B 393 38.49 -9.34 -0.42
N ASN B 394 39.38 -8.55 -0.99
CA ASN B 394 40.79 -8.85 -0.94
C ASN B 394 41.30 -8.76 0.50
N GLY B 395 40.76 -7.80 1.25
CA GLY B 395 41.00 -7.70 2.67
C GLY B 395 40.49 -8.88 3.45
N VAL B 396 39.31 -9.37 3.12
CA VAL B 396 38.79 -10.55 3.78
C VAL B 396 39.64 -11.77 3.47
N LEU B 397 40.10 -11.90 2.22
CA LEU B 397 40.98 -12.99 1.82
C LEU B 397 42.32 -12.96 2.55
N SER B 398 42.88 -11.77 2.72
CA SER B 398 44.14 -11.60 3.46
C SER B 398 43.95 -12.00 4.92
N LEU B 399 42.81 -11.64 5.50
CA LEU B 399 42.54 -12.02 6.87
C LEU B 399 42.37 -13.55 7.04
N SER B 400 41.73 -14.17 6.06
CA SER B 400 41.46 -15.61 6.11
C SER B 400 42.78 -16.41 6.12
N LYS B 401 43.83 -15.87 5.50
CA LYS B 401 45.13 -16.49 5.48
C LYS B 401 46.00 -16.08 6.67
N ASN B 402 45.55 -15.11 7.46
CA ASN B 402 46.34 -14.62 8.57
C ASN B 402 45.48 -14.01 9.65
N PRO B 403 45.15 -14.82 10.71
CA PRO B 403 44.25 -14.20 11.70
C PRO B 403 44.89 -13.01 12.43
N ASP B 404 46.22 -12.95 12.50
CA ASP B 404 46.93 -11.92 13.22
C ASP B 404 47.32 -10.68 12.40
N ILE B 405 46.73 -10.55 11.22
CA ILE B 405 46.98 -9.41 10.36
C ILE B 405 46.68 -8.07 11.10
N SER B 406 47.51 -7.09 10.84
CA SER B 406 47.33 -5.82 11.52
C SER B 406 46.45 -4.90 10.65
N ILE B 407 46.02 -3.78 11.22
CA ILE B 407 45.26 -2.81 10.48
C ILE B 407 46.08 -2.23 9.33
N ALA B 408 47.36 -1.98 9.58
CA ALA B 408 48.19 -1.40 8.54
C ALA B 408 48.27 -2.37 7.35
N GLU B 409 48.43 -3.66 7.62
CA GLU B 409 48.50 -4.67 6.56
C GLU B 409 47.18 -4.76 5.79
N LEU B 410 46.08 -4.68 6.52
CA LEU B 410 44.77 -4.70 5.90
C LEU B 410 44.58 -3.50 4.95
N MET B 411 45.13 -2.34 5.33
CA MET B 411 45.02 -1.15 4.53
C MET B 411 45.78 -1.23 3.22
N GLU B 412 46.67 -2.20 3.12
CA GLU B 412 47.32 -2.50 1.85
C GLU B 412 46.31 -3.02 0.87
N ASP B 413 45.27 -3.69 1.35
CA ASP B 413 44.16 -4.08 0.46
C ASP B 413 43.11 -2.98 0.41
N ILE B 414 42.81 -2.38 1.55
CA ILE B 414 41.70 -1.45 1.60
C ILE B 414 42.26 -0.04 1.88
N GLU B 415 42.24 0.79 0.84
CA GLU B 415 42.87 2.11 0.90
C GLU B 415 42.11 3.07 1.79
N GLY B 416 40.80 2.95 1.81
CA GLY B 416 39.93 3.87 2.51
C GLY B 416 38.53 3.73 1.96
N PRO B 417 37.66 4.66 2.34
CA PRO B 417 36.30 4.64 1.87
C PRO B 417 36.27 4.87 0.36
N ASP B 418 35.29 4.31 -0.31
CA ASP B 418 35.05 4.56 -1.71
C ASP B 418 33.60 5.01 -1.89
N PHE B 419 33.40 6.30 -2.07
CA PHE B 419 32.03 6.81 -2.22
C PHE B 419 31.41 6.58 -3.61
N PRO B 420 30.08 6.32 -3.65
CA PRO B 420 29.49 6.22 -5.00
C PRO B 420 29.57 7.49 -5.81
N THR B 421 29.70 8.62 -5.11
CA THR B 421 29.76 9.92 -5.75
C THR B 421 31.19 10.31 -6.04
N ALA B 422 32.13 9.37 -5.79
CA ALA B 422 33.54 9.57 -6.13
C ALA B 422 34.18 10.70 -5.32
N GLY B 423 34.78 11.69 -5.99
CA GLY B 423 35.41 12.76 -5.30
C GLY B 423 36.82 12.43 -4.78
N LEU B 424 37.28 13.26 -3.84
CA LEU B 424 38.63 13.10 -3.28
C LEU B 424 38.61 13.02 -1.80
N ILE B 425 39.53 12.25 -1.24
CA ILE B 425 39.75 12.29 0.16
C ILE B 425 41.16 12.90 0.32
N LEU B 426 41.30 13.81 1.27
CA LEU B 426 42.62 14.43 1.56
C LEU B 426 43.37 13.74 2.67
N GLY B 427 44.39 12.95 2.33
CA GLY B 427 45.25 12.33 3.34
C GLY B 427 44.76 10.99 3.83
N LYS B 428 45.65 10.28 4.50
CA LYS B 428 45.32 8.99 5.01
C LYS B 428 45.18 9.01 6.50
N SER B 429 45.29 10.16 7.10
CA SER B 429 45.44 10.17 8.58
C SER B 429 44.09 9.95 9.29
N GLY B 430 43.02 10.56 8.80
CA GLY B 430 41.69 10.34 9.34
C GLY B 430 41.21 8.90 9.08
N ILE B 431 41.52 8.35 7.91
CA ILE B 431 41.15 6.98 7.56
C ILE B 431 41.86 6.02 8.53
N ARG B 432 43.14 6.28 8.76
CA ARG B 432 43.90 5.45 9.62
C ARG B 432 43.35 5.48 11.04
N ARG B 433 43.03 6.63 11.54
N ARG B 433 43.04 6.63 11.56
CA ARG B 433 42.48 6.64 12.85
CA ARG B 433 42.48 6.64 12.85
C ARG B 433 41.15 5.88 12.93
C ARG B 433 41.14 5.89 12.94
N ALA B 434 40.29 6.08 11.93
CA ALA B 434 38.96 5.43 11.92
C ALA B 434 39.08 3.87 11.87
N TYR B 435 39.96 3.37 11.02
CA TYR B 435 40.17 1.92 10.90
C TYR B 435 40.77 1.31 12.19
N GLU B 436 41.61 2.08 12.88
CA GLU B 436 42.26 1.61 14.10
C GLU B 436 41.31 1.64 15.28
N THR B 437 40.47 2.67 15.36
CA THR B 437 39.66 2.87 16.54
C THR B 437 38.17 2.84 16.27
N GLY B 438 37.78 2.95 15.01
CA GLY B 438 36.34 3.09 14.65
C GLY B 438 35.87 4.54 14.66
N ARG B 439 36.75 5.48 15.06
CA ARG B 439 36.42 6.91 14.97
C ARG B 439 37.54 7.71 14.33
N GLY B 440 37.20 8.51 13.34
CA GLY B 440 38.16 9.35 12.64
C GLY B 440 37.39 10.41 11.86
N SER B 441 38.07 11.49 11.52
CA SER B 441 37.48 12.51 10.66
C SER B 441 38.12 12.47 9.29
N ILE B 442 37.29 12.35 8.25
CA ILE B 442 37.81 12.23 6.89
C ILE B 442 37.43 13.42 6.07
N GLN B 443 38.41 14.07 5.43
CA GLN B 443 38.11 15.27 4.65
C GLN B 443 37.83 14.94 3.22
N MET B 444 36.66 15.33 2.76
CA MET B 444 36.23 15.03 1.39
C MET B 444 36.22 16.32 0.58
N ARG B 445 36.67 16.25 -0.68
CA ARG B 445 36.53 17.35 -1.57
C ARG B 445 35.82 17.01 -2.87
N SER B 446 35.21 17.98 -3.48
N SER B 446 35.14 17.97 -3.49
CA SER B 446 34.64 17.82 -4.79
CA SER B 446 34.56 17.82 -4.81
C SER B 446 35.80 17.68 -5.76
C SER B 446 35.75 17.70 -5.78
N ARG B 447 35.59 17.02 -6.88
CA ARG B 447 36.56 17.13 -7.96
C ARG B 447 36.34 18.41 -8.74
N ALA B 448 37.27 19.35 -8.64
CA ALA B 448 37.16 20.61 -9.33
C ALA B 448 38.43 20.91 -10.10
N VAL B 449 38.28 21.57 -11.25
CA VAL B 449 39.44 21.99 -12.04
C VAL B 449 39.26 23.42 -12.49
N ILE B 450 40.36 24.11 -12.78
CA ILE B 450 40.26 25.46 -13.32
C ILE B 450 40.54 25.36 -14.81
N GLU B 451 39.67 25.93 -15.62
CA GLU B 451 39.93 25.94 -17.07
C GLU B 451 39.58 27.26 -17.73
N GLU B 452 40.20 27.55 -18.88
CA GLU B 452 39.87 28.75 -19.65
C GLU B 452 38.48 28.67 -20.26
N ARG B 453 37.81 29.82 -20.34
CA ARG B 453 36.47 29.84 -20.98
C ARG B 453 36.52 30.78 -22.17
N GLY B 454 37.72 31.31 -22.45
CA GLY B 454 37.85 32.23 -23.59
C GLY B 454 37.91 33.70 -23.16
N GLY B 455 38.56 34.52 -23.97
CA GLY B 455 38.69 35.93 -23.70
C GLY B 455 39.71 36.23 -22.64
N GLY B 456 40.51 35.24 -22.24
CA GLY B 456 41.42 35.42 -21.12
C GLY B 456 40.71 35.17 -19.79
N ARG B 457 39.41 34.90 -19.86
CA ARG B 457 38.67 34.56 -18.67
C ARG B 457 38.79 33.06 -18.28
N GLN B 458 38.43 32.73 -17.05
CA GLN B 458 38.48 31.36 -16.57
C GLN B 458 37.23 30.99 -15.80
N ARG B 459 37.08 29.69 -15.57
CA ARG B 459 35.98 29.17 -14.78
C ARG B 459 36.45 28.03 -13.90
N ILE B 460 35.69 27.73 -12.86
CA ILE B 460 35.94 26.55 -12.06
C ILE B 460 34.85 25.55 -12.43
N VAL B 461 35.25 24.31 -12.68
CA VAL B 461 34.30 23.28 -13.12
C VAL B 461 34.32 22.15 -12.14
N VAL B 462 33.16 21.84 -11.54
CA VAL B 462 33.09 20.79 -10.53
C VAL B 462 32.38 19.61 -11.16
N THR B 463 33.02 18.45 -11.21
CA THR B 463 32.42 17.27 -11.86
C THR B 463 32.05 16.20 -10.90
N GLU B 464 32.44 16.33 -9.64
CA GLU B 464 32.08 15.36 -8.59
C GLU B 464 31.95 16.12 -7.29
N ILE B 465 30.98 15.72 -6.46
CA ILE B 465 30.77 16.38 -5.18
C ILE B 465 30.87 15.41 -4.03
N PRO B 466 31.06 15.88 -2.80
CA PRO B 466 31.23 14.99 -1.64
C PRO B 466 29.96 14.17 -1.37
N PHE B 467 30.16 13.03 -0.74
CA PHE B 467 29.14 12.06 -0.42
C PHE B 467 28.07 12.64 0.48
N GLN B 468 26.82 12.44 0.07
CA GLN B 468 25.65 12.95 0.81
C GLN B 468 25.43 14.47 0.78
N VAL B 469 26.18 15.20 -0.04
CA VAL B 469 25.93 16.64 -0.19
C VAL B 469 24.83 16.87 -1.23
N ASN B 470 23.87 17.71 -0.91
CA ASN B 470 22.81 18.00 -1.89
C ASN B 470 23.36 19.05 -2.88
N LYS B 471 23.44 18.68 -4.16
CA LYS B 471 24.00 19.56 -5.21
C LYS B 471 23.33 20.92 -5.28
N ALA B 472 22.01 20.93 -5.48
CA ALA B 472 21.25 22.17 -5.56
C ALA B 472 21.45 23.04 -4.33
N ARG B 473 21.47 22.42 -3.14
CA ARG B 473 21.67 23.17 -1.92
C ARG B 473 23.05 23.77 -1.87
N MET B 474 24.04 23.02 -2.34
CA MET B 474 25.42 23.53 -2.36
C MET B 474 25.53 24.75 -3.26
N ILE B 475 24.82 24.70 -4.37
CA ILE B 475 24.82 25.80 -5.32
C ILE B 475 24.10 27.03 -4.73
N GLU B 476 23.01 26.80 -4.02
N GLU B 476 22.96 26.88 -4.07
CA GLU B 476 22.28 27.87 -3.30
CA GLU B 476 22.37 28.05 -3.38
C GLU B 476 23.20 28.59 -2.32
C GLU B 476 23.25 28.66 -2.29
N LYS B 477 24.02 27.81 -1.63
CA LYS B 477 24.93 28.28 -0.66
C LYS B 477 25.97 29.20 -1.27
N ILE B 478 26.48 28.81 -2.43
CA ILE B 478 27.45 29.60 -3.15
C ILE B 478 26.77 30.90 -3.59
N ALA B 479 25.54 30.82 -4.12
CA ALA B 479 24.84 31.96 -4.65
C ALA B 479 24.59 32.96 -3.55
N GLU B 480 24.23 32.46 -2.36
CA GLU B 480 23.95 33.31 -1.24
C GLU B 480 25.21 34.05 -0.78
N LEU B 481 26.34 33.36 -0.75
CA LEU B 481 27.62 33.99 -0.43
C LEU B 481 27.99 35.12 -1.40
N VAL B 482 27.77 34.88 -2.70
CA VAL B 482 28.04 35.85 -3.74
C VAL B 482 27.10 37.05 -3.56
N ARG B 483 25.83 36.76 -3.28
N ARG B 483 25.83 36.75 -3.29
CA ARG B 483 24.80 37.78 -3.07
CA ARG B 483 24.81 37.77 -3.08
C ARG B 483 25.07 38.62 -1.83
C ARG B 483 25.09 38.62 -1.84
N ASP B 484 25.57 38.00 -0.76
CA ASP B 484 25.86 38.69 0.47
C ASP B 484 27.24 39.29 0.39
N LYS B 485 27.91 39.08 -0.73
CA LYS B 485 29.26 39.59 -0.94
C LYS B 485 30.24 39.04 0.08
N LYS B 486 30.00 37.80 0.49
CA LYS B 486 30.89 37.10 1.43
C LYS B 486 32.02 36.39 0.70
N ILE B 487 31.91 36.34 -0.63
CA ILE B 487 32.97 35.80 -1.48
C ILE B 487 33.15 36.75 -2.65
N ASP B 488 34.38 36.91 -3.10
CA ASP B 488 34.66 37.81 -4.23
C ASP B 488 35.09 37.09 -5.53
N GLY B 489 34.77 37.68 -6.68
CA GLY B 489 35.30 37.24 -7.97
C GLY B 489 34.47 36.29 -8.79
N ILE B 490 33.24 36.03 -8.39
CA ILE B 490 32.40 35.11 -9.16
C ILE B 490 31.39 35.86 -10.04
N THR B 491 31.56 35.74 -11.35
CA THR B 491 30.63 36.37 -12.29
C THR B 491 29.38 35.57 -12.60
N ASP B 492 29.45 34.24 -12.61
CA ASP B 492 28.28 33.41 -12.92
C ASP B 492 28.35 32.01 -12.25
N LEU B 493 27.20 31.42 -11.99
CA LEU B 493 27.07 30.14 -11.36
C LEU B 493 25.96 29.38 -12.08
N ARG B 494 26.26 28.21 -12.64
CA ARG B 494 25.24 27.42 -13.35
C ARG B 494 25.45 25.92 -13.13
N ASP B 495 24.33 25.21 -13.15
CA ASP B 495 24.34 23.78 -13.04
C ASP B 495 24.14 23.27 -14.42
N GLU B 496 25.17 22.69 -15.00
CA GLU B 496 25.10 22.23 -16.38
C GLU B 496 25.01 20.72 -16.37
N THR B 497 24.72 20.13 -15.21
CA THR B 497 24.61 18.71 -15.08
C THR B 497 23.55 18.19 -16.07
N SER B 498 23.86 17.05 -16.65
CA SER B 498 22.94 16.41 -17.58
C SER B 498 23.19 14.93 -17.54
N LEU B 499 22.18 14.18 -17.96
CA LEU B 499 22.27 12.73 -18.00
C LEU B 499 23.40 12.33 -18.91
N ARG B 500 23.49 13.03 -20.03
CA ARG B 500 24.46 12.80 -21.06
C ARG B 500 25.88 13.20 -20.66
N THR B 501 26.04 14.33 -20.00
CA THR B 501 27.36 14.80 -19.62
C THR B 501 27.79 14.50 -18.17
N GLY B 502 26.90 14.04 -17.30
CA GLY B 502 27.25 13.84 -15.85
C GLY B 502 27.12 15.15 -15.06
N VAL B 503 27.44 15.12 -13.80
CA VAL B 503 27.51 16.29 -12.97
C VAL B 503 28.47 17.35 -13.57
N ARG B 504 27.97 18.56 -13.72
CA ARG B 504 28.79 19.66 -14.15
C ARG B 504 28.31 20.96 -13.53
N VAL B 505 29.14 21.54 -12.67
CA VAL B 505 28.78 22.79 -11.99
C VAL B 505 29.83 23.77 -12.32
N VAL B 506 29.40 24.93 -12.84
CA VAL B 506 30.35 25.85 -13.46
C VAL B 506 30.31 27.15 -12.68
N ILE B 507 31.48 27.56 -12.20
CA ILE B 507 31.59 28.84 -11.53
C ILE B 507 32.45 29.74 -12.40
N ASP B 508 31.87 30.79 -12.94
CA ASP B 508 32.63 31.73 -13.79
C ASP B 508 33.38 32.72 -12.95
N VAL B 509 34.63 32.96 -13.31
CA VAL B 509 35.49 33.81 -12.52
C VAL B 509 35.72 35.14 -13.23
N ARG B 510 35.68 36.23 -12.46
CA ARG B 510 35.91 37.56 -13.00
C ARG B 510 37.29 37.61 -13.64
N LYS B 511 37.37 38.24 -14.82
CA LYS B 511 38.62 38.32 -15.56
C LYS B 511 39.74 38.89 -14.70
N ASP B 512 40.86 38.18 -14.70
CA ASP B 512 42.06 38.62 -13.96
C ASP B 512 42.07 38.29 -12.49
N ALA B 513 40.96 37.77 -11.95
CA ALA B 513 40.92 37.30 -10.56
C ALA B 513 41.58 35.91 -10.49
N ASN B 514 42.12 35.61 -9.32
CA ASN B 514 42.80 34.36 -9.13
C ASN B 514 41.77 33.24 -8.82
N ALA B 515 41.59 32.34 -9.77
CA ALA B 515 40.58 31.28 -9.67
C ALA B 515 40.92 30.27 -8.58
N SER B 516 42.19 30.06 -8.36
CA SER B 516 42.62 29.15 -7.34
C SER B 516 42.31 29.65 -5.93
N VAL B 517 42.37 30.98 -5.74
CA VAL B 517 42.03 31.58 -4.48
C VAL B 517 40.57 31.47 -4.27
N ILE B 518 39.80 31.74 -5.31
CA ILE B 518 38.35 31.63 -5.20
C ILE B 518 37.94 30.20 -4.80
N LEU B 519 38.59 29.22 -5.41
CA LEU B 519 38.29 27.81 -5.16
C LEU B 519 38.60 27.47 -3.72
N ASN B 520 39.79 27.85 -3.26
CA ASN B 520 40.16 27.70 -1.86
C ASN B 520 39.16 28.30 -0.91
N ASN B 521 38.67 29.48 -1.23
CA ASN B 521 37.61 30.06 -0.43
C ASN B 521 36.30 29.24 -0.47
N LEU B 522 35.97 28.74 -1.66
CA LEU B 522 34.78 27.88 -1.79
C LEU B 522 34.89 26.64 -0.90
N TYR B 523 36.11 26.08 -0.78
CA TYR B 523 36.31 24.94 0.08
C TYR B 523 36.07 25.29 1.53
N LYS B 524 36.50 26.48 1.93
CA LYS B 524 36.38 26.94 3.32
C LYS B 524 34.93 27.24 3.70
N GLN B 525 34.15 27.80 2.79
CA GLN B 525 32.82 28.32 3.13
C GLN B 525 31.64 27.59 2.57
N THR B 526 31.85 26.50 1.84
CA THR B 526 30.70 25.79 1.28
C THR B 526 30.94 24.32 1.44
N PRO B 527 29.90 23.49 1.27
CA PRO B 527 30.01 22.03 1.27
C PRO B 527 30.87 21.44 0.15
N LEU B 528 31.48 22.27 -0.69
CA LEU B 528 32.40 21.79 -1.72
C LEU B 528 33.51 20.97 -1.07
N GLN B 529 33.84 21.29 0.18
CA GLN B 529 34.69 20.51 0.99
C GLN B 529 33.79 20.12 2.17
N THR B 530 33.74 18.84 2.48
CA THR B 530 32.90 18.35 3.57
C THR B 530 33.62 17.25 4.27
N SER B 531 33.40 17.14 5.57
CA SER B 531 33.96 16.01 6.29
C SER B 531 32.99 14.88 6.60
N PHE B 532 33.54 13.68 6.70
CA PHE B 532 32.76 12.50 7.06
C PHE B 532 33.31 12.04 8.38
N GLY B 533 32.51 12.10 9.45
CA GLY B 533 33.03 11.65 10.74
C GLY B 533 32.69 10.19 10.97
N VAL B 534 33.69 9.32 10.95
CA VAL B 534 33.46 7.92 11.08
C VAL B 534 33.18 7.56 12.55
N ASN B 535 32.07 6.89 12.71
CA ASN B 535 31.60 6.39 14.00
C ASN B 535 31.08 4.96 13.74
N MET B 536 31.98 3.98 13.74
CA MET B 536 31.61 2.62 13.30
C MET B 536 30.94 1.78 14.39
N ILE B 537 29.64 1.98 14.59
CA ILE B 537 28.91 1.22 15.60
C ILE B 537 27.91 0.30 14.91
N ALA B 538 27.94 -0.97 15.27
CA ALA B 538 27.07 -1.99 14.64
C ALA B 538 26.68 -2.98 15.69
N LEU B 539 25.63 -3.74 15.41
CA LEU B 539 25.18 -4.77 16.38
C LEU B 539 26.09 -6.01 16.29
N VAL B 540 26.81 -6.29 17.36
CA VAL B 540 27.62 -7.50 17.46
C VAL B 540 27.01 -8.34 18.56
N ASN B 541 26.59 -9.55 18.23
CA ASN B 541 25.93 -10.45 19.18
C ASN B 541 24.76 -9.78 19.88
N GLY B 542 23.99 -9.01 19.11
CA GLY B 542 22.82 -8.34 19.64
C GLY B 542 23.08 -7.14 20.52
N ARG B 543 24.31 -6.63 20.51
CA ARG B 543 24.62 -5.40 21.31
C ARG B 543 25.36 -4.44 20.45
N PRO B 544 25.13 -3.14 20.63
CA PRO B 544 25.88 -2.14 19.88
C PRO B 544 27.36 -2.20 20.31
N LYS B 545 28.24 -2.04 19.35
CA LYS B 545 29.67 -2.04 19.66
C LYS B 545 30.42 -1.15 18.67
N LEU B 546 31.34 -0.35 19.21
CA LEU B 546 32.22 0.44 18.38
C LEU B 546 33.28 -0.53 17.93
N ILE B 547 33.50 -0.63 16.61
CA ILE B 547 34.46 -1.60 16.09
C ILE B 547 35.41 -1.00 15.11
N ASN B 548 36.64 -1.56 15.05
CA ASN B 548 37.61 -1.10 14.09
C ASN B 548 37.46 -1.87 12.80
N LEU B 549 38.31 -1.61 11.81
CA LEU B 549 38.21 -2.26 10.53
C LEU B 549 38.40 -3.75 10.62
N LYS B 550 39.43 -4.17 11.36
CA LYS B 550 39.71 -5.59 11.49
C LYS B 550 38.54 -6.35 12.14
N GLU B 551 38.02 -5.80 13.23
CA GLU B 551 36.92 -6.42 13.93
C GLU B 551 35.65 -6.56 13.02
N ALA B 552 35.37 -5.54 12.23
CA ALA B 552 34.21 -5.59 11.35
C ALA B 552 34.43 -6.75 10.34
N LEU B 553 35.65 -6.90 9.85
CA LEU B 553 35.98 -7.96 8.91
C LEU B 553 36.02 -9.37 9.54
N VAL B 554 36.47 -9.47 10.78
CA VAL B 554 36.47 -10.73 11.51
C VAL B 554 35.06 -11.20 11.73
N HIS B 555 34.15 -10.31 12.06
CA HIS B 555 32.78 -10.71 12.25
C HIS B 555 32.16 -11.12 10.94
N TYR B 556 32.49 -10.42 9.85
CA TYR B 556 32.01 -10.85 8.56
C TYR B 556 32.49 -12.24 8.13
N LEU B 557 33.77 -12.51 8.34
CA LEU B 557 34.31 -13.78 7.94
C LEU B 557 33.77 -14.91 8.82
N GLU B 558 33.58 -14.73 10.11
N GLU B 558 33.57 -14.73 10.11
CA GLU B 558 33.01 -15.84 10.85
CA GLU B 558 32.99 -15.81 10.87
C GLU B 558 31.60 -16.19 10.38
C GLU B 558 31.61 -16.19 10.36
N HIS B 559 30.82 -15.18 10.06
CA HIS B 559 29.54 -15.37 9.53
C HIS B 559 29.52 -16.20 8.24
N GLN B 560 30.43 -15.89 7.29
CA GLN B 560 30.53 -16.62 6.05
C GLN B 560 30.92 -18.09 6.30
N LYS B 561 31.78 -18.33 7.27
CA LYS B 561 32.14 -19.69 7.59
C LYS B 561 30.94 -20.42 8.15
N THR B 562 30.17 -19.78 9.01
CA THR B 562 29.02 -20.41 9.58
C THR B 562 27.99 -20.66 8.51
N VAL B 563 27.75 -19.69 7.64
CA VAL B 563 26.75 -19.85 6.57
C VAL B 563 27.14 -21.01 5.62
N VAL B 564 28.39 -21.06 5.16
CA VAL B 564 28.82 -22.09 4.24
C VAL B 564 28.79 -23.48 4.85
N ARG B 565 29.20 -23.56 6.11
CA ARG B 565 29.19 -24.82 6.82
C ARG B 565 27.76 -25.34 6.97
N ARG B 566 26.84 -24.45 7.29
CA ARG B 566 25.46 -24.81 7.51
C ARG B 566 24.80 -25.21 6.21
N ARG B 567 25.13 -24.51 5.12
CA ARG B 567 24.56 -24.80 3.84
C ARG B 567 25.03 -26.22 3.43
N THR B 568 26.29 -26.52 3.69
CA THR B 568 26.87 -27.76 3.34
C THR B 568 26.20 -28.88 4.16
N GLN B 569 25.97 -28.65 5.45
CA GLN B 569 25.28 -29.63 6.28
C GLN B 569 23.85 -29.85 5.84
N TYR B 570 23.17 -28.76 5.47
CA TYR B 570 21.80 -28.82 5.05
C TYR B 570 21.72 -29.61 3.75
N ASN B 571 22.65 -29.32 2.84
CA ASN B 571 22.65 -29.98 1.56
C ASN B 571 22.97 -31.47 1.68
N LEU B 572 23.79 -31.84 2.66
CA LEU B 572 24.08 -33.23 2.96
C LEU B 572 22.85 -34.01 3.48
N ARG B 573 22.10 -33.43 4.41
CA ARG B 573 20.95 -34.13 4.95
C ARG B 573 19.95 -34.31 3.84
N LYS B 574 19.76 -33.26 3.04
N LYS B 574 19.71 -33.27 3.05
CA LYS B 574 18.77 -33.27 1.98
CA LYS B 574 18.72 -33.34 1.98
C LYS B 574 19.12 -34.31 0.92
C LYS B 574 19.12 -34.35 0.90
N ALA B 575 20.40 -34.38 0.57
CA ALA B 575 20.88 -35.29 -0.44
C ALA B 575 20.73 -36.73 0.08
N LYS B 576 21.04 -36.91 1.37
CA LYS B 576 20.90 -38.20 1.99
C LYS B 576 19.42 -38.63 2.04
N ASP B 577 18.52 -37.69 2.31
CA ASP B 577 17.11 -37.99 2.34
C ASP B 577 16.64 -38.40 0.96
N ARG B 578 17.08 -37.65 -0.05
CA ARG B 578 16.71 -37.91 -1.42
C ARG B 578 17.30 -39.23 -1.91
N ALA B 579 18.52 -39.52 -1.51
CA ALA B 579 19.17 -40.78 -1.89
C ALA B 579 18.40 -41.95 -1.31
N HIS B 580 17.91 -41.78 -0.08
CA HIS B 580 17.14 -42.75 0.62
C HIS B 580 15.88 -43.04 -0.15
N ILE B 581 15.18 -41.98 -0.57
CA ILE B 581 13.97 -42.15 -1.38
C ILE B 581 14.27 -42.88 -2.68
N LEU B 582 15.36 -42.48 -3.38
CA LEU B 582 15.71 -43.10 -4.67
C LEU B 582 16.08 -44.59 -4.51
N GLU B 583 16.68 -44.96 -3.37
CA GLU B 583 16.98 -46.37 -3.13
C GLU B 583 15.69 -47.18 -3.10
N GLY B 584 14.66 -46.63 -2.45
CA GLY B 584 13.36 -47.25 -2.40
C GLY B 584 12.73 -47.37 -3.78
N LEU B 585 12.83 -46.32 -4.59
CA LEU B 585 12.31 -46.35 -5.96
C LEU B 585 13.07 -47.39 -6.80
N ARG B 586 14.39 -47.47 -6.60
CA ARG B 586 15.18 -48.38 -7.34
C ARG B 586 14.81 -49.83 -6.98
N ILE B 587 14.54 -50.07 -5.70
CA ILE B 587 14.08 -51.36 -5.24
C ILE B 587 12.75 -51.70 -5.91
N ALA B 588 11.84 -50.73 -5.98
CA ALA B 588 10.56 -50.97 -6.58
C ALA B 588 10.69 -51.32 -8.03
N LEU B 589 11.59 -50.62 -8.73
CA LEU B 589 11.82 -50.89 -10.15
C LEU B 589 12.43 -52.30 -10.31
N ASP B 590 13.30 -52.71 -9.40
CA ASP B 590 13.90 -54.04 -9.49
C ASP B 590 12.88 -55.18 -9.32
N HIS B 591 11.79 -54.94 -8.58
CA HIS B 591 10.77 -55.95 -8.33
C HIS B 591 9.40 -55.42 -8.60
N ILE B 592 9.24 -54.76 -9.76
CA ILE B 592 7.99 -54.08 -10.05
C ILE B 592 6.75 -54.99 -10.01
N ASP B 593 6.86 -56.20 -10.55
CA ASP B 593 5.75 -57.16 -10.50
C ASP B 593 5.27 -57.45 -9.08
N GLU B 594 6.23 -57.71 -8.20
CA GLU B 594 5.94 -57.97 -6.82
C GLU B 594 5.37 -56.73 -6.18
N ILE B 595 5.92 -55.57 -6.53
CA ILE B 595 5.42 -54.32 -5.96
C ILE B 595 3.96 -54.13 -6.36
N ILE B 596 3.66 -54.33 -7.63
CA ILE B 596 2.28 -54.16 -8.08
C ILE B 596 1.36 -55.16 -7.40
N SER B 597 1.81 -56.41 -7.23
CA SER B 597 0.98 -57.45 -6.61
C SER B 597 0.64 -57.11 -5.17
N THR B 598 1.63 -56.63 -4.42
CA THR B 598 1.45 -56.23 -3.03
C THR B 598 0.40 -55.15 -2.89
N ILE B 599 0.46 -54.13 -3.74
CA ILE B 599 -0.47 -53.00 -3.66
C ILE B 599 -1.88 -53.41 -4.04
N ARG B 600 -1.99 -54.20 -5.09
CA ARG B 600 -3.32 -54.70 -5.56
C ARG B 600 -4.01 -55.57 -4.51
N GLU B 601 -3.23 -56.40 -3.81
CA GLU B 601 -3.74 -57.29 -2.80
C GLU B 601 -4.20 -56.54 -1.56
N SER B 602 -3.66 -55.35 -1.30
CA SER B 602 -4.06 -54.55 -0.14
C SER B 602 -5.37 -53.84 -0.37
N ASP B 603 -6.20 -53.92 0.66
CA ASP B 603 -7.49 -53.23 0.72
C ASP B 603 -7.37 -51.70 0.76
N THR B 604 -6.42 -51.23 1.56
CA THR B 604 -6.26 -49.81 1.82
C THR B 604 -4.83 -49.33 1.62
N ASP B 605 -4.65 -48.02 1.58
CA ASP B 605 -3.33 -47.40 1.47
C ASP B 605 -2.49 -47.82 2.64
N LYS B 606 -3.11 -47.80 3.83
CA LYS B 606 -2.44 -48.19 5.05
C LYS B 606 -1.92 -49.63 5.06
N VAL B 607 -2.68 -50.56 4.54
CA VAL B 607 -2.22 -51.94 4.40
C VAL B 607 -1.11 -52.06 3.39
N ALA B 608 -1.28 -51.37 2.25
CA ALA B 608 -0.27 -51.45 1.20
C ALA B 608 1.06 -50.94 1.71
N MET B 609 0.99 -49.85 2.47
CA MET B 609 2.16 -49.25 3.05
C MET B 609 2.89 -50.20 3.98
N GLU B 610 2.12 -50.85 4.86
CA GLU B 610 2.68 -51.79 5.80
C GLU B 610 3.27 -53.01 5.11
N SER B 611 2.55 -53.52 4.11
CA SER B 611 3.01 -54.67 3.37
C SER B 611 4.25 -54.37 2.57
N LEU B 612 4.36 -53.18 2.00
CA LEU B 612 5.60 -52.82 1.27
C LEU B 612 6.74 -52.74 2.25
N GLN B 613 6.50 -52.19 3.44
CA GLN B 613 7.57 -52.07 4.43
C GLN B 613 8.05 -53.46 4.93
N GLN B 614 7.12 -54.36 5.17
CA GLN B 614 7.42 -55.69 5.65
C GLN B 614 8.12 -56.54 4.62
N ARG B 615 7.54 -56.60 3.43
CA ARG B 615 8.01 -57.44 2.32
C ARG B 615 9.32 -56.97 1.73
N PHE B 616 9.52 -55.67 1.59
CA PHE B 616 10.75 -55.19 0.94
C PHE B 616 11.74 -54.44 1.83
N LYS B 617 11.53 -54.55 3.14
CA LYS B 617 12.44 -53.92 4.11
C LYS B 617 12.56 -52.42 3.88
N LEU B 618 11.45 -51.80 3.54
CA LEU B 618 11.41 -50.39 3.20
C LEU B 618 11.03 -49.58 4.40
N SER B 619 11.55 -48.34 4.46
CA SER B 619 11.10 -47.38 5.47
C SER B 619 9.72 -46.88 5.12
N GLU B 620 9.08 -46.25 6.09
CA GLU B 620 7.78 -45.63 5.87
C GLU B 620 7.86 -44.59 4.72
N LYS B 621 8.93 -43.81 4.70
CA LYS B 621 9.12 -42.78 3.69
C LYS B 621 9.32 -43.38 2.30
N GLN B 622 10.07 -44.49 2.25
CA GLN B 622 10.26 -45.20 0.99
C GLN B 622 8.94 -45.74 0.43
N ALA B 623 8.15 -46.35 1.29
CA ALA B 623 6.92 -46.98 0.89
C ALA B 623 5.94 -45.93 0.42
N GLN B 624 5.93 -44.77 1.11
N GLN B 624 5.93 -44.76 1.09
CA GLN B 624 5.05 -43.67 0.77
CA GLN B 624 5.01 -43.69 0.71
C GLN B 624 5.42 -43.14 -0.64
C GLN B 624 5.42 -43.11 -0.66
N ALA B 625 6.73 -43.06 -0.90
CA ALA B 625 7.26 -42.62 -2.18
C ALA B 625 6.89 -43.58 -3.30
N ILE B 626 6.94 -44.88 -3.02
CA ILE B 626 6.59 -45.85 -4.03
C ILE B 626 5.11 -45.75 -4.37
N LEU B 627 4.28 -45.70 -3.34
CA LEU B 627 2.84 -45.53 -3.54
C LEU B 627 2.50 -44.21 -4.26
N ASP B 628 3.37 -43.20 -4.21
CA ASP B 628 3.13 -41.94 -4.91
C ASP B 628 3.59 -41.93 -6.33
N MET B 629 4.41 -42.91 -6.69
CA MET B 629 4.99 -42.94 -8.01
C MET B 629 3.94 -43.07 -9.13
N ARG B 630 4.07 -42.24 -10.16
CA ARG B 630 3.15 -42.31 -11.28
C ARG B 630 3.56 -43.41 -12.25
N LEU B 631 2.60 -43.91 -13.04
CA LEU B 631 2.92 -45.00 -13.98
C LEU B 631 3.90 -44.58 -15.05
N ARG B 632 3.87 -43.30 -15.44
CA ARG B 632 4.89 -42.81 -16.38
C ARG B 632 6.36 -42.99 -15.91
N ARG B 633 6.59 -43.13 -14.60
CA ARG B 633 7.95 -43.35 -14.09
C ARG B 633 8.45 -44.70 -14.61
N LEU B 634 7.53 -45.58 -14.96
CA LEU B 634 7.89 -46.90 -15.46
C LEU B 634 8.50 -46.92 -16.90
N THR B 635 8.35 -45.86 -17.66
CA THR B 635 8.91 -45.84 -19.04
C THR B 635 10.44 -45.87 -19.02
N GLY B 636 11.03 -46.24 -20.14
CA GLY B 636 12.49 -46.37 -20.22
C GLY B 636 13.24 -45.11 -19.80
N LEU B 637 12.85 -43.95 -20.32
CA LEU B 637 13.56 -42.74 -19.95
C LEU B 637 13.49 -42.44 -18.47
N GLU B 638 12.30 -42.61 -17.88
CA GLU B 638 12.09 -42.35 -16.47
C GLU B 638 12.86 -43.25 -15.51
N ARG B 639 13.00 -44.52 -15.85
CA ARG B 639 13.77 -45.44 -15.01
C ARG B 639 15.23 -45.03 -14.98
N ASP B 640 15.78 -44.70 -16.14
CA ASP B 640 17.15 -44.22 -16.27
C ASP B 640 17.40 -42.96 -15.50
N LYS B 641 16.45 -42.03 -15.56
CA LYS B 641 16.56 -40.78 -14.79
C LYS B 641 16.65 -41.02 -13.29
N ILE B 642 15.88 -41.99 -12.80
CA ILE B 642 15.93 -42.30 -11.36
C ILE B 642 17.30 -42.86 -11.02
N GLU B 643 17.82 -43.69 -11.90
CA GLU B 643 19.14 -44.28 -11.66
C GLU B 643 20.26 -43.24 -11.85
N ALA B 644 20.10 -42.33 -12.79
CA ALA B 644 21.09 -41.30 -13.05
C ALA B 644 21.13 -40.30 -11.90
N GLU B 645 19.97 -39.96 -11.36
CA GLU B 645 19.92 -39.02 -10.25
C GLU B 645 20.60 -39.58 -9.02
N TYR B 646 20.38 -40.88 -8.77
CA TYR B 646 20.97 -41.54 -7.62
C TYR B 646 22.49 -41.56 -7.72
N ASN B 647 23.00 -41.86 -8.92
CA ASN B 647 24.44 -41.91 -9.11
C ASN B 647 25.07 -40.53 -8.98
N GLU B 648 24.37 -39.49 -9.49
CA GLU B 648 24.82 -38.11 -9.38
C GLU B 648 24.84 -37.74 -7.89
N LEU B 649 23.79 -38.13 -7.17
CA LEU B 649 23.63 -37.86 -5.77
C LEU B 649 24.72 -38.42 -4.87
N LEU B 650 25.15 -39.65 -5.18
CA LEU B 650 26.17 -40.31 -4.36
C LEU B 650 27.50 -39.56 -4.40
N ASN B 651 27.82 -39.02 -5.57
CA ASN B 651 29.02 -38.28 -5.77
C ASN B 651 28.94 -36.96 -5.01
N TYR B 652 27.75 -36.33 -5.07
CA TYR B 652 27.51 -35.06 -4.41
C TYR B 652 27.64 -35.22 -2.90
N ILE B 653 27.10 -36.32 -2.38
CA ILE B 653 27.15 -36.58 -0.93
C ILE B 653 28.63 -36.74 -0.52
N SER B 654 29.39 -37.41 -1.37
CA SER B 654 30.81 -37.63 -1.10
C SER B 654 31.56 -36.28 -1.09
N GLU B 655 31.23 -35.41 -2.04
CA GLU B 655 31.83 -34.09 -2.07
C GLU B 655 31.52 -33.26 -0.83
N LEU B 656 30.26 -33.34 -0.37
CA LEU B 656 29.84 -32.59 0.78
C LEU B 656 30.56 -33.05 2.03
N GLU B 657 30.73 -34.35 2.15
CA GLU B 657 31.36 -34.95 3.34
C GLU B 657 32.81 -34.55 3.43
N THR B 658 33.45 -34.46 2.26
CA THR B 658 34.83 -34.04 2.15
C THR B 658 35.01 -32.63 2.72
N ILE B 659 34.09 -31.74 2.39
CA ILE B 659 34.14 -30.39 2.85
C ILE B 659 34.00 -30.34 4.35
N LEU B 660 33.07 -31.11 4.88
CA LEU B 660 32.82 -31.10 6.32
C LEU B 660 33.87 -31.84 7.12
N ALA B 661 34.69 -32.66 6.48
CA ALA B 661 35.71 -33.42 7.20
C ALA B 661 36.97 -32.58 7.43
N ASP B 662 37.14 -31.52 6.65
CA ASP B 662 38.35 -30.74 6.69
C ASP B 662 38.05 -29.25 6.82
N GLU B 663 38.44 -28.66 7.94
CA GLU B 663 38.15 -27.23 8.12
C GLU B 663 38.87 -26.35 7.09
N GLU B 664 40.05 -26.77 6.68
CA GLU B 664 40.79 -26.06 5.68
C GLU B 664 40.09 -26.06 4.35
N VAL B 665 39.49 -27.20 3.98
CA VAL B 665 38.79 -27.30 2.69
C VAL B 665 37.56 -26.39 2.72
N LEU B 666 36.89 -26.34 3.87
CA LEU B 666 35.74 -25.50 4.07
C LEU B 666 36.11 -24.02 3.91
N LEU B 667 37.25 -23.65 4.51
CA LEU B 667 37.69 -22.29 4.49
C LEU B 667 38.05 -21.89 3.08
N GLN B 668 38.64 -22.84 2.36
CA GLN B 668 39.02 -22.60 0.98
C GLN B 668 37.78 -22.37 0.13
N LEU B 669 36.71 -23.08 0.45
CA LEU B 669 35.48 -22.94 -0.30
C LEU B 669 34.93 -21.51 -0.11
N VAL B 670 35.03 -21.03 1.13
CA VAL B 670 34.66 -19.64 1.43
C VAL B 670 35.49 -18.65 0.60
N ARG B 671 36.80 -18.91 0.53
CA ARG B 671 37.67 -18.05 -0.23
C ARG B 671 37.33 -18.08 -1.70
N ASP B 672 37.08 -19.27 -2.22
CA ASP B 672 36.73 -19.43 -3.62
C ASP B 672 35.43 -18.70 -3.99
N GLU B 673 34.44 -18.78 -3.12
CA GLU B 673 33.14 -18.18 -3.42
C GLU B 673 33.23 -16.66 -3.30
N LEU B 674 33.96 -16.17 -2.30
CA LEU B 674 34.22 -14.72 -2.26
C LEU B 674 34.89 -14.24 -3.49
N THR B 675 35.83 -15.05 -3.97
CA THR B 675 36.63 -14.65 -5.11
C THR B 675 35.81 -14.53 -6.38
N GLU B 676 34.85 -15.45 -6.49
N GLU B 676 34.83 -15.41 -6.53
CA GLU B 676 33.90 -15.49 -7.62
CA GLU B 676 33.94 -15.39 -7.70
C GLU B 676 33.05 -14.23 -7.61
C GLU B 676 33.05 -14.16 -7.63
N ILE B 677 32.56 -13.86 -6.43
CA ILE B 677 31.81 -12.66 -6.26
C ILE B 677 32.66 -11.43 -6.57
N ARG B 678 33.90 -11.44 -6.11
CA ARG B 678 34.82 -10.32 -6.42
C ARG B 678 34.99 -10.13 -7.92
N ASP B 679 35.21 -11.24 -8.62
CA ASP B 679 35.39 -11.15 -10.06
C ASP B 679 34.10 -10.75 -10.80
N ARG B 680 32.94 -11.08 -10.26
CA ARG B 680 31.71 -10.74 -10.97
C ARG B 680 31.23 -9.34 -10.67
N PHE B 681 31.37 -8.88 -9.42
CA PHE B 681 30.83 -7.59 -9.00
C PHE B 681 31.85 -6.55 -8.62
N GLY B 682 33.11 -6.93 -8.44
CA GLY B 682 34.16 -5.97 -8.10
C GLY B 682 34.30 -4.92 -9.18
N ASP B 683 34.36 -3.66 -8.77
CA ASP B 683 34.53 -2.59 -9.75
C ASP B 683 35.71 -1.66 -9.37
N ASP B 684 36.00 -0.69 -10.21
CA ASP B 684 37.06 0.27 -9.93
C ASP B 684 36.77 1.22 -8.77
N ARG B 685 37.85 1.62 -8.10
CA ARG B 685 37.80 2.67 -7.10
C ARG B 685 37.27 3.94 -7.74
N ARG B 686 36.38 4.64 -7.03
CA ARG B 686 35.88 5.91 -7.58
C ARG B 686 36.52 7.07 -6.87
N THR B 687 36.60 7.01 -5.55
CA THR B 687 37.11 8.09 -4.80
C THR B 687 38.62 8.11 -4.78
N GLU B 688 39.18 9.27 -5.05
CA GLU B 688 40.63 9.35 -5.09
C GLU B 688 41.16 9.81 -3.74
N ILE B 689 42.08 9.03 -3.20
CA ILE B 689 42.65 9.37 -1.90
C ILE B 689 43.98 10.08 -2.20
N GLN B 690 44.03 11.38 -1.92
CA GLN B 690 45.18 12.18 -2.25
C GLN B 690 46.12 12.36 -1.09
N LEU B 691 47.38 11.97 -1.30
CA LEU B 691 48.46 12.27 -0.38
C LEU B 691 48.76 13.76 -0.42
MN MN G . -2.53 9.03 -14.38
C16 94K H . -29.79 9.48 -18.50
C21 94K H . -23.04 4.46 -26.58
C15 94K H . -29.10 8.30 -18.82
C17 94K H . -30.15 10.32 -19.54
C22 94K H . -21.96 3.71 -26.13
C20 94K H . -23.60 5.48 -25.80
C14 94K H . -28.77 7.97 -20.12
C18 94K H . -29.84 10.00 -20.86
C23 94K H . -21.45 4.01 -24.87
C5 94K H . -24.98 7.21 -23.63
C19 94K H . -23.06 5.77 -24.54
C6 94K H . -25.21 8.44 -22.94
C13 94K H . -29.15 8.82 -21.14
C24 94K H . -21.97 5.03 -24.10
C4 94K H . -23.64 6.88 -23.80
C2 94K H . -24.01 9.04 -22.59
C7 94K H . -26.47 9.00 -22.65
C1 94K H . -23.72 10.30 -21.89
C11 94K H . -29.81 7.35 -22.91
C10 94K H . -28.85 8.50 -22.58
N9 94K H . -27.49 8.08 -22.78
N12 94K H . -30.06 7.41 -24.35
O8 94K H . -26.60 10.18 -22.28
S3 94K H . -22.65 8.07 -23.07
CL1 94K H . -21.22 5.34 -22.60
C1 GOL I . -45.50 15.76 30.87
O1 GOL I . -46.46 15.91 29.76
C2 GOL I . -45.11 17.12 31.50
O2 GOL I . -45.66 18.22 30.75
C3 GOL I . -43.62 17.36 31.55
O3 GOL I . -43.12 16.95 32.81
C1 GOL J . -13.62 -3.79 -14.05
O1 GOL J . -14.39 -4.10 -12.89
C2 GOL J . -14.41 -3.82 -15.33
O2 GOL J . -15.63 -3.11 -15.20
C3 GOL J . -13.65 -3.03 -16.40
O3 GOL J . -13.61 -1.61 -16.14
C1 GOL K . -38.68 -8.27 6.42
O1 GOL K . -39.09 -9.56 6.90
C2 GOL K . -39.83 -7.30 6.58
O2 GOL K . -39.68 -6.49 7.78
C3 GOL K . -39.80 -6.50 5.30
O3 GOL K . -41.10 -6.02 4.99
NA NA L . -35.06 19.93 6.90
S DMS M . -21.30 9.82 6.92
O DMS M . -22.17 10.88 6.32
C1 DMS M . -19.83 10.43 7.56
C2 DMS M . -22.13 9.29 8.32
MN MN N . 2.29 2.27 17.52
C16 94K O . 29.48 2.56 22.00
C21 94K O . 23.21 -5.82 26.73
C15 94K O . 29.79 2.97 23.27
C17 94K O . 28.91 1.30 21.80
C22 94K O . 22.15 -6.35 25.99
C20 94K O . 23.67 -4.52 26.56
C14 94K O . 29.55 2.16 24.37
C18 94K O . 28.66 0.49 22.87
C23 94K O . 21.55 -5.51 25.07
C5 94K O . 24.88 -1.91 25.49
C19 94K O . 23.08 -3.71 25.61
C6 94K O . 25.05 -0.49 25.39
C13 94K O . 28.97 0.92 24.15
C24 94K O . 22.01 -4.23 24.88
C4 94K O . 23.58 -2.33 25.47
C2 94K O . 23.81 0.15 25.31
C7 94K O . 26.29 0.23 25.40
C1 94K O . 23.48 1.57 25.22
C11 94K O . 29.76 -1.05 25.37
C10 94K O . 28.68 0.01 25.32
N9 94K O . 27.38 -0.58 25.22
N12 94K O . 30.86 -0.38 26.11
O8 94K O . 26.32 1.45 25.54
S3 94K O . 22.51 -0.98 25.31
CL1 94K O . 21.18 -3.29 23.69
C1 GOL P . 14.85 -8.73 14.44
O1 GOL P . 14.69 -7.38 14.96
C2 GOL P . 15.53 -8.70 13.08
O2 GOL P . 16.20 -7.44 13.06
C3 GOL P . 14.52 -8.80 11.93
O3 GOL P . 14.98 -8.07 10.75
C1 GOL Q . 43.66 32.12 -18.53
O1 GOL Q . 44.10 33.45 -18.75
C2 GOL Q . 43.25 31.39 -19.82
O2 GOL Q . 42.49 32.25 -20.70
C3 GOL Q . 44.51 30.87 -20.49
O3 GOL Q . 45.35 30.41 -19.40
C1 GOL R . 21.61 14.61 0.00
O1 GOL R . 22.32 13.77 0.90
C2 GOL R . 20.97 13.71 -1.04
O2 GOL R . 21.86 13.52 -2.17
C3 GOL R . 19.70 14.43 -1.47
O3 GOL R . 18.63 13.48 -1.47
C1 GOL S . 18.88 -56.80 -4.08
O1 GOL S . 19.06 -56.55 -5.49
C2 GOL S . 17.39 -56.58 -3.79
O2 GOL S . 16.63 -57.32 -4.76
C3 GOL S . 17.12 -55.07 -3.85
O3 GOL S . 16.89 -54.57 -5.18
C1 GOL T . -6.17 11.62 -1.20
O1 GOL T . -4.74 11.45 -1.30
C2 GOL T . -6.87 11.99 -2.50
O2 GOL T . -8.22 12.34 -2.23
C3 GOL T . -6.80 10.83 -3.51
O3 GOL T . -7.32 11.11 -4.82
C4 6EJ U . -1.61 16.82 6.07
C4 6EJ U . 0.25 17.42 2.85
C5 6EJ U . -0.95 16.77 4.83
C5 6EJ U . -0.33 16.60 3.82
C6 6EJ U . -0.36 17.85 4.14
C6 6EJ U . -1.02 17.04 4.96
C7 6EJ U . 0.26 17.63 2.95
C7 6EJ U . -1.52 16.12 5.81
C8 6EJ U . 0.34 16.36 2.35
C8 6EJ U . -1.38 14.71 5.66
C17 6EJ U . 1.05 8.81 3.69
C17 6EJ U . -1.42 9.08 1.15
C20 6EJ U . -1.41 10.19 4.28
C20 6EJ U . 1.05 10.57 1.40
C22 6EJ U . -1.16 5.82 3.37
C22 6EJ U . 0.97 6.34 0.28
C24 6EJ U . -0.68 4.03 1.59
C24 6EJ U . 0.64 3.93 0.97
C28 6EJ U . 0.74 0.18 0.81
C28 6EJ U . -0.41 0.05 -0.06
C3 6EJ U . -2.16 15.64 6.62
C3 6EJ U . 0.92 16.81 1.77
C33 6EJ U . -1.34 14.38 4.72
C33 6EJ U . 0.44 14.62 2.66
C34 6EJ U . -0.84 15.55 4.22
C34 6EJ U . -0.22 15.23 3.69
C25 6EJ U . -0.32 2.71 1.31
C25 6EJ U . 0.41 2.60 0.63
C2 6EJ U . -2.00 14.42 5.94
C2 6EJ U . 1.00 15.41 1.69
C23 6EJ U . -0.76 4.41 2.92
C23 6EJ U . 0.69 4.88 -0.04
C30 6EJ U . -0.07 1.83 2.33
C30 6EJ U . 0.21 2.28 -0.70
C19 6EJ U . -1.43 8.95 3.41
C19 6EJ U . 1.03 9.06 1.66
C16 6EJ U . 0.98 10.17 4.40
C16 6EJ U . -1.26 10.54 0.77
C11 6EJ U . -0.28 13.91 2.65
C11 6EJ U . -0.40 12.94 4.11
C27 6EJ U . -0.16 0.88 -0.23
C27 6EJ U . 0.44 0.25 1.21
C12 6EJ U . -1.05 13.25 3.82
C12 6EJ U . 0.40 13.15 2.81
C18 6EJ U . -0.27 8.03 3.80
C18 6EJ U . -0.09 8.42 0.81
C14 6EJ U . -0.20 12.24 4.59
C14 6EJ U . -0.28 12.57 1.58
N32 6EJ U . -0.50 3.52 3.88
N32 6EJ U . 0.48 4.53 -1.31
N31 6EJ U . -0.15 2.19 3.59
N31 6EJ U . 0.24 3.20 -1.65
N10 6EJ U . -0.21 15.34 3.01
N10 6EJ U . -0.71 14.31 4.58
N15 6EJ U . -0.19 10.93 3.93
N15 6EJ U . -0.27 11.11 1.68
N21 6EJ U . -0.22 6.85 2.94
N21 6EJ U . -0.15 6.98 0.98
O9 6EJ U . 0.90 16.12 1.26
O9 6EJ U . -1.85 13.87 6.48
O26 6EJ U . -0.22 2.28 0.00
O26 6EJ U . 0.36 1.63 1.61
O29 6EJ U . 0.29 0.51 2.13
O29 6EJ U . -0.05 0.99 -1.10
F1 6EJ U . -2.51 13.27 6.47
F1 6EJ U . 1.66 14.79 0.66
C1 GOL V . 4.53 9.20 8.52
O1 GOL V . 4.07 10.04 7.46
C2 GOL V . 6.05 8.98 8.49
O2 GOL V . 6.60 8.57 9.79
C3 GOL V . 6.83 10.12 7.78
O3 GOL V . 7.31 11.15 8.66
#